data_7XUJ
#
_entry.id   7XUJ
#
_cell.length_a   1.00
_cell.length_b   1.00
_cell.length_c   1.00
_cell.angle_alpha   90.00
_cell.angle_beta   90.00
_cell.angle_gamma   90.00
#
_symmetry.space_group_name_H-M   'P 1'
#
loop_
_entity.id
_entity.type
_entity.pdbx_description
1 polymer 'Chloride anion exchanger'
2 non-polymer '(E)-2-cyano-3-(1-phenylindol-3-yl)prop-2-enoic acid'
3 non-polymer 'CHOLESTEROL HEMISUCCINATE'
#
_entity_poly.entity_id   1
_entity_poly.type   'polypeptide(L)'
_entity_poly.pdbx_seq_one_letter_code
;QYIVARPVYSTNAFEENHKKTGRHHKTFLDHLKVCCSCSPQKAKRIVLSLFPIASWLPAYRLKEWLLSDIVSGISTGIVA
VLQGLAFALLVDIPPVYGLYASFFPAIIYLFFGTSRHISVGPFPILSMMVGLAVSGAVSKAVPDRNATTLGLPNNSNNSS
LLDDERVRVAAAASVTVLSGIIQLAFGILRIGFVVIYLSESLISGFTTAAAVHVLVSQLKFIFQLTVPSHTDPVSIFKVL
YSVFSQIEKTNIADLVTALIVLLVVSIVKEINQRFKDKLPVPIPIEFIMTVIAAGVSYGCDFKNRFKVAVVGDMNPGFQP
PITPDVETFQNTVGDCFGIAMVAFAVAFSVASVYSLKYDYPLDGNQELIALGLGNIVCGVFRGFAGSTALSRSAVQESTG
GKTQIAGLIGAIIVLIVVLAIGFLLAPLQKSVLAALALGNLKGMLMQFAEIGRLWRKDKYDCLIWIMTFIFTIVLGLGLG
LAASVAFQLLTIVFRTQFPKCSTLANIGRTNIYKNKKDYYDMYEPEGVKIFRCPSPIYFANIGFFRRKLIDAVGFSPLRI
LRKRNKALRKIRKLQKQGLLQVTPKGFICTVDTIKDSDEELDNNQIEVLDQPINTTDLPFHIDWNDDLPLNIEVPKISLH
SLILDFSAVSFLDVSSVRGLKSILQEFIRIKVDVYIVGTDDDFIEKLNRYEFFDGEVKSSIFFLTIHDAVLHILMKKD
;
_entity_poly.pdbx_strand_id   A,B
#
# COMPACT_ATOMS: atom_id res chain seq x y z
N GLN A 1 -26.60 -37.19 8.45
CA GLN A 1 -27.34 -36.28 7.59
C GLN A 1 -27.51 -34.92 8.27
N TYR A 2 -27.64 -33.88 7.46
CA TYR A 2 -27.76 -32.50 7.91
C TYR A 2 -29.24 -32.22 8.15
N ILE A 3 -29.63 -32.10 9.42
CA ILE A 3 -31.02 -31.85 9.79
C ILE A 3 -31.05 -30.70 10.78
N VAL A 4 -31.72 -29.61 10.42
CA VAL A 4 -31.77 -28.39 11.22
C VAL A 4 -33.21 -27.94 11.30
N ALA A 5 -33.69 -27.68 12.52
CA ALA A 5 -35.00 -27.08 12.72
C ALA A 5 -34.86 -25.99 13.78
N ARG A 6 -34.92 -24.74 13.36
CA ARG A 6 -34.67 -23.59 14.22
C ARG A 6 -35.56 -22.46 13.73
N PRO A 7 -35.75 -21.41 14.53
CA PRO A 7 -36.47 -20.24 14.03
C PRO A 7 -35.60 -19.37 13.12
N VAL A 8 -36.28 -18.53 12.35
CA VAL A 8 -35.60 -17.60 11.45
C VAL A 8 -35.09 -16.42 12.27
N TYR A 9 -33.79 -16.17 12.21
CA TYR A 9 -33.15 -15.15 13.05
C TYR A 9 -32.70 -13.99 12.20
N SER A 10 -32.61 -12.82 12.84
CA SER A 10 -32.41 -11.57 12.12
C SER A 10 -31.44 -10.65 12.83
N THR A 11 -30.49 -11.22 13.59
CA THR A 11 -29.34 -10.56 14.22
C THR A 11 -29.72 -9.54 15.30
N ASN A 12 -30.99 -9.19 15.39
CA ASN A 12 -31.56 -8.51 16.54
C ASN A 12 -32.42 -9.46 17.33
N ALA A 13 -33.22 -10.28 16.63
CA ALA A 13 -33.96 -11.35 17.27
C ALA A 13 -33.05 -12.45 17.79
N PHE A 14 -31.83 -12.55 17.27
CA PHE A 14 -30.89 -13.49 17.83
C PHE A 14 -30.36 -13.00 19.17
N GLU A 15 -30.23 -11.69 19.34
CA GLU A 15 -29.67 -11.13 20.56
C GLU A 15 -30.72 -10.84 21.63
N GLU A 16 -32.00 -10.99 21.32
CA GLU A 16 -33.00 -10.98 22.38
C GLU A 16 -33.19 -12.35 23.00
N ASN A 17 -32.87 -13.42 22.28
CA ASN A 17 -33.09 -14.76 22.79
C ASN A 17 -31.81 -15.41 23.30
N HIS A 18 -30.66 -14.79 23.08
CA HIS A 18 -29.37 -15.33 23.52
C HIS A 18 -28.62 -14.20 24.20
N LYS A 19 -28.55 -14.26 25.52
CA LYS A 19 -27.98 -13.19 26.32
C LYS A 19 -26.47 -13.10 26.14
N LYS A 20 -25.99 -11.91 25.78
CA LYS A 20 -24.56 -11.73 25.63
C LYS A 20 -23.89 -11.55 26.98
N THR A 21 -22.59 -11.84 27.02
CA THR A 21 -21.85 -11.75 28.26
C THR A 21 -21.55 -10.31 28.65
N GLY A 22 -21.50 -9.41 27.67
CA GLY A 22 -21.21 -8.01 27.95
C GLY A 22 -19.79 -7.77 28.39
N ARG A 23 -18.84 -8.01 27.50
CA ARG A 23 -17.44 -7.80 27.82
C ARG A 23 -17.11 -6.32 27.82
N HIS A 24 -16.38 -5.89 28.85
CA HIS A 24 -15.92 -4.51 28.95
C HIS A 24 -14.53 -4.46 28.33
N HIS A 25 -14.46 -3.98 27.09
CA HIS A 25 -13.18 -3.93 26.39
C HIS A 25 -12.36 -2.75 26.88
N LYS A 26 -11.06 -2.81 26.59
CA LYS A 26 -10.04 -2.07 27.33
C LYS A 26 -9.82 -0.70 26.69
N THR A 27 -9.62 0.31 27.54
CA THR A 27 -9.52 1.70 27.12
C THR A 27 -8.06 2.10 26.95
N PHE A 28 -7.82 3.41 26.93
CA PHE A 28 -6.44 3.90 26.79
C PHE A 28 -5.79 4.15 28.15
N LEU A 29 -6.56 4.63 29.12
CA LEU A 29 -5.94 5.06 30.38
C LEU A 29 -5.49 3.87 31.21
N ASP A 30 -6.14 2.72 31.03
CA ASP A 30 -5.66 1.48 31.63
C ASP A 30 -4.61 0.77 30.78
N HIS A 31 -4.52 1.10 29.50
CA HIS A 31 -3.32 0.73 28.75
C HIS A 31 -2.10 1.48 29.26
N LEU A 32 -2.31 2.68 29.79
CA LEU A 32 -1.21 3.39 30.42
C LEU A 32 -1.15 3.15 31.92
N LYS A 33 -1.89 2.17 32.44
CA LYS A 33 -1.63 1.70 33.80
C LYS A 33 -1.09 0.28 33.85
N VAL A 34 -1.10 -0.44 32.72
CA VAL A 34 -0.43 -1.73 32.68
C VAL A 34 1.04 -1.58 32.31
N CYS A 35 1.43 -0.42 31.79
CA CYS A 35 2.82 -0.20 31.44
C CYS A 35 3.60 0.45 32.57
N CYS A 36 2.96 1.32 33.35
CA CYS A 36 3.67 2.07 34.39
C CYS A 36 3.61 1.36 35.74
N SER A 37 2.85 0.28 35.83
CA SER A 37 2.77 -0.48 37.08
C SER A 37 3.98 -1.40 37.18
N CYS A 38 4.99 -0.95 37.92
CA CYS A 38 6.22 -1.72 38.08
C CYS A 38 6.10 -2.64 39.28
N SER A 39 6.85 -3.75 39.22
CA SER A 39 6.80 -4.81 40.22
C SER A 39 8.19 -5.43 40.29
N PRO A 40 8.56 -6.02 41.42
CA PRO A 40 9.85 -6.74 41.49
C PRO A 40 9.93 -7.95 40.57
N GLN A 41 8.81 -8.50 40.13
CA GLN A 41 8.85 -9.54 39.11
C GLN A 41 9.01 -8.93 37.72
N LYS A 42 8.33 -7.81 37.46
CA LYS A 42 8.39 -7.17 36.16
C LYS A 42 9.76 -6.57 35.88
N ALA A 43 10.41 -6.02 36.91
CA ALA A 43 11.74 -5.42 36.73
C ALA A 43 12.79 -6.48 36.44
N LYS A 44 12.76 -7.61 37.14
CA LYS A 44 13.70 -8.67 36.85
C LYS A 44 13.41 -9.35 35.52
N ARG A 45 12.12 -9.44 35.15
CA ARG A 45 11.77 -9.97 33.84
C ARG A 45 12.22 -9.05 32.72
N ILE A 46 12.29 -7.75 32.97
CA ILE A 46 12.79 -6.82 31.96
C ILE A 46 14.31 -6.91 31.86
N VAL A 47 15.00 -6.85 33.01
CA VAL A 47 16.47 -6.82 32.96
C VAL A 47 17.10 -8.17 32.65
N LEU A 48 16.35 -9.27 32.71
CA LEU A 48 16.86 -10.51 32.14
C LEU A 48 16.57 -10.62 30.66
N SER A 49 15.71 -9.77 30.12
CA SER A 49 15.50 -9.71 28.69
C SER A 49 16.39 -8.67 28.02
N LEU A 50 16.93 -7.72 28.79
CA LEU A 50 17.91 -6.80 28.23
C LEU A 50 19.31 -7.40 28.21
N PHE A 51 19.63 -8.27 29.17
CA PHE A 51 20.89 -9.00 29.22
C PHE A 51 20.57 -10.48 29.14
N PRO A 52 20.42 -11.04 27.93
CA PRO A 52 20.12 -12.48 27.84
C PRO A 52 21.25 -13.38 28.26
N ILE A 53 22.49 -12.87 28.30
CA ILE A 53 23.63 -13.68 28.76
C ILE A 53 23.53 -13.99 30.25
N ALA A 54 22.71 -13.25 31.00
CA ALA A 54 22.45 -13.62 32.38
C ALA A 54 21.56 -14.83 32.51
N SER A 55 20.96 -15.32 31.43
CA SER A 55 20.07 -16.45 31.49
C SER A 55 20.60 -17.71 30.83
N TRP A 56 21.36 -17.62 29.73
CA TRP A 56 21.85 -18.82 29.08
C TRP A 56 23.26 -19.22 29.49
N LEU A 57 24.04 -18.31 30.06
CA LEU A 57 25.40 -18.66 30.46
C LEU A 57 25.47 -19.52 31.73
N PRO A 58 24.70 -19.29 32.81
CA PRO A 58 24.73 -20.27 33.90
C PRO A 58 24.05 -21.59 33.58
N ALA A 59 23.27 -21.66 32.51
CA ALA A 59 22.67 -22.92 32.06
C ALA A 59 23.52 -23.64 31.03
N TYR A 60 24.82 -23.40 31.02
CA TYR A 60 25.69 -23.96 29.99
C TYR A 60 26.02 -25.41 30.33
N ARG A 61 25.82 -26.29 29.36
CA ARG A 61 26.14 -27.70 29.52
C ARG A 61 27.59 -27.88 29.08
N LEU A 62 28.50 -27.79 30.03
CA LEU A 62 29.94 -27.80 29.72
C LEU A 62 30.51 -29.20 29.73
N LYS A 63 29.77 -30.13 29.12
CA LYS A 63 30.19 -31.50 28.86
C LYS A 63 29.69 -31.95 27.50
N GLU A 64 28.68 -31.26 26.98
CA GLU A 64 28.06 -31.59 25.72
C GLU A 64 28.26 -30.52 24.67
N TRP A 65 28.72 -29.34 25.05
CA TRP A 65 28.68 -28.17 24.19
C TRP A 65 30.02 -27.48 24.00
N LEU A 66 31.01 -27.74 24.86
CA LEU A 66 32.22 -26.92 24.86
C LEU A 66 33.12 -27.23 23.68
N LEU A 67 33.33 -28.51 23.40
CA LEU A 67 34.21 -28.91 22.30
C LEU A 67 33.62 -28.55 20.95
N SER A 68 32.30 -28.70 20.83
CA SER A 68 31.62 -28.32 19.59
C SER A 68 31.65 -26.82 19.38
N ASP A 69 31.54 -26.04 20.46
CA ASP A 69 31.62 -24.60 20.35
C ASP A 69 33.02 -24.15 19.99
N ILE A 70 34.05 -24.84 20.50
CA ILE A 70 35.43 -24.49 20.18
C ILE A 70 35.74 -24.78 18.72
N VAL A 71 35.32 -25.96 18.23
CA VAL A 71 35.56 -26.34 16.85
C VAL A 71 34.82 -25.42 15.88
N SER A 72 33.54 -25.15 16.19
CA SER A 72 32.76 -24.24 15.36
C SER A 72 33.30 -22.81 15.41
N GLY A 73 33.85 -22.40 16.55
CA GLY A 73 34.38 -21.05 16.65
C GLY A 73 35.65 -20.86 15.84
N ILE A 74 36.53 -21.86 15.84
CA ILE A 74 37.73 -21.79 15.00
C ILE A 74 37.35 -21.79 13.53
N SER A 75 36.42 -22.69 13.15
CA SER A 75 36.02 -22.82 11.76
C SER A 75 35.27 -21.59 11.25
N THR A 76 34.59 -20.85 12.12
CA THR A 76 33.97 -19.62 11.66
C THR A 76 34.87 -18.41 11.82
N GLY A 77 35.90 -18.48 12.67
CA GLY A 77 36.80 -17.35 12.81
C GLY A 77 37.72 -17.20 11.63
N ILE A 78 38.16 -18.32 11.04
CA ILE A 78 38.99 -18.25 9.84
C ILE A 78 38.21 -17.64 8.68
N VAL A 79 36.95 -18.07 8.52
CA VAL A 79 36.06 -17.52 7.50
C VAL A 79 35.77 -16.05 7.77
N ALA A 80 35.66 -15.67 9.04
CA ALA A 80 35.40 -14.28 9.38
C ALA A 80 36.58 -13.38 9.04
N VAL A 81 37.80 -13.88 9.23
CA VAL A 81 38.99 -13.14 8.84
C VAL A 81 39.02 -12.91 7.33
N LEU A 82 38.82 -13.99 6.56
CA LEU A 82 38.90 -13.86 5.10
C LEU A 82 37.76 -13.02 4.54
N GLN A 83 36.57 -13.14 5.11
CA GLN A 83 35.44 -12.36 4.64
C GLN A 83 35.56 -10.90 5.05
N GLY A 84 36.17 -10.60 6.20
CA GLY A 84 36.40 -9.21 6.55
C GLY A 84 37.38 -8.54 5.63
N LEU A 85 38.47 -9.23 5.30
CA LEU A 85 39.44 -8.70 4.33
C LEU A 85 38.81 -8.52 2.95
N ALA A 86 37.94 -9.44 2.54
CA ALA A 86 37.32 -9.32 1.23
C ALA A 86 36.26 -8.23 1.18
N PHE A 87 35.49 -8.05 2.26
CA PHE A 87 34.42 -7.06 2.23
C PHE A 87 34.93 -5.67 2.53
N ALA A 88 36.16 -5.53 3.04
CA ALA A 88 36.74 -4.19 3.14
C ALA A 88 37.06 -3.59 1.77
N LEU A 89 37.19 -4.42 0.73
CA LEU A 89 37.44 -3.90 -0.61
C LEU A 89 36.20 -3.32 -1.25
N LEU A 90 35.01 -3.78 -0.87
CA LEU A 90 33.78 -3.24 -1.41
C LEU A 90 33.45 -1.87 -0.83
N VAL A 91 34.08 -1.50 0.28
CA VAL A 91 33.94 -0.15 0.83
C VAL A 91 35.06 0.75 0.34
N ASP A 92 36.13 0.17 -0.21
CA ASP A 92 37.35 0.86 -0.65
C ASP A 92 37.97 1.64 0.51
N ILE A 93 38.32 0.89 1.54
CA ILE A 93 39.11 1.40 2.65
C ILE A 93 40.28 0.41 2.75
N PRO A 94 41.32 0.66 3.55
CA PRO A 94 42.35 -0.36 3.74
C PRO A 94 41.77 -1.62 4.36
N PRO A 95 42.38 -2.78 4.10
CA PRO A 95 41.71 -4.04 4.44
C PRO A 95 41.67 -4.36 5.92
N VAL A 96 42.54 -3.77 6.75
CA VAL A 96 42.54 -4.07 8.17
C VAL A 96 41.27 -3.56 8.84
N TYR A 97 40.62 -2.55 8.29
CA TYR A 97 39.34 -2.08 8.79
C TYR A 97 38.22 -3.06 8.52
N GLY A 98 38.45 -4.08 7.70
CA GLY A 98 37.50 -5.18 7.63
C GLY A 98 37.53 -6.03 8.88
N LEU A 99 38.72 -6.22 9.44
CA LEU A 99 38.88 -7.09 10.60
C LEU A 99 38.21 -6.50 11.83
N TYR A 100 38.26 -5.17 11.98
CA TYR A 100 37.55 -4.50 13.06
C TYR A 100 36.04 -4.64 12.88
N ALA A 101 35.57 -4.82 11.65
CA ALA A 101 34.16 -5.05 11.45
C ALA A 101 33.74 -6.45 11.84
N SER A 102 34.68 -7.37 12.01
CA SER A 102 34.34 -8.74 12.38
C SER A 102 34.75 -9.06 13.81
N PHE A 103 35.04 -8.05 14.62
CA PHE A 103 35.44 -8.25 15.99
C PHE A 103 34.46 -7.62 16.98
N PHE A 104 34.17 -6.35 16.85
CA PHE A 104 33.40 -5.62 17.86
C PHE A 104 31.90 -5.97 17.89
N PRO A 105 31.17 -6.10 16.77
CA PRO A 105 29.78 -6.54 16.90
C PRO A 105 29.64 -7.98 17.38
N ALA A 106 30.59 -8.85 17.07
CA ALA A 106 30.56 -10.21 17.59
C ALA A 106 30.82 -10.27 19.08
N ILE A 107 31.48 -9.26 19.64
CA ILE A 107 31.69 -9.21 21.09
C ILE A 107 30.48 -8.61 21.79
N ILE A 108 29.87 -7.58 21.18
CA ILE A 108 28.69 -6.96 21.80
C ILE A 108 27.49 -7.90 21.73
N TYR A 109 27.33 -8.64 20.63
CA TYR A 109 26.23 -9.57 20.48
C TYR A 109 26.31 -10.76 21.43
N LEU A 110 27.51 -11.08 21.91
CA LEU A 110 27.64 -12.15 22.90
C LEU A 110 26.92 -11.77 24.20
N PHE A 111 26.94 -10.49 24.56
CA PHE A 111 26.26 -10.04 25.76
C PHE A 111 24.80 -9.69 25.53
N PHE A 112 24.47 -9.08 24.40
CA PHE A 112 23.13 -8.52 24.22
C PHE A 112 22.25 -9.28 23.24
N GLY A 113 22.73 -10.35 22.62
CA GLY A 113 21.99 -11.00 21.56
C GLY A 113 21.19 -12.21 22.00
N THR A 114 20.10 -12.47 21.28
CA THR A 114 19.18 -13.54 21.59
C THR A 114 19.38 -14.80 20.75
N SER A 115 19.95 -14.69 19.56
CA SER A 115 20.17 -15.88 18.75
C SER A 115 21.36 -16.66 19.27
N ARG A 116 21.41 -17.94 18.89
CA ARG A 116 22.49 -18.81 19.30
C ARG A 116 23.33 -19.32 18.15
N HIS A 117 22.96 -19.04 16.90
CA HIS A 117 23.58 -19.69 15.77
C HIS A 117 24.04 -18.76 14.67
N ILE A 118 23.78 -17.48 14.76
CA ILE A 118 24.23 -16.57 13.72
C ILE A 118 25.63 -16.09 14.07
N SER A 119 26.37 -15.73 13.04
CA SER A 119 27.70 -15.17 13.18
C SER A 119 27.65 -13.71 12.74
N VAL A 120 28.05 -12.81 13.63
CA VAL A 120 27.85 -11.39 13.43
C VAL A 120 29.09 -10.78 12.80
N GLY A 121 28.90 -9.99 11.74
CA GLY A 121 30.01 -9.38 11.05
C GLY A 121 29.57 -8.69 9.77
N PRO A 122 30.49 -8.47 8.85
CA PRO A 122 30.11 -7.85 7.58
C PRO A 122 29.55 -8.87 6.59
N PHE A 123 28.66 -8.39 5.73
CA PHE A 123 28.14 -9.19 4.64
C PHE A 123 28.01 -8.27 3.42
N PRO A 124 28.15 -8.81 2.20
CA PRO A 124 28.55 -7.94 1.07
C PRO A 124 27.52 -6.92 0.61
N ILE A 125 26.23 -7.17 0.83
CA ILE A 125 25.22 -6.19 0.47
C ILE A 125 25.35 -4.94 1.34
N LEU A 126 25.53 -5.15 2.65
CA LEU A 126 25.70 -4.02 3.55
C LEU A 126 27.01 -3.30 3.32
N SER A 127 28.06 -4.02 2.93
CA SER A 127 29.33 -3.35 2.68
C SER A 127 29.28 -2.54 1.39
N MET A 128 28.54 -3.02 0.39
CA MET A 128 28.32 -2.20 -0.81
C MET A 128 27.48 -0.97 -0.50
N MET A 129 26.48 -1.11 0.38
CA MET A 129 25.67 0.05 0.76
C MET A 129 26.47 1.07 1.54
N VAL A 130 27.37 0.60 2.42
CA VAL A 130 28.24 1.51 3.17
C VAL A 130 29.22 2.19 2.22
N GLY A 131 29.72 1.47 1.23
CA GLY A 131 30.61 2.09 0.25
C GLY A 131 29.92 3.14 -0.61
N LEU A 132 28.67 2.88 -1.00
CA LEU A 132 27.91 3.88 -1.75
C LEU A 132 27.58 5.09 -0.90
N ALA A 133 27.28 4.89 0.38
CA ALA A 133 27.02 6.02 1.26
C ALA A 133 28.27 6.84 1.53
N VAL A 134 29.44 6.20 1.59
CA VAL A 134 30.70 6.94 1.76
C VAL A 134 31.01 7.73 0.51
N SER A 135 30.80 7.14 -0.67
CA SER A 135 31.02 7.86 -1.92
C SER A 135 30.06 9.02 -2.09
N GLY A 136 28.84 8.89 -1.57
CA GLY A 136 27.92 10.01 -1.58
C GLY A 136 28.21 11.06 -0.53
N ALA A 137 28.86 10.68 0.57
CA ALA A 137 29.15 11.63 1.62
C ALA A 137 30.43 12.42 1.36
N VAL A 138 31.41 11.83 0.70
CA VAL A 138 32.62 12.58 0.36
C VAL A 138 32.45 13.41 -0.89
N SER A 139 31.36 13.23 -1.62
CA SER A 139 31.03 14.07 -2.77
C SER A 139 30.10 15.22 -2.39
N LYS A 140 29.82 15.39 -1.10
CA LYS A 140 28.96 16.46 -0.62
C LYS A 140 29.58 17.27 0.49
N ALA A 141 30.80 16.95 0.90
CA ALA A 141 31.44 17.70 1.98
C ALA A 141 31.96 19.03 1.45
N VAL A 142 31.92 20.04 2.30
CA VAL A 142 32.40 21.36 1.94
C VAL A 142 33.93 21.35 1.93
N PRO A 143 34.58 22.03 0.99
CA PRO A 143 36.03 22.10 1.00
C PRO A 143 36.53 23.08 2.04
N ASP A 144 37.70 22.80 2.59
CA ASP A 144 38.31 23.66 3.58
C ASP A 144 39.29 24.64 2.93
N SER A 160 48.59 12.68 -3.57
CA SER A 160 48.55 12.12 -2.23
C SER A 160 47.31 11.25 -2.02
N LEU A 161 47.44 9.96 -2.32
CA LEU A 161 46.34 9.02 -2.15
C LEU A 161 46.37 8.30 -0.80
N LEU A 162 47.08 8.86 0.18
CA LEU A 162 46.91 8.45 1.56
C LEU A 162 45.84 9.26 2.27
N ASP A 163 45.54 10.46 1.78
CA ASP A 163 44.57 11.33 2.43
C ASP A 163 43.17 11.20 1.86
N ASP A 164 43.01 10.64 0.67
CA ASP A 164 41.67 10.45 0.16
C ASP A 164 40.99 9.21 0.73
N GLU A 165 41.78 8.28 1.28
CA GLU A 165 41.25 7.12 1.98
C GLU A 165 41.13 7.36 3.48
N ARG A 166 41.81 8.38 4.02
CA ARG A 166 41.57 8.78 5.40
C ARG A 166 40.22 9.46 5.55
N VAL A 167 39.69 10.05 4.47
CA VAL A 167 38.34 10.60 4.51
C VAL A 167 37.31 9.50 4.43
N ARG A 168 37.59 8.46 3.63
CA ARG A 168 36.63 7.36 3.47
C ARG A 168 36.48 6.54 4.74
N VAL A 169 37.57 6.39 5.51
CA VAL A 169 37.50 5.66 6.77
C VAL A 169 36.65 6.40 7.79
N ALA A 170 36.82 7.71 7.89
CA ALA A 170 36.02 8.52 8.82
C ALA A 170 34.57 8.59 8.39
N ALA A 171 34.32 8.63 7.08
CA ALA A 171 32.94 8.62 6.60
C ALA A 171 32.27 7.27 6.85
N ALA A 172 33.01 6.18 6.70
CA ALA A 172 32.47 4.86 7.00
C ALA A 172 32.14 4.71 8.48
N ALA A 173 33.04 5.19 9.34
CA ALA A 173 32.81 5.14 10.78
C ALA A 173 31.58 5.96 11.17
N SER A 174 31.41 7.14 10.57
CA SER A 174 30.26 7.98 10.91
C SER A 174 28.96 7.38 10.40
N VAL A 175 28.98 6.77 9.20
CA VAL A 175 27.79 6.15 8.65
C VAL A 175 27.34 4.98 9.50
N THR A 176 28.28 4.18 9.99
CA THR A 176 27.85 3.04 10.81
C THR A 176 27.47 3.44 12.22
N VAL A 177 28.05 4.52 12.77
CA VAL A 177 27.56 5.01 14.06
C VAL A 177 26.13 5.50 13.93
N LEU A 178 25.80 6.20 12.84
CA LEU A 178 24.43 6.65 12.65
C LEU A 178 23.47 5.48 12.40
N SER A 179 23.93 4.45 11.69
CA SER A 179 23.08 3.27 11.47
C SER A 179 22.83 2.52 12.77
N GLY A 180 23.85 2.40 13.63
CA GLY A 180 23.65 1.79 14.93
C GLY A 180 22.74 2.60 15.83
N ILE A 181 22.81 3.93 15.73
CA ILE A 181 21.91 4.78 16.51
C ILE A 181 20.47 4.60 16.08
N ILE A 182 20.23 4.50 14.76
CA ILE A 182 18.89 4.28 14.24
C ILE A 182 18.35 2.91 14.66
N GLN A 183 19.20 1.88 14.59
CA GLN A 183 18.79 0.54 15.01
C GLN A 183 18.48 0.46 16.49
N LEU A 184 19.32 1.11 17.31
CA LEU A 184 19.09 1.11 18.76
C LEU A 184 17.83 1.88 19.12
N ALA A 185 17.56 2.98 18.41
CA ALA A 185 16.36 3.75 18.68
C ALA A 185 15.11 2.97 18.27
N PHE A 186 15.18 2.20 17.19
CA PHE A 186 14.01 1.41 16.81
C PHE A 186 13.85 0.19 17.70
N GLY A 187 14.93 -0.30 18.31
CA GLY A 187 14.80 -1.36 19.28
C GLY A 187 14.26 -0.89 20.61
N ILE A 188 14.54 0.36 20.98
CA ILE A 188 13.99 0.90 22.21
C ILE A 188 12.50 1.18 22.07
N LEU A 189 12.09 1.69 20.92
CA LEU A 189 10.69 2.06 20.68
C LEU A 189 9.79 0.87 20.37
N ARG A 190 10.29 -0.37 20.50
CA ARG A 190 9.50 -1.60 20.42
C ARG A 190 8.81 -1.79 19.07
N ILE A 191 9.43 -1.32 17.99
CA ILE A 191 8.80 -1.43 16.68
C ILE A 191 9.61 -2.35 15.78
N GLY A 192 10.18 -3.40 16.37
CA GLY A 192 10.87 -4.42 15.63
C GLY A 192 10.01 -5.40 14.87
N PHE A 193 8.73 -5.09 14.65
CA PHE A 193 7.86 -5.91 13.83
C PHE A 193 7.85 -5.48 12.38
N VAL A 194 8.74 -4.57 11.97
CA VAL A 194 8.68 -4.02 10.63
C VAL A 194 9.14 -5.00 9.55
N VAL A 195 9.76 -6.10 9.94
CA VAL A 195 10.17 -7.13 9.00
C VAL A 195 9.02 -7.85 8.32
N ILE A 196 7.79 -7.68 8.81
CA ILE A 196 6.63 -8.21 8.12
C ILE A 196 6.26 -7.39 6.91
N TYR A 197 6.84 -6.21 6.73
CA TYR A 197 6.53 -5.37 5.58
C TYR A 197 7.37 -5.71 4.37
N LEU A 198 8.12 -6.80 4.42
CA LEU A 198 8.90 -7.28 3.29
C LEU A 198 8.47 -8.70 2.97
N SER A 199 7.87 -8.88 1.80
CA SER A 199 7.48 -10.20 1.35
C SER A 199 8.71 -11.01 0.97
N GLU A 200 8.53 -12.32 0.81
CA GLU A 200 9.65 -13.15 0.40
C GLU A 200 9.99 -12.95 -1.06
N SER A 201 9.03 -12.52 -1.88
CA SER A 201 9.31 -12.21 -3.28
C SER A 201 10.16 -10.95 -3.40
N LEU A 202 9.87 -9.96 -2.56
CA LEU A 202 10.67 -8.74 -2.53
C LEU A 202 12.09 -9.02 -2.09
N ILE A 203 12.24 -9.88 -1.08
CA ILE A 203 13.57 -10.25 -0.58
C ILE A 203 14.33 -11.05 -1.62
N SER A 204 13.63 -11.93 -2.35
CA SER A 204 14.26 -12.73 -3.38
C SER A 204 14.75 -11.87 -4.55
N GLY A 205 13.90 -10.95 -5.04
CA GLY A 205 14.33 -10.08 -6.11
C GLY A 205 15.42 -9.11 -5.70
N PHE A 206 15.35 -8.60 -4.47
CA PHE A 206 16.36 -7.68 -3.97
C PHE A 206 17.70 -8.38 -3.80
N THR A 207 17.72 -9.61 -3.29
CA THR A 207 18.98 -10.29 -3.09
C THR A 207 19.57 -10.78 -4.41
N THR A 208 18.73 -11.08 -5.40
CA THR A 208 19.28 -11.43 -6.71
C THR A 208 19.91 -10.23 -7.40
N ALA A 209 19.25 -9.07 -7.34
CA ALA A 209 19.85 -7.88 -7.91
C ALA A 209 21.08 -7.42 -7.13
N ALA A 210 21.09 -7.64 -5.82
CA ALA A 210 22.28 -7.31 -5.03
C ALA A 210 23.42 -8.26 -5.34
N ALA A 211 23.13 -9.51 -5.68
CA ALA A 211 24.18 -10.42 -6.12
C ALA A 211 24.75 -9.99 -7.46
N VAL A 212 23.93 -9.44 -8.34
CA VAL A 212 24.44 -8.89 -9.60
C VAL A 212 25.32 -7.67 -9.33
N HIS A 213 24.92 -6.83 -8.38
CA HIS A 213 25.74 -5.69 -7.96
C HIS A 213 27.09 -6.12 -7.41
N VAL A 214 27.09 -7.16 -6.56
CA VAL A 214 28.33 -7.68 -5.99
C VAL A 214 29.22 -8.28 -7.07
N LEU A 215 28.62 -8.98 -8.03
CA LEU A 215 29.39 -9.58 -9.12
C LEU A 215 30.02 -8.51 -10.01
N VAL A 216 29.34 -7.39 -10.21
CA VAL A 216 29.91 -6.33 -11.01
C VAL A 216 31.01 -5.60 -10.24
N SER A 217 30.82 -5.42 -8.93
CA SER A 217 31.79 -4.66 -8.15
C SER A 217 33.12 -5.37 -7.93
N GLN A 218 33.20 -6.68 -8.18
CA GLN A 218 34.45 -7.40 -8.01
C GLN A 218 35.24 -7.53 -9.30
N LEU A 219 34.87 -6.79 -10.35
CA LEU A 219 35.58 -6.92 -11.61
C LEU A 219 36.83 -6.06 -11.63
N LYS A 220 36.81 -4.91 -10.97
CA LYS A 220 37.96 -4.02 -10.91
C LYS A 220 39.10 -4.57 -10.09
N PHE A 221 38.86 -5.61 -9.28
CA PHE A 221 39.93 -6.26 -8.56
C PHE A 221 40.47 -7.48 -9.27
N ILE A 222 39.64 -8.15 -10.06
CA ILE A 222 40.12 -9.27 -10.87
C ILE A 222 40.97 -8.75 -12.02
N PHE A 223 40.44 -7.76 -12.76
CA PHE A 223 41.20 -7.22 -13.87
C PHE A 223 42.30 -6.25 -13.44
N GLN A 224 42.27 -5.79 -12.18
CA GLN A 224 43.12 -4.73 -11.64
C GLN A 224 43.01 -3.46 -12.49
N LEU A 225 41.86 -2.82 -12.40
CA LEU A 225 41.62 -1.54 -13.03
C LEU A 225 41.36 -0.47 -11.98
N THR A 226 41.35 0.78 -12.41
CA THR A 226 41.07 1.90 -11.54
C THR A 226 39.75 2.51 -11.98
N VAL A 227 38.71 2.33 -11.16
CA VAL A 227 37.36 2.75 -11.47
C VAL A 227 36.99 3.85 -10.49
N PRO A 228 36.47 4.99 -10.95
CA PRO A 228 36.04 6.03 -10.01
C PRO A 228 34.82 5.62 -9.23
N SER A 229 34.64 6.25 -8.08
CA SER A 229 33.56 5.88 -7.17
C SER A 229 32.28 6.55 -7.65
N HIS A 230 31.50 5.80 -8.43
CA HIS A 230 30.24 6.28 -8.94
C HIS A 230 29.18 6.23 -7.84
N THR A 231 28.01 6.78 -8.12
CA THR A 231 27.01 7.05 -7.09
C THR A 231 25.63 6.64 -7.62
N ASP A 232 24.60 7.14 -6.93
CA ASP A 232 23.24 6.64 -6.79
C ASP A 232 22.55 6.10 -8.05
N PRO A 233 22.25 6.94 -9.11
CA PRO A 233 21.15 6.60 -10.03
C PRO A 233 21.32 5.33 -10.86
N VAL A 234 22.40 5.18 -11.62
CA VAL A 234 22.72 3.90 -12.27
C VAL A 234 24.19 3.61 -11.97
N SER A 235 24.44 2.95 -10.84
CA SER A 235 25.82 2.73 -10.44
C SER A 235 26.43 1.55 -11.17
N ILE A 236 25.63 0.55 -11.51
CA ILE A 236 26.16 -0.69 -12.05
C ILE A 236 26.55 -0.52 -13.52
N PHE A 237 25.83 0.32 -14.26
CA PHE A 237 26.16 0.53 -15.66
C PHE A 237 27.33 1.47 -15.84
N LYS A 238 27.48 2.46 -14.94
CA LYS A 238 28.66 3.30 -14.96
C LYS A 238 29.92 2.49 -14.64
N VAL A 239 29.82 1.56 -13.70
CA VAL A 239 30.96 0.72 -13.35
C VAL A 239 31.27 -0.26 -14.48
N LEU A 240 30.24 -0.78 -15.15
CA LEU A 240 30.46 -1.66 -16.29
C LEU A 240 31.11 -0.92 -17.45
N TYR A 241 30.72 0.34 -17.66
CA TYR A 241 31.33 1.15 -18.71
C TYR A 241 32.77 1.48 -18.37
N SER A 242 33.05 1.89 -17.12
CA SER A 242 34.41 2.23 -16.73
C SER A 242 35.32 1.02 -16.66
N VAL A 243 34.77 -0.18 -16.50
CA VAL A 243 35.61 -1.38 -16.54
C VAL A 243 35.88 -1.79 -17.98
N PHE A 244 34.85 -1.84 -18.82
CA PHE A 244 35.06 -2.40 -20.15
C PHE A 244 35.59 -1.38 -21.15
N SER A 245 35.73 -0.12 -20.77
CA SER A 245 36.44 0.82 -21.64
C SER A 245 37.94 0.76 -21.43
N GLN A 246 38.41 0.22 -20.31
CA GLN A 246 39.83 0.07 -20.02
C GLN A 246 40.24 -1.40 -20.00
N ILE A 247 39.57 -2.26 -20.77
CA ILE A 247 39.83 -3.69 -20.69
C ILE A 247 41.15 -4.09 -21.32
N GLU A 248 41.77 -3.19 -22.08
CA GLU A 248 43.08 -3.49 -22.65
C GLU A 248 44.22 -3.35 -21.64
N LYS A 249 43.97 -2.70 -20.51
CA LYS A 249 44.97 -2.58 -19.45
C LYS A 249 44.86 -3.68 -18.41
N THR A 250 44.31 -4.83 -18.78
CA THR A 250 44.05 -5.90 -17.82
C THR A 250 45.35 -6.60 -17.45
N ASN A 251 45.64 -6.65 -16.16
CA ASN A 251 46.74 -7.44 -15.65
C ASN A 251 46.39 -8.91 -15.75
N ILE A 252 47.10 -9.66 -16.60
CA ILE A 252 46.68 -11.03 -16.88
C ILE A 252 47.06 -11.99 -15.76
N ALA A 253 48.02 -11.63 -14.90
CA ALA A 253 48.38 -12.50 -13.79
C ALA A 253 47.27 -12.57 -12.75
N ASP A 254 46.70 -11.41 -12.40
CA ASP A 254 45.55 -11.36 -11.51
C ASP A 254 44.36 -12.08 -12.10
N LEU A 255 44.17 -11.96 -13.42
CA LEU A 255 43.05 -12.60 -14.09
C LEU A 255 43.17 -14.12 -14.05
N VAL A 256 44.35 -14.65 -14.39
CA VAL A 256 44.49 -16.09 -14.41
C VAL A 256 44.51 -16.66 -12.99
N THR A 257 44.99 -15.89 -12.01
CA THR A 257 44.96 -16.36 -10.63
C THR A 257 43.54 -16.38 -10.08
N ALA A 258 42.76 -15.35 -10.39
CA ALA A 258 41.37 -15.31 -9.97
C ALA A 258 40.55 -16.40 -10.65
N LEU A 259 40.85 -16.69 -11.92
CA LEU A 259 40.11 -17.74 -12.61
C LEU A 259 40.46 -19.13 -12.06
N ILE A 260 41.74 -19.36 -11.74
CA ILE A 260 42.13 -20.65 -11.17
C ILE A 260 41.53 -20.84 -9.79
N VAL A 261 41.59 -19.80 -8.94
CA VAL A 261 41.03 -19.90 -7.60
C VAL A 261 39.52 -20.05 -7.65
N LEU A 262 38.85 -19.35 -8.57
CA LEU A 262 37.40 -19.44 -8.73
C LEU A 262 36.97 -20.82 -9.22
N LEU A 263 37.68 -21.37 -10.21
CA LEU A 263 37.37 -22.70 -10.72
C LEU A 263 37.54 -23.76 -9.64
N VAL A 264 38.64 -23.69 -8.89
CA VAL A 264 38.90 -24.68 -7.85
C VAL A 264 37.87 -24.57 -6.72
N VAL A 265 37.49 -23.34 -6.35
CA VAL A 265 36.58 -23.23 -5.20
C VAL A 265 35.16 -23.61 -5.61
N SER A 266 34.76 -23.38 -6.87
CA SER A 266 33.43 -23.83 -7.27
C SER A 266 33.37 -25.35 -7.42
N ILE A 267 34.44 -25.95 -7.94
CA ILE A 267 34.46 -27.41 -8.09
C ILE A 267 34.44 -28.08 -6.73
N VAL A 268 35.24 -27.60 -5.78
CA VAL A 268 35.29 -28.25 -4.48
C VAL A 268 34.04 -27.92 -3.65
N LYS A 269 33.42 -26.75 -3.87
CA LYS A 269 32.16 -26.49 -3.18
C LYS A 269 30.99 -27.28 -3.75
N GLU A 270 31.08 -27.70 -5.01
CA GLU A 270 30.12 -28.67 -5.52
C GLU A 270 30.37 -30.06 -4.93
N ILE A 271 31.64 -30.47 -4.89
CA ILE A 271 32.04 -31.77 -4.34
C ILE A 271 31.67 -31.87 -2.86
N ASN A 272 31.69 -30.74 -2.15
CA ASN A 272 31.51 -30.71 -0.71
C ASN A 272 30.09 -31.10 -0.32
N GLN A 273 29.09 -30.51 -0.98
CA GLN A 273 27.71 -30.78 -0.59
C GLN A 273 27.09 -31.89 -1.46
N ARG A 274 27.74 -32.25 -2.57
CA ARG A 274 27.41 -33.50 -3.26
C ARG A 274 27.65 -34.72 -2.37
N PHE A 275 28.69 -34.69 -1.53
CA PHE A 275 29.00 -35.80 -0.64
C PHE A 275 29.06 -35.26 0.79
N LYS A 276 27.92 -35.26 1.48
CA LYS A 276 27.84 -34.77 2.84
C LYS A 276 27.67 -35.88 3.87
N ASP A 277 27.31 -37.09 3.44
CA ASP A 277 27.16 -38.20 4.39
C ASP A 277 28.51 -38.78 4.77
N LYS A 278 29.47 -38.75 3.85
CA LYS A 278 30.79 -39.33 4.03
C LYS A 278 31.78 -38.32 4.62
N LEU A 279 31.41 -37.05 4.66
CA LEU A 279 32.37 -35.97 4.93
C LEU A 279 31.96 -35.19 6.17
N PRO A 280 32.57 -35.47 7.32
CA PRO A 280 32.36 -34.61 8.49
C PRO A 280 33.29 -33.41 8.49
N VAL A 281 32.85 -32.33 9.15
CA VAL A 281 33.46 -30.99 9.30
C VAL A 281 34.04 -30.57 7.95
N PRO A 282 33.20 -30.01 7.06
CA PRO A 282 33.50 -29.92 5.62
C PRO A 282 34.79 -29.19 5.24
N ILE A 283 35.21 -29.40 3.99
CA ILE A 283 36.54 -29.02 3.52
C ILE A 283 36.68 -27.51 3.49
N PRO A 284 37.61 -26.92 4.24
CA PRO A 284 37.83 -25.47 4.15
C PRO A 284 38.69 -25.14 2.93
N ILE A 285 38.07 -25.14 1.76
CA ILE A 285 38.79 -24.93 0.52
C ILE A 285 39.21 -23.49 0.34
N GLU A 286 38.48 -22.54 0.94
CA GLU A 286 38.85 -21.14 0.83
C GLU A 286 40.08 -20.81 1.67
N PHE A 287 40.17 -21.38 2.87
CA PHE A 287 41.38 -21.25 3.67
C PHE A 287 42.58 -21.91 3.01
N ILE A 288 42.35 -23.07 2.39
CA ILE A 288 43.43 -23.80 1.71
C ILE A 288 43.92 -23.03 0.49
N MET A 289 42.99 -22.49 -0.30
CA MET A 289 43.38 -21.73 -1.48
C MET A 289 44.01 -20.39 -1.11
N THR A 290 43.58 -19.79 0.01
CA THR A 290 44.22 -18.56 0.46
C THR A 290 45.65 -18.82 0.93
N VAL A 291 45.86 -19.91 1.66
CA VAL A 291 47.20 -20.28 2.11
C VAL A 291 48.10 -20.59 0.92
N ILE A 292 47.58 -21.33 -0.07
CA ILE A 292 48.37 -21.69 -1.24
C ILE A 292 48.68 -20.47 -2.09
N ALA A 293 47.71 -19.57 -2.27
CA ALA A 293 47.93 -18.39 -3.10
C ALA A 293 48.88 -17.40 -2.43
N ALA A 294 48.77 -17.23 -1.11
CA ALA A 294 49.69 -16.33 -0.42
C ALA A 294 51.09 -16.95 -0.30
N GLY A 295 51.18 -18.27 -0.29
CA GLY A 295 52.48 -18.91 -0.24
C GLY A 295 53.17 -18.99 -1.58
N VAL A 296 52.42 -18.98 -2.67
CA VAL A 296 53.04 -18.96 -3.98
C VAL A 296 53.23 -17.53 -4.49
N SER A 297 52.48 -16.57 -3.95
CA SER A 297 52.75 -15.18 -4.29
C SER A 297 54.00 -14.67 -3.58
N TYR A 298 54.17 -15.07 -2.32
CA TYR A 298 55.48 -14.96 -1.70
C TYR A 298 56.40 -16.02 -2.29
N GLY A 299 57.69 -15.79 -2.19
CA GLY A 299 58.62 -16.77 -2.70
C GLY A 299 58.88 -16.65 -4.19
N CYS A 300 57.84 -16.75 -5.01
CA CYS A 300 57.95 -16.45 -6.42
C CYS A 300 57.90 -14.95 -6.71
N ASP A 301 57.60 -14.15 -5.69
CA ASP A 301 57.61 -12.68 -5.72
C ASP A 301 56.66 -12.16 -6.81
N PHE A 302 55.36 -12.40 -6.60
CA PHE A 302 54.35 -11.89 -7.52
C PHE A 302 54.01 -10.43 -7.25
N LYS A 303 55.00 -9.57 -7.11
CA LYS A 303 54.78 -8.16 -6.89
C LYS A 303 55.78 -7.32 -7.67
N ASN A 304 56.87 -7.90 -8.13
CA ASN A 304 57.83 -7.25 -8.99
C ASN A 304 58.07 -7.99 -10.29
N ARG A 305 57.81 -9.29 -10.36
CA ARG A 305 57.77 -9.98 -11.65
C ARG A 305 56.60 -9.48 -12.46
N PHE A 306 55.40 -9.59 -11.93
CA PHE A 306 54.22 -8.96 -12.46
C PHE A 306 53.91 -7.74 -11.61
N LYS A 307 52.78 -7.09 -11.87
CA LYS A 307 52.46 -5.90 -11.11
C LYS A 307 51.18 -6.11 -10.33
N VAL A 308 51.09 -7.26 -9.67
CA VAL A 308 49.91 -7.65 -8.91
C VAL A 308 49.77 -6.76 -7.69
N ALA A 309 48.60 -6.15 -7.52
CA ALA A 309 48.29 -5.40 -6.31
C ALA A 309 48.03 -6.37 -5.17
N VAL A 310 48.66 -6.15 -4.03
CA VAL A 310 48.56 -7.06 -2.90
C VAL A 310 47.92 -6.33 -1.73
N VAL A 311 47.51 -7.11 -0.74
CA VAL A 311 47.09 -6.55 0.55
C VAL A 311 48.32 -5.98 1.24
N GLY A 312 48.24 -4.71 1.63
CA GLY A 312 49.42 -4.01 2.09
C GLY A 312 49.89 -4.45 3.47
N ASP A 313 50.86 -3.72 3.99
CA ASP A 313 51.30 -3.93 5.36
C ASP A 313 50.25 -3.37 6.30
N MET A 314 49.50 -4.26 6.94
CA MET A 314 48.55 -3.83 7.95
C MET A 314 49.29 -3.58 9.26
N ASN A 315 48.92 -2.49 9.93
CA ASN A 315 49.59 -2.15 11.18
C ASN A 315 49.08 -3.05 12.30
N PRO A 316 49.97 -3.60 13.12
CA PRO A 316 49.53 -4.51 14.18
C PRO A 316 48.95 -3.75 15.36
N GLY A 317 47.65 -3.86 15.54
CA GLY A 317 47.00 -3.23 16.68
C GLY A 317 45.71 -2.55 16.34
N PHE A 318 44.98 -2.10 17.35
CA PHE A 318 43.74 -1.38 17.14
C PHE A 318 44.03 0.10 16.98
N GLN A 319 43.01 0.86 16.68
CA GLN A 319 43.17 2.28 16.51
C GLN A 319 42.36 3.04 17.56
N PRO A 320 42.80 4.24 17.96
CA PRO A 320 42.06 4.97 18.98
C PRO A 320 40.72 5.42 18.46
N PRO A 321 39.72 5.60 19.34
CA PRO A 321 38.38 5.94 18.87
C PRO A 321 38.30 7.36 18.35
N ILE A 322 37.41 7.58 17.40
CA ILE A 322 37.20 8.88 16.80
C ILE A 322 35.80 9.37 17.12
N THR A 323 35.64 10.66 17.05
CA THR A 323 34.31 11.23 17.21
C THR A 323 33.62 11.27 15.85
N PRO A 324 32.36 10.87 15.77
CA PRO A 324 31.66 10.90 14.47
C PRO A 324 31.36 12.32 14.04
N ASP A 325 31.61 12.59 12.75
CA ASP A 325 31.36 13.91 12.20
C ASP A 325 29.87 14.11 11.98
N VAL A 326 29.36 15.26 12.45
CA VAL A 326 27.94 15.53 12.28
C VAL A 326 27.61 16.02 10.88
N GLU A 327 28.61 16.42 10.10
CA GLU A 327 28.38 16.74 8.70
C GLU A 327 28.04 15.48 7.91
N THR A 328 28.77 14.39 8.17
CA THR A 328 28.47 13.11 7.55
C THR A 328 27.13 12.56 8.05
N PHE A 329 26.79 12.87 9.31
CA PHE A 329 25.47 12.55 9.83
C PHE A 329 24.38 13.29 9.07
N GLN A 330 24.65 14.54 8.70
CA GLN A 330 23.67 15.35 7.99
C GLN A 330 23.51 14.91 6.54
N ASN A 331 24.61 14.50 5.90
CA ASN A 331 24.57 14.21 4.47
C ASN A 331 24.02 12.82 4.15
N THR A 332 23.93 11.91 5.12
CA THR A 332 23.64 10.51 4.86
C THR A 332 22.55 9.98 5.78
N VAL A 333 21.42 10.68 5.89
CA VAL A 333 20.37 10.21 6.78
C VAL A 333 19.59 9.06 6.15
N GLY A 334 19.16 9.22 4.90
CA GLY A 334 18.38 8.17 4.25
C GLY A 334 19.22 6.94 3.93
N ASP A 335 20.50 7.14 3.65
CA ASP A 335 21.42 6.02 3.44
C ASP A 335 21.56 5.19 4.70
N CYS A 336 21.67 5.84 5.86
CA CYS A 336 21.78 5.10 7.10
C CYS A 336 20.46 4.45 7.49
N PHE A 337 19.33 5.04 7.11
CA PHE A 337 18.04 4.38 7.32
C PHE A 337 17.93 3.10 6.51
N GLY A 338 18.36 3.15 5.24
CA GLY A 338 18.35 1.96 4.41
C GLY A 338 19.31 0.89 4.90
N ILE A 339 20.48 1.30 5.38
CA ILE A 339 21.47 0.37 5.92
C ILE A 339 20.94 -0.32 7.17
N ALA A 340 20.31 0.43 8.07
CA ALA A 340 19.76 -0.14 9.29
C ALA A 340 18.62 -1.11 9.00
N MET A 341 17.72 -0.74 8.06
CA MET A 341 16.61 -1.62 7.72
C MET A 341 17.07 -2.90 7.07
N VAL A 342 18.05 -2.81 6.16
CA VAL A 342 18.51 -4.00 5.45
C VAL A 342 19.30 -4.90 6.39
N ALA A 343 20.07 -4.32 7.31
CA ALA A 343 20.82 -5.11 8.28
C ALA A 343 19.90 -5.87 9.22
N PHE A 344 18.85 -5.20 9.73
CA PHE A 344 17.92 -5.89 10.62
C PHE A 344 17.11 -6.94 9.89
N ALA A 345 16.70 -6.66 8.65
CA ALA A 345 15.89 -7.61 7.90
C ALA A 345 16.70 -8.87 7.58
N VAL A 346 17.96 -8.71 7.18
CA VAL A 346 18.81 -9.86 6.87
C VAL A 346 19.09 -10.67 8.14
N ALA A 347 19.37 -9.98 9.25
CA ALA A 347 19.69 -10.69 10.49
C ALA A 347 18.49 -11.44 11.05
N PHE A 348 17.30 -10.84 10.96
CA PHE A 348 16.11 -11.53 11.46
C PHE A 348 15.73 -12.70 10.56
N SER A 349 15.89 -12.54 9.24
CA SER A 349 15.59 -13.62 8.33
C SER A 349 16.55 -14.80 8.48
N VAL A 350 17.80 -14.53 8.80
CA VAL A 350 18.75 -15.62 9.01
C VAL A 350 18.53 -16.27 10.37
N ALA A 351 18.26 -15.48 11.41
CA ALA A 351 18.13 -16.04 12.76
C ALA A 351 16.83 -16.80 12.94
N SER A 352 15.79 -16.47 12.16
CA SER A 352 14.51 -17.15 12.27
C SER A 352 14.60 -18.61 11.82
N VAL A 353 15.50 -18.91 10.89
CA VAL A 353 15.67 -20.28 10.39
C VAL A 353 16.18 -21.17 11.51
N TYR A 354 17.20 -20.72 12.23
CA TYR A 354 17.75 -21.55 13.28
C TYR A 354 16.91 -21.54 14.54
N SER A 355 16.14 -20.48 14.77
CA SER A 355 15.21 -20.51 15.90
C SER A 355 14.05 -21.47 15.65
N LEU A 356 13.62 -21.59 14.39
CA LEU A 356 12.62 -22.59 14.07
C LEU A 356 13.22 -23.99 14.09
N LYS A 357 14.49 -24.12 13.70
CA LYS A 357 15.12 -25.43 13.63
C LYS A 357 15.44 -25.98 15.02
N TYR A 358 15.78 -25.13 15.97
CA TYR A 358 16.19 -25.61 17.29
C TYR A 358 15.24 -25.23 18.41
N ASP A 359 14.12 -24.56 18.10
CA ASP A 359 12.99 -24.31 19.01
C ASP A 359 13.41 -23.50 20.24
N TYR A 360 13.78 -22.25 19.99
CA TYR A 360 13.99 -21.28 21.05
C TYR A 360 13.46 -19.94 20.59
N PRO A 361 12.95 -19.11 21.49
CA PRO A 361 12.32 -17.85 21.07
C PRO A 361 13.30 -16.75 20.68
N LEU A 362 12.94 -16.02 19.62
CA LEU A 362 13.66 -14.84 19.18
C LEU A 362 12.91 -13.57 19.57
N ASP A 363 13.64 -12.62 20.14
CA ASP A 363 13.12 -11.30 20.46
C ASP A 363 13.62 -10.33 19.41
N GLY A 364 12.72 -9.78 18.60
CA GLY A 364 13.14 -8.92 17.51
C GLY A 364 13.65 -7.57 17.99
N ASN A 365 13.03 -7.03 19.04
CA ASN A 365 13.49 -5.75 19.57
C ASN A 365 14.84 -5.89 20.26
N GLN A 366 15.10 -7.03 20.89
CA GLN A 366 16.42 -7.26 21.47
C GLN A 366 17.45 -7.50 20.38
N GLU A 367 17.04 -8.06 19.24
CA GLU A 367 17.93 -8.15 18.09
C GLU A 367 18.32 -6.77 17.60
N LEU A 368 17.34 -5.85 17.52
CA LEU A 368 17.62 -4.49 17.08
C LEU A 368 18.54 -3.76 18.07
N ILE A 369 18.32 -3.96 19.36
CA ILE A 369 19.16 -3.31 20.37
C ILE A 369 20.59 -3.84 20.33
N ALA A 370 20.75 -5.15 20.20
CA ALA A 370 22.08 -5.75 20.15
C ALA A 370 22.83 -5.36 18.90
N LEU A 371 22.16 -5.37 17.75
CA LEU A 371 22.82 -4.97 16.50
C LEU A 371 23.16 -3.49 16.49
N GLY A 372 22.30 -2.65 17.06
CA GLY A 372 22.59 -1.23 17.13
C GLY A 372 23.75 -0.91 18.04
N LEU A 373 23.82 -1.57 19.20
CA LEU A 373 24.95 -1.38 20.10
C LEU A 373 26.25 -1.88 19.48
N GLY A 374 26.18 -3.02 18.78
CA GLY A 374 27.37 -3.53 18.12
C GLY A 374 27.85 -2.63 17.00
N ASN A 375 26.92 -2.04 16.24
CA ASN A 375 27.32 -1.14 15.17
C ASN A 375 27.87 0.18 15.72
N ILE A 376 27.33 0.66 16.84
CA ILE A 376 27.86 1.88 17.45
C ILE A 376 29.28 1.66 17.95
N VAL A 377 29.51 0.56 18.67
CA VAL A 377 30.85 0.28 19.18
C VAL A 377 31.82 -0.04 18.05
N CYS A 378 31.34 -0.66 16.97
CA CYS A 378 32.20 -0.94 15.84
C CYS A 378 32.57 0.33 15.08
N GLY A 379 31.63 1.25 14.92
CA GLY A 379 31.92 2.49 14.21
C GLY A 379 32.72 3.47 15.01
N VAL A 380 32.67 3.41 16.34
CA VAL A 380 33.49 4.29 17.16
C VAL A 380 34.96 3.90 17.03
N PHE A 381 35.25 2.61 16.97
CA PHE A 381 36.62 2.11 16.85
C PHE A 381 37.01 1.85 15.40
N ARG A 382 36.40 2.56 14.45
CA ARG A 382 36.75 2.57 13.02
C ARG A 382 36.59 1.21 12.36
N GLY A 383 35.36 0.71 12.39
CA GLY A 383 34.96 -0.40 11.55
C GLY A 383 33.77 0.02 10.70
N PHE A 384 33.26 -0.92 9.93
CA PHE A 384 32.04 -0.64 9.19
C PHE A 384 30.95 -1.62 9.63
N ALA A 385 29.81 -1.56 8.94
CA ALA A 385 28.54 -1.99 9.50
C ALA A 385 28.43 -3.50 9.55
N GLY A 386 27.74 -3.98 10.56
CA GLY A 386 27.67 -5.40 10.84
C GLY A 386 26.25 -5.88 10.98
N SER A 387 26.06 -7.14 10.60
CA SER A 387 24.83 -7.91 10.74
C SER A 387 25.28 -9.37 10.68
N THR A 388 24.39 -10.27 10.30
CA THR A 388 24.88 -11.60 9.99
C THR A 388 24.82 -11.87 8.49
N ALA A 389 25.68 -12.79 8.06
CA ALA A 389 25.66 -13.34 6.72
C ALA A 389 25.09 -14.75 6.78
N LEU A 390 24.37 -15.14 5.73
CA LEU A 390 23.81 -16.49 5.71
C LEU A 390 24.89 -17.54 5.54
N SER A 391 25.95 -17.21 4.80
CA SER A 391 27.01 -18.17 4.53
C SER A 391 27.85 -18.44 5.77
N ARG A 392 28.24 -17.39 6.50
CA ARG A 392 29.06 -17.58 7.69
C ARG A 392 28.25 -18.21 8.82
N SER A 393 26.96 -17.86 8.91
CA SER A 393 26.10 -18.51 9.89
C SER A 393 25.89 -19.98 9.57
N ALA A 394 25.83 -20.32 8.28
CA ALA A 394 25.73 -21.71 7.89
C ALA A 394 27.02 -22.47 8.19
N VAL A 395 28.17 -21.80 8.08
CA VAL A 395 29.43 -22.43 8.46
C VAL A 395 29.49 -22.67 9.97
N GLN A 396 29.02 -21.71 10.75
CA GLN A 396 29.03 -21.87 12.21
C GLN A 396 28.05 -22.93 12.67
N GLU A 397 26.87 -23.00 12.06
CA GLU A 397 25.89 -24.00 12.47
C GLU A 397 26.22 -25.39 11.94
N SER A 398 26.85 -25.48 10.77
CA SER A 398 27.14 -26.78 10.17
C SER A 398 28.26 -27.51 10.90
N THR A 399 29.20 -26.77 11.48
CA THR A 399 30.31 -27.38 12.19
C THR A 399 29.98 -27.68 13.65
N GLY A 400 28.78 -27.35 14.12
CA GLY A 400 28.36 -27.75 15.44
C GLY A 400 28.28 -26.64 16.46
N GLY A 401 27.90 -25.44 16.03
CA GLY A 401 27.75 -24.34 16.97
C GLY A 401 26.51 -24.51 17.81
N LYS A 402 26.67 -24.37 19.12
CA LYS A 402 25.56 -24.52 20.07
C LYS A 402 25.11 -23.20 20.65
N THR A 403 26.03 -22.41 21.19
CA THR A 403 25.74 -21.11 21.78
C THR A 403 26.52 -20.04 21.05
N GLN A 404 26.50 -18.83 21.59
CA GLN A 404 27.28 -17.72 21.07
C GLN A 404 28.70 -17.68 21.61
N ILE A 405 29.14 -18.75 22.27
CA ILE A 405 30.55 -18.86 22.65
C ILE A 405 31.40 -19.16 21.42
N ALA A 406 30.81 -19.79 20.40
CA ALA A 406 31.47 -19.94 19.11
C ALA A 406 31.76 -18.59 18.47
N GLY A 407 30.88 -17.62 18.65
CA GLY A 407 31.16 -16.27 18.22
C GLY A 407 32.31 -15.63 18.98
N LEU A 408 32.46 -15.97 20.26
CA LEU A 408 33.58 -15.47 21.04
C LEU A 408 34.89 -16.09 20.58
N ILE A 409 34.89 -17.38 20.23
CA ILE A 409 36.11 -18.00 19.73
C ILE A 409 36.47 -17.46 18.35
N GLY A 410 35.45 -17.15 17.53
CA GLY A 410 35.72 -16.52 16.24
C GLY A 410 36.30 -15.12 16.39
N ALA A 411 35.79 -14.35 17.34
CA ALA A 411 36.36 -13.03 17.61
C ALA A 411 37.76 -13.12 18.19
N ILE A 412 38.05 -14.18 18.94
CA ILE A 412 39.41 -14.36 19.45
C ILE A 412 40.37 -14.72 18.31
N ILE A 413 39.91 -15.47 17.31
CA ILE A 413 40.74 -15.75 16.13
C ILE A 413 41.01 -14.47 15.35
N VAL A 414 39.99 -13.61 15.19
CA VAL A 414 40.17 -12.32 14.53
C VAL A 414 41.13 -11.43 15.33
N LEU A 415 41.06 -11.50 16.66
CA LEU A 415 41.96 -10.74 17.53
C LEU A 415 43.40 -11.21 17.39
N ILE A 416 43.60 -12.52 17.26
CA ILE A 416 44.95 -13.06 17.07
C ILE A 416 45.51 -12.63 15.73
N VAL A 417 44.66 -12.57 14.70
CA VAL A 417 45.11 -12.11 13.39
C VAL A 417 45.45 -10.62 13.41
N VAL A 418 44.68 -9.82 14.14
CA VAL A 418 44.92 -8.38 14.20
C VAL A 418 46.20 -8.09 14.99
N LEU A 419 46.34 -8.68 16.17
CA LEU A 419 47.45 -8.30 17.04
C LEU A 419 48.77 -8.95 16.65
N ALA A 420 48.76 -10.22 16.24
CA ALA A 420 50.01 -10.97 16.12
C ALA A 420 50.36 -11.32 14.68
N ILE A 421 49.52 -12.08 13.99
CA ILE A 421 49.86 -12.55 12.63
C ILE A 421 49.19 -11.60 11.65
N GLY A 422 49.86 -10.50 11.38
CA GLY A 422 49.40 -9.56 10.37
C GLY A 422 50.50 -9.34 9.37
N PHE A 423 51.69 -9.86 9.70
CA PHE A 423 52.76 -9.91 8.71
C PHE A 423 52.49 -10.98 7.67
N LEU A 424 51.77 -12.03 8.04
CA LEU A 424 51.12 -12.88 7.06
C LEU A 424 49.94 -12.12 6.46
N LEU A 425 49.40 -12.70 5.37
CA LEU A 425 48.33 -12.12 4.53
C LEU A 425 48.77 -10.83 3.83
N ALA A 426 50.05 -10.48 3.90
CA ALA A 426 50.66 -9.39 3.16
C ALA A 426 51.00 -9.77 1.71
N PRO A 427 51.45 -10.99 1.37
CA PRO A 427 51.50 -11.33 -0.05
C PRO A 427 50.18 -11.80 -0.65
N LEU A 428 49.05 -11.63 0.02
CA LEU A 428 47.77 -12.04 -0.57
C LEU A 428 47.40 -11.10 -1.70
N GLN A 429 46.89 -11.68 -2.79
CA GLN A 429 46.95 -11.07 -4.11
C GLN A 429 45.82 -10.12 -4.43
N LYS A 430 44.87 -9.90 -3.51
CA LYS A 430 43.77 -8.92 -3.61
C LYS A 430 42.75 -9.20 -4.72
N SER A 431 43.03 -10.19 -5.56
CA SER A 431 42.08 -10.74 -6.51
C SER A 431 41.73 -12.17 -6.18
N VAL A 432 42.53 -12.82 -5.34
CA VAL A 432 42.13 -14.06 -4.71
C VAL A 432 40.92 -13.81 -3.81
N LEU A 433 40.89 -12.66 -3.13
CA LEU A 433 39.75 -12.31 -2.29
C LEU A 433 38.50 -12.05 -3.13
N ALA A 434 38.67 -11.40 -4.28
CA ALA A 434 37.55 -11.18 -5.18
C ALA A 434 37.05 -12.48 -5.77
N ALA A 435 37.96 -13.42 -6.05
CA ALA A 435 37.55 -14.72 -6.55
C ALA A 435 36.83 -15.53 -5.47
N LEU A 436 37.25 -15.40 -4.22
CA LEU A 436 36.55 -16.08 -3.13
C LEU A 436 35.17 -15.49 -2.91
N ALA A 437 35.02 -14.18 -3.11
CA ALA A 437 33.70 -13.58 -2.98
C ALA A 437 32.80 -13.93 -4.18
N LEU A 438 33.39 -14.12 -5.36
CA LEU A 438 32.58 -14.52 -6.51
C LEU A 438 32.21 -15.98 -6.48
N GLY A 439 33.00 -16.81 -5.80
CA GLY A 439 32.69 -18.23 -5.75
C GLY A 439 31.53 -18.60 -4.87
N ASN A 440 30.97 -17.64 -4.13
CA ASN A 440 29.89 -17.92 -3.19
C ASN A 440 28.69 -17.04 -3.47
N LEU A 441 28.54 -16.59 -4.71
CA LEU A 441 27.33 -15.93 -5.17
C LEU A 441 26.34 -16.91 -5.78
N LYS A 442 26.62 -18.21 -5.69
CA LYS A 442 25.81 -19.21 -6.39
C LYS A 442 24.43 -19.32 -5.78
N GLY A 443 24.33 -19.25 -4.45
CA GLY A 443 23.04 -19.40 -3.80
C GLY A 443 22.09 -18.23 -4.07
N MET A 444 22.64 -17.03 -4.23
CA MET A 444 21.80 -15.89 -4.54
C MET A 444 21.52 -15.77 -6.03
N LEU A 445 22.42 -16.27 -6.88
CA LEU A 445 22.19 -16.23 -8.31
C LEU A 445 21.29 -17.35 -8.79
N MET A 446 21.16 -18.43 -8.01
CA MET A 446 20.24 -19.49 -8.40
C MET A 446 18.78 -19.13 -8.15
N GLN A 447 18.50 -17.98 -7.55
CA GLN A 447 17.15 -17.49 -7.38
C GLN A 447 16.57 -16.89 -8.65
N PHE A 448 17.31 -16.90 -9.76
CA PHE A 448 16.75 -16.50 -11.04
C PHE A 448 15.74 -17.50 -11.55
N ALA A 449 15.78 -18.73 -11.07
CA ALA A 449 14.75 -19.72 -11.40
C ALA A 449 13.58 -19.64 -10.44
N GLU A 450 13.06 -18.42 -10.28
CA GLU A 450 11.86 -18.16 -9.51
C GLU A 450 10.88 -17.29 -10.25
N ILE A 451 11.25 -16.79 -11.43
CA ILE A 451 10.28 -16.07 -12.24
C ILE A 451 9.31 -17.04 -12.88
N GLY A 452 9.76 -18.25 -13.20
CA GLY A 452 8.86 -19.24 -13.78
C GLY A 452 7.89 -19.81 -12.76
N ARG A 453 8.39 -20.11 -11.56
CA ARG A 453 7.54 -20.64 -10.50
C ARG A 453 6.49 -19.63 -10.08
N LEU A 454 6.92 -18.42 -9.76
CA LEU A 454 5.99 -17.36 -9.39
C LEU A 454 5.11 -16.93 -10.57
N TRP A 455 5.56 -17.14 -11.79
CA TRP A 455 4.71 -16.85 -12.94
C TRP A 455 3.55 -17.82 -13.02
N ARG A 456 3.84 -19.12 -12.91
CA ARG A 456 2.76 -20.08 -13.01
C ARG A 456 1.99 -20.24 -11.70
N LYS A 457 2.44 -19.63 -10.60
CA LYS A 457 1.71 -19.69 -9.34
C LYS A 457 0.78 -18.51 -9.13
N ASP A 458 1.32 -17.30 -9.10
CA ASP A 458 0.54 -16.17 -8.60
C ASP A 458 0.34 -15.04 -9.60
N LYS A 459 1.40 -14.59 -10.27
CA LYS A 459 1.49 -13.46 -11.21
C LYS A 459 1.33 -12.10 -10.55
N TYR A 460 1.06 -12.06 -9.24
CA TYR A 460 1.17 -10.82 -8.48
C TYR A 460 2.45 -10.75 -7.69
N ASP A 461 3.01 -11.89 -7.31
CA ASP A 461 4.31 -11.95 -6.68
C ASP A 461 5.45 -12.08 -7.69
N CYS A 462 5.15 -12.59 -8.88
CA CYS A 462 6.10 -12.50 -9.98
C CYS A 462 6.33 -11.05 -10.38
N LEU A 463 5.27 -10.25 -10.33
CA LEU A 463 5.40 -8.82 -10.61
C LEU A 463 6.21 -8.11 -9.54
N ILE A 464 6.05 -8.51 -8.28
CA ILE A 464 6.83 -7.93 -7.19
C ILE A 464 8.30 -8.30 -7.35
N TRP A 465 8.58 -9.55 -7.74
CA TRP A 465 9.95 -10.00 -7.99
C TRP A 465 10.60 -9.20 -9.10
N ILE A 466 9.91 -9.07 -10.23
CA ILE A 466 10.48 -8.43 -11.41
C ILE A 466 10.67 -6.93 -11.16
N MET A 467 9.70 -6.28 -10.51
CA MET A 467 9.84 -4.85 -10.26
C MET A 467 10.87 -4.58 -9.17
N THR A 468 11.04 -5.48 -8.21
CA THR A 468 12.10 -5.32 -7.22
C THR A 468 13.48 -5.46 -7.86
N PHE A 469 13.64 -6.43 -8.75
CA PHE A 469 14.89 -6.61 -9.47
C PHE A 469 15.22 -5.39 -10.33
N ILE A 470 14.23 -4.90 -11.07
CA ILE A 470 14.45 -3.77 -11.98
C ILE A 470 14.73 -2.50 -11.21
N PHE A 471 13.95 -2.24 -10.14
CA PHE A 471 14.15 -1.05 -9.33
C PHE A 471 15.50 -1.05 -8.64
N THR A 472 15.93 -2.22 -8.15
CA THR A 472 17.22 -2.30 -7.49
C THR A 472 18.36 -2.11 -8.48
N ILE A 473 18.25 -2.70 -9.67
CA ILE A 473 19.31 -2.58 -10.67
C ILE A 473 19.44 -1.14 -11.17
N VAL A 474 18.32 -0.50 -11.54
CA VAL A 474 18.40 0.83 -12.14
C VAL A 474 18.21 1.95 -11.12
N LEU A 475 18.21 1.64 -9.83
CA LEU A 475 18.14 2.70 -8.84
C LEU A 475 19.07 2.53 -7.66
N GLY A 476 19.87 1.48 -7.59
CA GLY A 476 20.76 1.34 -6.46
C GLY A 476 20.10 0.66 -5.28
N LEU A 477 20.94 0.11 -4.40
CA LEU A 477 20.48 -0.75 -3.33
C LEU A 477 19.69 -0.02 -2.26
N GLY A 478 19.87 1.28 -2.12
CA GLY A 478 19.16 2.00 -1.09
C GLY A 478 17.79 2.49 -1.54
N LEU A 479 17.72 2.96 -2.77
CA LEU A 479 16.49 3.56 -3.28
C LEU A 479 15.56 2.56 -3.95
N GLY A 480 16.13 1.50 -4.55
CA GLY A 480 15.29 0.46 -5.11
C GLY A 480 14.52 -0.31 -4.08
N LEU A 481 15.03 -0.37 -2.84
CA LEU A 481 14.30 -1.03 -1.77
C LEU A 481 13.06 -0.24 -1.38
N ALA A 482 13.18 1.09 -1.29
CA ALA A 482 12.02 1.92 -0.96
C ALA A 482 10.98 1.89 -2.06
N ALA A 483 11.44 1.95 -3.32
CA ALA A 483 10.50 1.85 -4.44
C ALA A 483 9.84 0.47 -4.49
N SER A 484 10.58 -0.57 -4.10
CA SER A 484 10.03 -1.91 -4.11
C SER A 484 8.99 -2.10 -3.01
N VAL A 485 9.22 -1.50 -1.85
CA VAL A 485 8.24 -1.56 -0.77
C VAL A 485 6.97 -0.83 -1.16
N ALA A 486 7.10 0.32 -1.81
CA ALA A 486 5.92 1.06 -2.28
C ALA A 486 5.16 0.27 -3.35
N PHE A 487 5.86 -0.43 -4.23
CA PHE A 487 5.16 -1.20 -5.25
C PHE A 487 4.49 -2.44 -4.66
N GLN A 488 5.10 -3.07 -3.66
CA GLN A 488 4.45 -4.21 -3.05
C GLN A 488 3.29 -3.79 -2.17
N LEU A 489 3.24 -2.53 -1.75
CA LEU A 489 2.01 -2.01 -1.15
C LEU A 489 0.96 -1.74 -2.22
N LEU A 490 1.37 -1.34 -3.42
CA LEU A 490 0.42 -1.16 -4.52
C LEU A 490 -0.23 -2.46 -4.95
N THR A 491 0.48 -3.58 -4.87
CA THR A 491 -0.10 -4.84 -5.36
C THR A 491 -1.26 -5.33 -4.51
N ILE A 492 -1.33 -4.94 -3.23
CA ILE A 492 -2.47 -5.30 -2.41
C ILE A 492 -3.72 -4.57 -2.88
N VAL A 493 -3.56 -3.33 -3.33
CA VAL A 493 -4.67 -2.61 -3.94
C VAL A 493 -5.00 -3.19 -5.31
N PHE A 494 -3.98 -3.68 -6.03
CA PHE A 494 -4.23 -4.32 -7.33
C PHE A 494 -5.02 -5.61 -7.18
N ARG A 495 -4.86 -6.32 -6.06
CA ARG A 495 -5.59 -7.56 -5.86
C ARG A 495 -7.07 -7.32 -5.61
N THR A 496 -7.42 -6.24 -4.93
CA THR A 496 -8.78 -5.98 -4.49
C THR A 496 -9.43 -4.86 -5.29
N GLN A 497 -8.91 -4.55 -6.46
CA GLN A 497 -9.37 -3.40 -7.23
C GLN A 497 -10.65 -3.69 -7.99
N PHE A 498 -10.67 -4.80 -8.73
CA PHE A 498 -11.82 -5.23 -9.51
C PHE A 498 -12.22 -6.62 -9.04
N PRO A 499 -12.95 -6.74 -7.94
CA PRO A 499 -13.32 -8.07 -7.45
C PRO A 499 -14.38 -8.72 -8.31
N LYS A 500 -14.30 -10.04 -8.41
CA LYS A 500 -15.22 -10.82 -9.23
C LYS A 500 -16.55 -10.92 -8.50
N CYS A 501 -17.41 -9.94 -8.73
CA CYS A 501 -18.70 -9.87 -8.06
C CYS A 501 -19.67 -10.83 -8.71
N SER A 502 -20.53 -11.45 -7.89
CA SER A 502 -21.35 -12.56 -8.35
C SER A 502 -22.81 -12.31 -8.01
N THR A 503 -23.68 -13.02 -8.73
CA THR A 503 -25.08 -13.16 -8.41
C THR A 503 -25.32 -14.61 -8.04
N LEU A 504 -25.95 -14.84 -6.90
CA LEU A 504 -26.10 -16.19 -6.37
C LEU A 504 -27.50 -16.71 -6.60
N ALA A 505 -27.63 -18.03 -6.49
CA ALA A 505 -28.91 -18.70 -6.64
C ALA A 505 -28.85 -20.02 -5.89
N ASN A 506 -30.02 -20.62 -5.71
CA ASN A 506 -30.21 -21.78 -4.87
C ASN A 506 -30.02 -23.08 -5.65
N ILE A 507 -29.36 -24.04 -5.04
CA ILE A 507 -29.17 -25.37 -5.62
C ILE A 507 -29.82 -26.40 -4.73
N GLY A 508 -30.72 -27.20 -5.29
CA GLY A 508 -31.23 -28.35 -4.59
C GLY A 508 -32.33 -28.08 -3.59
N ARG A 509 -32.90 -26.87 -3.58
CA ARG A 509 -34.01 -26.47 -2.71
C ARG A 509 -33.65 -26.63 -1.24
N THR A 510 -32.46 -26.18 -0.87
CA THR A 510 -31.93 -26.26 0.49
C THR A 510 -31.25 -24.92 0.78
N ASN A 511 -30.40 -24.88 1.79
CA ASN A 511 -29.77 -23.64 2.20
C ASN A 511 -28.39 -23.44 1.60
N ILE A 512 -28.18 -23.87 0.35
CA ILE A 512 -26.91 -23.70 -0.33
C ILE A 512 -27.11 -22.74 -1.49
N TYR A 513 -26.35 -21.65 -1.50
CA TYR A 513 -26.47 -20.62 -2.53
C TYR A 513 -25.10 -20.42 -3.16
N LYS A 514 -25.01 -20.62 -4.47
CA LYS A 514 -23.74 -20.45 -5.16
C LYS A 514 -23.89 -19.61 -6.42
N ASN A 515 -22.85 -19.54 -7.23
CA ASN A 515 -22.83 -18.66 -8.39
C ASN A 515 -23.84 -19.11 -9.44
N LYS A 516 -24.54 -18.14 -10.02
CA LYS A 516 -25.64 -18.42 -10.93
C LYS A 516 -25.19 -18.99 -12.26
N LYS A 517 -23.94 -18.73 -12.65
CA LYS A 517 -23.42 -19.18 -13.93
C LYS A 517 -22.66 -20.49 -13.83
N ASP A 518 -22.68 -21.16 -12.68
CA ASP A 518 -21.77 -22.26 -12.44
C ASP A 518 -22.42 -23.63 -12.46
N TYR A 519 -23.70 -23.75 -12.14
CA TYR A 519 -24.37 -25.04 -12.14
C TYR A 519 -25.63 -24.94 -12.97
N TYR A 520 -26.34 -26.04 -13.15
CA TYR A 520 -27.35 -26.11 -14.20
C TYR A 520 -28.75 -25.76 -13.74
N ASP A 521 -29.25 -26.40 -12.69
CA ASP A 521 -30.66 -26.29 -12.32
C ASP A 521 -30.89 -25.37 -11.13
N MET A 522 -30.22 -24.21 -11.15
CA MET A 522 -30.40 -23.20 -10.11
C MET A 522 -31.83 -22.67 -10.09
N TYR A 523 -32.18 -22.06 -8.96
CA TYR A 523 -33.50 -21.48 -8.78
C TYR A 523 -33.35 -20.15 -8.06
N GLU A 524 -33.94 -19.12 -8.60
CA GLU A 524 -34.04 -17.84 -7.92
C GLU A 524 -35.48 -17.60 -7.52
N PRO A 525 -35.75 -17.16 -6.30
CA PRO A 525 -37.11 -16.72 -5.97
C PRO A 525 -37.46 -15.47 -6.76
N GLU A 526 -38.73 -15.36 -7.12
CA GLU A 526 -39.16 -14.30 -8.02
C GLU A 526 -39.15 -12.96 -7.31
N GLY A 527 -38.41 -12.01 -7.85
CA GLY A 527 -38.29 -10.70 -7.25
C GLY A 527 -37.14 -10.54 -6.28
N VAL A 528 -36.28 -11.53 -6.14
CA VAL A 528 -35.17 -11.49 -5.19
C VAL A 528 -33.87 -11.55 -5.98
N LYS A 529 -32.91 -10.70 -5.61
CA LYS A 529 -31.57 -10.73 -6.17
C LYS A 529 -30.58 -10.89 -5.03
N ILE A 530 -29.66 -11.84 -5.16
CA ILE A 530 -28.63 -12.09 -4.16
C ILE A 530 -27.30 -11.72 -4.79
N PHE A 531 -26.67 -10.68 -4.26
CA PHE A 531 -25.44 -10.16 -4.81
C PHE A 531 -24.29 -10.39 -3.83
N ARG A 532 -23.11 -10.71 -4.34
CA ARG A 532 -21.98 -11.04 -3.49
C ARG A 532 -20.72 -10.34 -3.98
N CYS A 533 -20.06 -9.62 -3.08
CA CYS A 533 -18.75 -9.03 -3.34
C CYS A 533 -17.72 -9.75 -2.49
N PRO A 534 -16.78 -10.48 -3.09
CA PRO A 534 -15.85 -11.31 -2.31
C PRO A 534 -14.56 -10.59 -1.93
N SER A 535 -14.69 -9.42 -1.32
CA SER A 535 -13.53 -8.55 -1.09
C SER A 535 -13.91 -7.52 -0.06
N PRO A 536 -12.95 -7.01 0.71
CA PRO A 536 -13.21 -5.81 1.51
C PRO A 536 -13.45 -4.62 0.61
N ILE A 537 -14.38 -3.76 1.02
CA ILE A 537 -14.78 -2.62 0.23
C ILE A 537 -14.17 -1.38 0.87
N TYR A 538 -13.34 -0.67 0.11
CA TYR A 538 -12.65 0.51 0.62
C TYR A 538 -12.67 1.54 -0.50
N PHE A 539 -11.79 2.55 -0.41
CA PHE A 539 -11.87 3.71 -1.28
C PHE A 539 -11.58 3.38 -2.74
N ALA A 540 -10.75 2.38 -3.00
CA ALA A 540 -10.41 2.00 -4.36
C ALA A 540 -11.37 0.98 -4.93
N ASN A 541 -12.51 0.78 -4.28
CA ASN A 541 -13.36 -0.37 -4.53
C ASN A 541 -14.83 -0.05 -4.64
N ILE A 542 -15.28 1.11 -4.19
CA ILE A 542 -16.70 1.32 -3.96
C ILE A 542 -17.43 1.71 -5.24
N GLY A 543 -16.77 2.43 -6.15
CA GLY A 543 -17.40 2.75 -7.42
C GLY A 543 -17.57 1.54 -8.31
N PHE A 544 -16.60 0.63 -8.29
CA PHE A 544 -16.71 -0.62 -9.00
C PHE A 544 -17.82 -1.49 -8.43
N PHE A 545 -17.96 -1.50 -7.10
CA PHE A 545 -19.02 -2.23 -6.43
C PHE A 545 -20.39 -1.68 -6.81
N ARG A 546 -20.52 -0.36 -6.89
CA ARG A 546 -21.79 0.25 -7.26
C ARG A 546 -22.15 -0.04 -8.72
N ARG A 547 -21.15 0.01 -9.61
CA ARG A 547 -21.40 -0.31 -11.02
C ARG A 547 -21.81 -1.76 -11.20
N LYS A 548 -21.16 -2.68 -10.47
CA LYS A 548 -21.51 -4.09 -10.59
C LYS A 548 -22.86 -4.40 -9.98
N LEU A 549 -23.23 -3.73 -8.90
CA LEU A 549 -24.55 -3.93 -8.32
C LEU A 549 -25.64 -3.39 -9.24
N ILE A 550 -25.37 -2.26 -9.90
CA ILE A 550 -26.37 -1.67 -10.78
C ILE A 550 -26.55 -2.52 -12.04
N ASP A 551 -25.47 -3.04 -12.61
CA ASP A 551 -25.72 -3.89 -13.77
C ASP A 551 -26.07 -5.33 -13.40
N ALA A 552 -26.02 -5.69 -12.11
CA ALA A 552 -26.55 -6.98 -11.69
C ALA A 552 -28.05 -6.92 -11.44
N VAL A 553 -28.55 -5.83 -10.85
CA VAL A 553 -30.00 -5.75 -10.64
C VAL A 553 -30.75 -5.37 -11.90
N GLY A 554 -30.07 -4.81 -12.90
CA GLY A 554 -30.69 -4.52 -14.17
C GLY A 554 -31.14 -3.09 -14.38
N PHE A 555 -31.01 -2.24 -13.38
CA PHE A 555 -31.45 -0.85 -13.50
C PHE A 555 -30.65 -0.01 -12.51
N SER A 556 -30.86 1.30 -12.57
CA SER A 556 -30.30 2.22 -11.59
C SER A 556 -31.43 2.80 -10.76
N PRO A 557 -31.39 2.68 -9.44
CA PRO A 557 -32.52 3.15 -8.63
C PRO A 557 -32.71 4.66 -8.62
N LEU A 558 -31.66 5.44 -8.92
CA LEU A 558 -31.82 6.88 -9.02
C LEU A 558 -32.68 7.28 -10.20
N ARG A 559 -32.54 6.56 -11.32
CA ARG A 559 -33.34 6.87 -12.50
C ARG A 559 -34.81 6.57 -12.28
N ILE A 560 -35.11 5.44 -11.64
CA ILE A 560 -36.49 5.07 -11.32
C ILE A 560 -37.08 6.06 -10.32
N LEU A 561 -36.28 6.48 -9.33
CA LEU A 561 -36.77 7.45 -8.35
C LEU A 561 -37.05 8.80 -9.00
N ARG A 562 -36.19 9.24 -9.92
CA ARG A 562 -36.39 10.53 -10.57
C ARG A 562 -37.58 10.50 -11.53
N LYS A 563 -37.76 9.40 -12.26
CA LYS A 563 -38.88 9.32 -13.17
C LYS A 563 -40.20 9.15 -12.43
N ARG A 564 -40.18 8.48 -11.28
CA ARG A 564 -41.36 8.41 -10.43
C ARG A 564 -41.71 9.79 -9.86
N ASN A 565 -40.70 10.57 -9.49
CA ASN A 565 -40.96 11.91 -8.98
C ASN A 565 -41.48 12.84 -10.06
N LYS A 566 -40.98 12.68 -11.29
CA LYS A 566 -41.50 13.46 -12.42
C LYS A 566 -42.95 13.10 -12.73
N ALA A 567 -43.27 11.81 -12.69
CA ALA A 567 -44.65 11.37 -12.91
C ALA A 567 -45.56 11.88 -11.80
N LEU A 568 -45.08 11.90 -10.57
CA LEU A 568 -45.89 12.40 -9.46
C LEU A 568 -46.10 13.89 -9.56
N ARG A 569 -45.11 14.64 -10.05
CA ARG A 569 -45.28 16.07 -10.22
C ARG A 569 -46.26 16.38 -11.35
N LYS A 570 -46.23 15.59 -12.43
CA LYS A 570 -47.22 15.77 -13.48
C LYS A 570 -48.62 15.39 -13.02
N ILE A 571 -48.75 14.36 -12.20
CA ILE A 571 -50.05 13.95 -11.66
C ILE A 571 -50.60 15.02 -10.73
N ARG A 572 -49.75 15.60 -9.88
CA ARG A 572 -50.19 16.67 -9.00
C ARG A 572 -50.51 17.94 -9.76
N LYS A 573 -49.85 18.17 -10.89
CA LYS A 573 -50.19 19.32 -11.72
C LYS A 573 -51.54 19.12 -12.40
N LEU A 574 -51.82 17.90 -12.86
CA LEU A 574 -53.12 17.62 -13.46
C LEU A 574 -54.25 17.60 -12.45
N GLN A 575 -53.93 17.44 -11.15
CA GLN A 575 -54.97 17.43 -10.13
C GLN A 575 -55.43 18.84 -9.81
N LYS A 576 -54.53 19.83 -9.96
CA LYS A 576 -54.92 21.22 -9.71
C LYS A 576 -55.85 21.75 -10.80
N GLN A 577 -55.72 21.23 -12.01
CA GLN A 577 -56.59 21.61 -13.11
C GLN A 577 -57.90 20.84 -13.13
N GLY A 578 -58.13 19.96 -12.15
CA GLY A 578 -59.36 19.20 -12.11
C GLY A 578 -59.46 18.09 -13.13
N LEU A 579 -58.34 17.73 -13.76
CA LEU A 579 -58.34 16.69 -14.78
C LEU A 579 -58.24 15.29 -14.21
N LEU A 580 -57.87 15.14 -12.93
CA LEU A 580 -57.78 13.85 -12.28
C LEU A 580 -58.52 13.96 -10.95
N GLN A 581 -59.79 13.63 -10.95
CA GLN A 581 -60.56 13.59 -9.72
C GLN A 581 -60.27 12.28 -9.01
N VAL A 582 -59.63 12.36 -7.84
CA VAL A 582 -59.17 11.17 -7.15
C VAL A 582 -60.32 10.53 -6.38
N THR A 583 -60.49 9.23 -6.57
CA THR A 583 -61.46 8.43 -5.84
C THR A 583 -60.74 7.67 -4.74
N PRO A 584 -61.45 6.91 -3.89
CA PRO A 584 -60.76 5.86 -3.10
C PRO A 584 -59.93 4.88 -3.92
N LYS A 585 -60.29 4.62 -5.18
CA LYS A 585 -59.49 3.76 -6.04
C LYS A 585 -59.55 4.31 -7.45
N GLY A 586 -58.40 4.43 -8.11
CA GLY A 586 -58.36 4.76 -9.52
C GLY A 586 -58.52 6.23 -9.86
N PHE A 587 -57.78 6.69 -10.87
CA PHE A 587 -57.98 8.03 -11.39
C PHE A 587 -59.06 8.03 -12.47
N ILE A 588 -59.91 9.06 -12.45
CA ILE A 588 -61.11 9.13 -13.28
C ILE A 588 -60.82 9.58 -14.71
N CYS A 589 -59.84 10.48 -14.90
CA CYS A 589 -59.27 10.86 -16.20
C CYS A 589 -60.30 11.48 -17.15
N THR A 590 -60.79 12.67 -16.80
CA THR A 590 -61.89 13.28 -17.55
C THR A 590 -61.37 14.10 -18.74
N VAL A 591 -60.42 13.48 -19.45
CA VAL A 591 -59.82 13.89 -20.73
C VAL A 591 -59.38 12.58 -21.37
N ASP A 592 -59.66 12.39 -22.65
CA ASP A 592 -59.13 11.22 -23.33
C ASP A 592 -57.61 11.32 -23.52
N THR A 593 -57.11 12.45 -24.01
CA THR A 593 -55.68 12.56 -24.33
C THR A 593 -55.26 14.03 -24.32
N ILE A 594 -54.25 14.35 -23.54
CA ILE A 594 -53.60 15.66 -23.57
C ILE A 594 -52.39 15.57 -24.49
N LYS A 595 -51.87 16.73 -24.90
CA LYS A 595 -50.97 16.80 -26.05
C LYS A 595 -49.49 16.75 -25.69
N ASP A 596 -49.11 16.01 -24.64
CA ASP A 596 -47.72 15.68 -24.28
C ASP A 596 -46.91 16.96 -24.01
N SER A 597 -47.29 17.63 -22.93
CA SER A 597 -46.55 18.79 -22.43
C SER A 597 -45.63 18.33 -21.31
N ASP A 598 -44.35 18.15 -21.63
CA ASP A 598 -43.36 17.84 -20.62
C ASP A 598 -42.74 19.13 -20.13
N GLU A 599 -42.42 19.19 -18.85
CA GLU A 599 -41.88 20.38 -18.23
C GLU A 599 -40.48 20.10 -17.72
N GLU A 600 -39.56 21.03 -17.98
CA GLU A 600 -38.16 20.90 -17.62
C GLU A 600 -37.86 21.78 -16.43
N LEU A 601 -37.27 21.20 -15.39
CA LEU A 601 -36.96 21.99 -14.21
C LEU A 601 -35.68 22.78 -14.43
N ASP A 602 -35.53 23.84 -13.65
CA ASP A 602 -34.31 24.63 -13.69
C ASP A 602 -33.25 23.96 -12.83
N ASN A 603 -32.04 24.48 -12.93
CA ASN A 603 -31.08 24.24 -11.86
C ASN A 603 -31.50 25.05 -10.65
N ASN A 604 -30.93 24.68 -9.49
CA ASN A 604 -31.33 25.04 -8.12
C ASN A 604 -32.67 24.43 -7.73
N GLN A 605 -33.25 23.58 -8.60
CA GLN A 605 -34.55 22.99 -8.37
C GLN A 605 -34.61 21.54 -8.80
N ILE A 606 -33.54 20.98 -9.34
CA ILE A 606 -33.63 19.63 -9.91
C ILE A 606 -33.50 18.57 -8.82
N GLU A 607 -32.91 18.91 -7.66
CA GLU A 607 -32.61 17.90 -6.66
C GLU A 607 -33.86 17.47 -5.91
N VAL A 608 -34.98 18.18 -6.08
CA VAL A 608 -36.25 17.71 -5.54
C VAL A 608 -36.78 16.49 -6.28
N LEU A 609 -36.17 16.11 -7.40
CA LEU A 609 -36.46 14.81 -7.98
C LEU A 609 -35.83 13.66 -7.22
N ASP A 610 -34.90 13.94 -6.31
CA ASP A 610 -34.24 12.89 -5.54
C ASP A 610 -34.84 12.72 -4.15
N GLN A 611 -35.91 13.34 -3.87
CA GLN A 611 -36.52 13.25 -2.56
C GLN A 611 -37.42 12.02 -2.48
N PRO A 612 -37.59 11.45 -1.28
CA PRO A 612 -38.47 10.29 -1.14
C PRO A 612 -39.93 10.65 -1.37
N ILE A 613 -40.66 9.72 -1.96
CA ILE A 613 -42.04 9.95 -2.35
C ILE A 613 -42.94 9.75 -1.14
N ASN A 614 -43.77 10.74 -0.85
CA ASN A 614 -44.75 10.67 0.23
C ASN A 614 -46.10 11.07 -0.35
N THR A 615 -46.80 10.10 -0.93
CA THR A 615 -48.11 10.34 -1.53
C THR A 615 -49.26 10.12 -0.54
N THR A 616 -49.18 10.80 0.60
CA THR A 616 -50.23 10.72 1.60
C THR A 616 -51.42 11.61 1.29
N ASP A 617 -51.27 12.58 0.37
CA ASP A 617 -52.41 13.43 0.01
C ASP A 617 -53.43 12.70 -0.87
N LEU A 618 -53.05 11.61 -1.49
CA LEU A 618 -54.03 10.84 -2.25
C LEU A 618 -54.48 9.62 -1.45
N PRO A 619 -55.79 9.34 -1.40
CA PRO A 619 -56.24 8.10 -0.75
C PRO A 619 -55.95 6.86 -1.57
N PHE A 620 -55.79 7.00 -2.88
CA PHE A 620 -55.49 5.87 -3.74
C PHE A 620 -54.01 5.53 -3.66
N HIS A 621 -53.71 4.25 -3.48
CA HIS A 621 -52.33 3.79 -3.39
C HIS A 621 -51.75 3.67 -4.80
N ILE A 622 -50.76 4.51 -5.11
CA ILE A 622 -50.15 4.48 -6.43
C ILE A 622 -49.25 3.25 -6.55
N ASP A 623 -49.43 2.50 -7.63
CA ASP A 623 -48.81 1.19 -7.77
C ASP A 623 -47.38 1.23 -8.29
N TRP A 624 -47.10 2.14 -9.24
CA TRP A 624 -45.84 2.32 -9.95
C TRP A 624 -45.43 1.12 -10.80
N ASN A 625 -46.31 0.13 -10.97
CA ASN A 625 -45.94 -1.03 -11.76
C ASN A 625 -47.00 -1.51 -12.74
N ASP A 626 -48.24 -1.05 -12.66
CA ASP A 626 -49.25 -1.59 -13.56
C ASP A 626 -49.39 -0.75 -14.82
N ASP A 627 -49.84 0.49 -14.67
CA ASP A 627 -50.14 1.43 -15.75
C ASP A 627 -50.43 2.80 -15.17
N LEU A 628 -49.82 3.84 -15.72
CA LEU A 628 -50.22 5.14 -15.22
C LEU A 628 -51.00 5.90 -16.28
N PRO A 629 -52.02 6.66 -15.88
CA PRO A 629 -52.94 7.24 -16.86
C PRO A 629 -52.31 8.38 -17.67
N LEU A 630 -52.97 8.67 -18.79
CA LEU A 630 -52.62 9.77 -19.71
C LEU A 630 -51.20 9.60 -20.25
N ASN A 631 -50.81 8.34 -20.50
CA ASN A 631 -49.59 7.95 -21.20
C ASN A 631 -48.32 8.45 -20.48
N ILE A 632 -48.20 8.06 -19.21
CA ILE A 632 -47.00 8.33 -18.44
C ILE A 632 -46.27 7.00 -18.24
N GLU A 633 -45.05 6.89 -18.77
CA GLU A 633 -44.45 5.59 -18.98
C GLU A 633 -43.90 4.99 -17.68
N VAL A 634 -43.04 5.72 -16.96
CA VAL A 634 -42.42 5.40 -15.65
C VAL A 634 -41.98 3.94 -15.53
N PRO A 635 -40.77 3.62 -16.03
CA PRO A 635 -40.35 2.22 -16.28
C PRO A 635 -40.42 1.30 -15.07
N LYS A 636 -40.92 0.09 -15.31
CA LYS A 636 -41.29 -0.82 -14.23
C LYS A 636 -40.13 -1.73 -13.88
N ILE A 637 -40.10 -2.14 -12.61
CA ILE A 637 -39.11 -3.08 -12.11
C ILE A 637 -39.84 -4.28 -11.54
N SER A 638 -39.18 -5.44 -11.60
CA SER A 638 -39.71 -6.65 -11.00
C SER A 638 -39.06 -6.97 -9.67
N LEU A 639 -37.99 -6.27 -9.32
CA LEU A 639 -37.32 -6.49 -8.06
C LEU A 639 -38.12 -5.94 -6.90
N HIS A 640 -38.17 -6.69 -5.80
CA HIS A 640 -38.71 -6.16 -4.56
C HIS A 640 -37.85 -6.46 -3.35
N SER A 641 -36.78 -7.24 -3.48
CA SER A 641 -35.92 -7.56 -2.37
C SER A 641 -34.51 -7.80 -2.87
N LEU A 642 -33.53 -7.23 -2.18
CA LEU A 642 -32.13 -7.35 -2.56
C LEU A 642 -31.34 -7.83 -1.36
N ILE A 643 -30.55 -8.88 -1.54
CA ILE A 643 -29.76 -9.47 -0.47
C ILE A 643 -28.29 -9.28 -0.82
N LEU A 644 -27.54 -8.66 0.09
CA LEU A 644 -26.10 -8.46 -0.07
C LEU A 644 -25.37 -9.46 0.81
N ASP A 645 -24.55 -10.30 0.20
CA ASP A 645 -23.79 -11.32 0.92
C ASP A 645 -22.46 -10.71 1.33
N PHE A 646 -22.43 -10.12 2.52
CA PHE A 646 -21.23 -9.46 3.02
C PHE A 646 -20.40 -10.39 3.90
N SER A 647 -20.17 -11.61 3.44
CA SER A 647 -19.46 -12.56 4.30
C SER A 647 -17.95 -12.49 4.11
N ALA A 648 -17.49 -12.10 2.93
CA ALA A 648 -16.07 -11.92 2.67
C ALA A 648 -15.64 -10.47 2.77
N VAL A 649 -16.55 -9.57 3.10
CA VAL A 649 -16.23 -8.16 3.28
C VAL A 649 -15.60 -8.02 4.66
N SER A 650 -14.30 -7.80 4.71
CA SER A 650 -13.59 -7.77 5.98
C SER A 650 -13.72 -6.42 6.67
N PHE A 651 -13.67 -5.33 5.91
CA PHE A 651 -13.78 -4.00 6.50
C PHE A 651 -14.39 -3.03 5.50
N LEU A 652 -14.86 -1.91 6.02
CA LEU A 652 -15.21 -0.72 5.26
C LEU A 652 -14.42 0.43 5.84
N ASP A 653 -14.27 1.54 5.09
CA ASP A 653 -13.53 2.60 5.77
C ASP A 653 -14.30 3.89 6.05
N VAL A 654 -14.51 4.75 5.06
CA VAL A 654 -15.38 5.92 5.19
C VAL A 654 -16.14 6.04 3.89
N SER A 655 -15.38 5.99 2.79
CA SER A 655 -15.93 6.09 1.44
C SER A 655 -16.90 4.96 1.16
N SER A 656 -16.61 3.78 1.70
CA SER A 656 -17.50 2.64 1.57
C SER A 656 -18.79 2.85 2.33
N VAL A 657 -18.71 3.42 3.52
CA VAL A 657 -19.91 3.61 4.32
C VAL A 657 -20.80 4.69 3.70
N ARG A 658 -20.18 5.74 3.13
CA ARG A 658 -20.94 6.76 2.44
C ARG A 658 -21.59 6.21 1.16
N GLY A 659 -20.81 5.48 0.36
CA GLY A 659 -21.36 4.94 -0.87
C GLY A 659 -22.41 3.87 -0.63
N LEU A 660 -22.21 3.05 0.39
CA LEU A 660 -23.18 2.02 0.73
C LEU A 660 -24.45 2.62 1.32
N LYS A 661 -24.31 3.68 2.12
CA LYS A 661 -25.48 4.37 2.63
C LYS A 661 -26.27 5.02 1.50
N SER A 662 -25.57 5.56 0.50
CA SER A 662 -26.24 6.12 -0.68
C SER A 662 -26.98 5.04 -1.47
N ILE A 663 -26.33 3.89 -1.68
CA ILE A 663 -26.93 2.79 -2.44
C ILE A 663 -28.18 2.27 -1.73
N LEU A 664 -28.08 2.04 -0.43
CA LEU A 664 -29.22 1.51 0.33
C LEU A 664 -30.34 2.52 0.44
N GLN A 665 -30.02 3.81 0.52
CA GLN A 665 -31.07 4.82 0.57
C GLN A 665 -31.79 4.94 -0.76
N GLU A 666 -31.06 4.81 -1.87
CA GLU A 666 -31.70 4.83 -3.18
C GLU A 666 -32.54 3.60 -3.41
N PHE A 667 -32.14 2.46 -2.86
CA PHE A 667 -32.93 1.26 -3.04
C PHE A 667 -34.17 1.24 -2.15
N ILE A 668 -34.08 1.82 -0.95
CA ILE A 668 -35.21 1.81 -0.03
C ILE A 668 -36.32 2.74 -0.54
N ARG A 669 -35.94 3.86 -1.15
CA ARG A 669 -36.90 4.86 -1.58
C ARG A 669 -37.73 4.44 -2.79
N ILE A 670 -37.34 3.41 -3.52
CA ILE A 670 -38.17 2.85 -4.57
C ILE A 670 -38.87 1.58 -4.12
N LYS A 671 -39.03 1.40 -2.80
CA LYS A 671 -39.78 0.31 -2.16
C LYS A 671 -39.17 -1.06 -2.47
N VAL A 672 -37.85 -1.13 -2.35
CA VAL A 672 -37.10 -2.38 -2.47
C VAL A 672 -36.41 -2.63 -1.15
N ASP A 673 -36.74 -3.73 -0.50
CA ASP A 673 -36.14 -4.05 0.80
C ASP A 673 -34.73 -4.58 0.60
N VAL A 674 -33.81 -4.09 1.42
CA VAL A 674 -32.42 -4.53 1.34
C VAL A 674 -32.10 -5.35 2.58
N TYR A 675 -31.22 -6.33 2.41
CA TYR A 675 -30.81 -7.20 3.50
C TYR A 675 -29.30 -7.41 3.38
N ILE A 676 -28.57 -7.08 4.41
CA ILE A 676 -27.14 -7.39 4.49
C ILE A 676 -27.00 -8.64 5.33
N VAL A 677 -26.17 -9.57 4.86
CA VAL A 677 -26.21 -10.96 5.30
C VAL A 677 -24.79 -11.49 5.39
N GLY A 678 -24.47 -12.16 6.49
CA GLY A 678 -23.24 -12.93 6.58
C GLY A 678 -22.14 -12.30 7.42
N THR A 679 -22.42 -11.24 8.13
CA THR A 679 -21.42 -10.52 8.90
C THR A 679 -21.36 -11.05 10.32
N ASP A 680 -20.28 -10.72 11.01
CA ASP A 680 -20.17 -11.02 12.43
C ASP A 680 -20.55 -9.78 13.23
N ASP A 681 -20.52 -9.91 14.57
CA ASP A 681 -20.97 -8.84 15.44
C ASP A 681 -20.02 -7.67 15.48
N ASP A 682 -18.73 -7.90 15.22
CA ASP A 682 -17.76 -6.83 15.16
C ASP A 682 -18.03 -5.88 13.99
N PHE A 683 -18.55 -6.41 12.89
CA PHE A 683 -18.87 -5.61 11.72
C PHE A 683 -20.00 -4.62 12.02
N ILE A 684 -21.05 -5.08 12.67
CA ILE A 684 -22.16 -4.21 13.02
C ILE A 684 -21.77 -3.26 14.13
N GLU A 685 -20.89 -3.71 15.02
CA GLU A 685 -20.40 -2.84 16.10
C GLU A 685 -19.55 -1.71 15.56
N LYS A 686 -18.81 -1.96 14.47
CA LYS A 686 -18.09 -0.87 13.82
C LYS A 686 -19.01 0.01 13.00
N LEU A 687 -20.06 -0.56 12.38
CA LEU A 687 -21.02 0.27 11.65
C LEU A 687 -21.84 1.16 12.56
N ASN A 688 -21.96 0.82 13.84
CA ASN A 688 -22.67 1.71 14.75
C ASN A 688 -21.92 3.01 15.00
N ARG A 689 -20.60 3.02 14.83
CA ARG A 689 -19.82 4.25 14.99
C ARG A 689 -19.89 5.17 13.78
N TYR A 690 -20.33 4.69 12.64
CA TYR A 690 -20.19 5.40 11.38
C TYR A 690 -21.34 6.31 11.07
N GLU A 691 -22.25 6.53 12.03
CA GLU A 691 -23.51 7.27 11.84
C GLU A 691 -24.32 6.68 10.68
N PHE A 692 -24.36 5.35 10.63
CA PHE A 692 -24.91 4.63 9.49
C PHE A 692 -26.42 4.44 9.61
N PHE A 693 -26.89 4.07 10.79
CA PHE A 693 -28.30 3.76 10.98
C PHE A 693 -29.07 5.03 11.34
N ASP A 694 -30.26 5.15 10.77
CA ASP A 694 -31.12 6.30 10.99
C ASP A 694 -32.56 5.82 10.88
N GLY A 695 -33.49 6.76 10.66
CA GLY A 695 -34.89 6.39 10.54
C GLY A 695 -35.23 5.67 9.25
N GLU A 696 -34.35 5.71 8.25
CA GLU A 696 -34.58 5.04 6.97
C GLU A 696 -33.83 3.72 6.87
N VAL A 697 -32.52 3.73 7.08
CA VAL A 697 -31.71 2.51 7.11
C VAL A 697 -31.68 2.04 8.55
N LYS A 698 -32.46 1.01 8.87
CA LYS A 698 -32.51 0.52 10.23
C LYS A 698 -31.54 -0.64 10.41
N SER A 699 -31.37 -1.06 11.66
CA SER A 699 -30.51 -2.18 11.96
C SER A 699 -31.22 -3.52 11.79
N SER A 700 -32.50 -3.51 11.43
CA SER A 700 -33.26 -4.71 11.21
C SER A 700 -33.06 -5.28 9.82
N ILE A 701 -32.15 -4.71 9.03
CA ILE A 701 -31.82 -5.26 7.72
C ILE A 701 -30.74 -6.32 7.78
N PHE A 702 -30.13 -6.54 8.93
CA PHE A 702 -29.07 -7.52 9.05
C PHE A 702 -29.65 -8.87 9.41
N PHE A 703 -29.24 -9.91 8.69
CA PHE A 703 -29.69 -11.26 8.95
C PHE A 703 -28.49 -12.17 9.11
N LEU A 704 -28.75 -13.40 9.56
CA LEU A 704 -27.66 -14.32 9.86
C LEU A 704 -27.09 -14.95 8.59
N THR A 705 -27.93 -15.65 7.85
CA THR A 705 -27.51 -16.35 6.64
C THR A 705 -28.42 -15.93 5.49
N ILE A 706 -28.06 -16.38 4.28
CA ILE A 706 -28.85 -16.05 3.09
C ILE A 706 -30.21 -16.72 3.16
N HIS A 707 -30.26 -17.95 3.67
CA HIS A 707 -31.52 -18.67 3.76
C HIS A 707 -32.45 -18.04 4.78
N ASP A 708 -31.89 -17.40 5.82
CA ASP A 708 -32.70 -16.64 6.77
C ASP A 708 -33.44 -15.51 6.10
N ALA A 709 -32.72 -14.73 5.29
CA ALA A 709 -33.32 -13.60 4.60
C ALA A 709 -34.32 -14.06 3.55
N VAL A 710 -34.02 -15.16 2.85
CA VAL A 710 -34.93 -15.67 1.82
C VAL A 710 -36.21 -16.19 2.45
N LEU A 711 -36.12 -16.89 3.58
CA LEU A 711 -37.31 -17.37 4.25
C LEU A 711 -38.11 -16.22 4.86
N HIS A 712 -37.43 -15.17 5.31
CA HIS A 712 -38.13 -14.00 5.82
C HIS A 712 -38.89 -13.28 4.70
N ILE A 713 -38.28 -13.20 3.52
CA ILE A 713 -38.93 -12.58 2.36
C ILE A 713 -40.17 -13.38 1.97
N LEU A 714 -40.02 -14.70 1.87
CA LEU A 714 -41.14 -15.55 1.46
C LEU A 714 -42.24 -15.58 2.50
N MET A 715 -41.91 -15.39 3.78
CA MET A 715 -42.95 -15.32 4.79
C MET A 715 -43.65 -13.97 4.77
N LYS A 716 -42.92 -12.89 4.52
CA LYS A 716 -43.53 -11.57 4.57
C LYS A 716 -44.30 -11.23 3.32
N LYS A 717 -44.05 -11.91 2.20
CA LYS A 717 -44.88 -11.68 1.02
C LYS A 717 -46.26 -12.29 1.21
N ASP A 718 -46.33 -13.61 1.38
CA ASP A 718 -47.58 -14.28 1.73
C ASP A 718 -47.30 -15.56 2.50
N GLN B 1 -40.47 -20.83 9.51
CA GLN B 1 -39.43 -21.48 10.28
C GLN B 1 -38.35 -22.06 9.37
N TYR B 2 -37.13 -22.16 9.89
CA TYR B 2 -35.97 -22.63 9.15
C TYR B 2 -35.91 -24.16 9.29
N ILE B 3 -36.21 -24.87 8.21
CA ILE B 3 -36.22 -26.33 8.23
C ILE B 3 -35.42 -26.81 7.02
N VAL B 4 -34.34 -27.56 7.28
CA VAL B 4 -33.43 -28.01 6.24
C VAL B 4 -33.16 -29.49 6.48
N ALA B 5 -33.33 -30.30 5.43
CA ALA B 5 -32.94 -31.71 5.48
C ALA B 5 -32.21 -32.04 4.19
N ARG B 6 -30.90 -32.20 4.27
CA ARG B 6 -30.03 -32.40 3.11
C ARG B 6 -28.90 -33.31 3.54
N PRO B 7 -28.16 -33.89 2.59
CA PRO B 7 -26.96 -34.65 2.96
C PRO B 7 -25.79 -33.75 3.32
N VAL B 8 -24.83 -34.34 4.02
CA VAL B 8 -23.61 -33.63 4.41
C VAL B 8 -22.68 -33.56 3.21
N TYR B 9 -22.30 -32.36 2.81
CA TYR B 9 -21.52 -32.15 1.60
C TYR B 9 -20.11 -31.71 1.94
N SER B 10 -19.18 -31.99 1.04
CA SER B 10 -17.76 -31.85 1.33
C SER B 10 -17.00 -31.27 0.15
N THR B 11 -17.66 -30.46 -0.68
CA THR B 11 -17.12 -29.63 -1.77
C THR B 11 -16.50 -30.45 -2.91
N ASN B 12 -16.33 -31.75 -2.72
CA ASN B 12 -16.08 -32.70 -3.77
C ASN B 12 -17.29 -33.56 -4.00
N ALA B 13 -17.94 -33.98 -2.92
CA ALA B 13 -19.22 -34.67 -3.03
C ALA B 13 -20.33 -33.74 -3.49
N PHE B 14 -20.15 -32.43 -3.34
CA PHE B 14 -21.12 -31.51 -3.90
C PHE B 14 -20.99 -31.43 -5.41
N GLU B 15 -19.79 -31.59 -5.95
CA GLU B 15 -19.55 -31.47 -7.37
C GLU B 15 -19.69 -32.78 -8.11
N GLU B 16 -19.88 -33.90 -7.42
CA GLU B 16 -20.27 -35.12 -8.10
C GLU B 16 -21.79 -35.22 -8.27
N ASN B 17 -22.55 -34.54 -7.43
CA ASN B 17 -24.00 -34.63 -7.49
C ASN B 17 -24.64 -33.44 -8.17
N HIS B 18 -23.87 -32.40 -8.48
CA HIS B 18 -24.39 -31.19 -9.11
C HIS B 18 -23.44 -30.85 -10.25
N LYS B 19 -23.89 -31.10 -11.48
CA LYS B 19 -23.03 -30.97 -12.65
C LYS B 19 -22.76 -29.50 -12.96
N LYS B 20 -21.48 -29.15 -13.07
CA LYS B 20 -21.11 -27.79 -13.38
C LYS B 20 -21.27 -27.53 -14.88
N THR B 21 -21.42 -26.25 -15.22
CA THR B 21 -21.64 -25.89 -16.62
C THR B 21 -20.36 -25.95 -17.43
N GLY B 22 -19.20 -25.82 -16.77
CA GLY B 22 -17.93 -25.86 -17.46
C GLY B 22 -17.70 -24.66 -18.34
N ARG B 23 -17.57 -23.49 -17.74
CA ARG B 23 -17.33 -22.27 -18.51
C ARG B 23 -15.88 -22.24 -18.98
N HIS B 24 -15.70 -21.89 -20.25
CA HIS B 24 -14.38 -21.70 -20.83
C HIS B 24 -14.00 -20.24 -20.68
N HIS B 25 -13.18 -19.94 -19.68
CA HIS B 25 -12.80 -18.56 -19.43
C HIS B 25 -11.74 -18.11 -20.42
N LYS B 26 -11.58 -16.80 -20.52
CA LYS B 26 -10.99 -16.13 -21.68
C LYS B 26 -9.49 -16.02 -21.52
N THR B 27 -8.76 -16.22 -22.61
CA THR B 27 -7.30 -16.27 -22.61
C THR B 27 -6.73 -14.90 -22.98
N PHE B 28 -5.45 -14.90 -23.37
CA PHE B 28 -4.81 -13.64 -23.78
C PHE B 28 -4.91 -13.41 -25.27
N LEU B 29 -4.81 -14.48 -26.07
CA LEU B 29 -4.71 -14.29 -27.52
C LEU B 29 -6.05 -13.87 -28.12
N ASP B 30 -7.15 -14.23 -27.46
CA ASP B 30 -8.45 -13.70 -27.85
C ASP B 30 -8.77 -12.36 -27.20
N HIS B 31 -8.08 -12.00 -26.12
CA HIS B 31 -8.10 -10.60 -25.69
C HIS B 31 -7.41 -9.72 -26.72
N LEU B 32 -6.43 -10.26 -27.44
CA LEU B 32 -5.84 -9.51 -28.53
C LEU B 32 -6.51 -9.79 -29.87
N LYS B 33 -7.67 -10.45 -29.88
CA LYS B 33 -8.48 -10.46 -31.09
C LYS B 33 -9.79 -9.71 -30.93
N VAL B 34 -10.15 -9.31 -29.71
CA VAL B 34 -11.30 -8.43 -29.53
C VAL B 34 -10.90 -6.97 -29.67
N CYS B 35 -9.61 -6.67 -29.60
CA CYS B 35 -9.16 -5.29 -29.74
C CYS B 35 -8.80 -4.95 -31.17
N CYS B 36 -8.26 -5.92 -31.93
CA CYS B 36 -7.79 -5.64 -33.27
C CYS B 36 -8.86 -5.92 -34.32
N SER B 37 -9.99 -6.47 -33.92
CA SER B 37 -11.09 -6.73 -34.85
C SER B 37 -11.87 -5.45 -35.07
N CYS B 38 -11.57 -4.75 -36.15
CA CYS B 38 -12.22 -3.49 -36.47
C CYS B 38 -13.46 -3.74 -37.30
N SER B 39 -14.43 -2.82 -37.18
CA SER B 39 -15.72 -2.93 -37.83
C SER B 39 -16.20 -1.52 -38.14
N PRO B 40 -17.06 -1.35 -39.15
CA PRO B 40 -17.64 -0.02 -39.40
C PRO B 40 -18.50 0.52 -38.27
N GLN B 41 -19.01 -0.35 -37.39
CA GLN B 41 -19.69 0.14 -36.21
C GLN B 41 -18.70 0.54 -35.12
N LYS B 42 -17.62 -0.24 -34.98
CA LYS B 42 -16.62 0.03 -33.95
C LYS B 42 -15.84 1.30 -34.25
N ALA B 43 -15.54 1.56 -35.53
CA ALA B 43 -14.80 2.75 -35.91
C ALA B 43 -15.61 4.03 -35.68
N LYS B 44 -16.89 4.02 -36.03
CA LYS B 44 -17.73 5.18 -35.77
C LYS B 44 -18.00 5.36 -34.29
N ARG B 45 -18.11 4.25 -33.55
CA ARG B 45 -18.27 4.33 -32.10
C ARG B 45 -17.02 4.88 -31.43
N ILE B 46 -15.85 4.65 -32.02
CA ILE B 46 -14.63 5.23 -31.47
C ILE B 46 -14.53 6.71 -31.80
N VAL B 47 -14.74 7.08 -33.07
CA VAL B 47 -14.55 8.47 -33.47
C VAL B 47 -15.68 9.38 -33.03
N LEU B 48 -16.82 8.85 -32.59
CA LEU B 48 -17.78 9.70 -31.89
C LEU B 48 -17.48 9.83 -30.42
N SER B 49 -16.59 9.00 -29.89
CA SER B 49 -16.13 9.15 -28.52
C SER B 49 -14.86 9.98 -28.43
N LEU B 50 -14.14 10.13 -29.53
CA LEU B 50 -13.00 11.04 -29.55
C LEU B 50 -13.43 12.48 -29.79
N PHE B 51 -14.51 12.69 -30.54
CA PHE B 51 -15.08 14.01 -30.77
C PHE B 51 -16.50 14.00 -30.24
N PRO B 52 -16.70 14.25 -28.94
CA PRO B 52 -18.06 14.24 -28.39
C PRO B 52 -18.93 15.38 -28.89
N ILE B 53 -18.34 16.46 -29.42
CA ILE B 53 -19.12 17.56 -29.96
C ILE B 53 -19.87 17.14 -31.22
N ALA B 54 -19.47 16.05 -31.87
CA ALA B 54 -20.25 15.51 -32.97
C ALA B 54 -21.54 14.84 -32.52
N SER B 55 -21.73 14.64 -31.22
CA SER B 55 -22.92 13.97 -30.72
C SER B 55 -23.87 14.87 -29.95
N TRP B 56 -23.38 15.86 -29.19
CA TRP B 56 -24.30 16.70 -28.43
C TRP B 56 -24.65 18.01 -29.13
N LEU B 57 -23.87 18.44 -30.12
CA LEU B 57 -24.19 19.69 -30.78
C LEU B 57 -25.37 19.60 -31.76
N PRO B 58 -25.55 18.55 -32.59
CA PRO B 58 -26.81 18.47 -33.36
C PRO B 58 -28.02 18.13 -32.52
N ALA B 59 -27.86 17.69 -31.28
CA ALA B 59 -28.98 17.45 -30.38
C ALA B 59 -29.28 18.64 -29.49
N TYR B 60 -28.91 19.85 -29.93
CA TYR B 60 -29.07 21.03 -29.10
C TYR B 60 -30.50 21.52 -29.14
N ARG B 61 -31.08 21.73 -27.96
CA ARG B 61 -32.44 22.25 -27.84
C ARG B 61 -32.34 23.76 -27.82
N LEU B 62 -32.43 24.37 -28.99
CA LEU B 62 -32.21 25.81 -29.13
C LEU B 62 -33.50 26.61 -28.94
N LYS B 63 -34.27 26.22 -27.92
CA LYS B 63 -35.46 26.92 -27.46
C LYS B 63 -35.53 26.89 -25.94
N GLU B 64 -34.82 25.92 -25.35
CA GLU B 64 -34.83 25.73 -23.92
C GLU B 64 -33.48 26.00 -23.28
N TRP B 65 -32.42 26.13 -24.07
CA TRP B 65 -31.06 26.11 -23.56
C TRP B 65 -30.23 27.31 -23.96
N LEU B 66 -30.62 28.07 -24.97
CA LEU B 66 -29.71 29.07 -25.54
C LEU B 66 -29.58 30.29 -24.64
N LEU B 67 -30.70 30.78 -24.11
CA LEU B 67 -30.66 31.97 -23.27
C LEU B 67 -29.98 31.68 -21.94
N SER B 68 -30.22 30.49 -21.39
CA SER B 68 -29.57 30.09 -20.15
C SER B 68 -28.07 29.91 -20.35
N ASP B 69 -27.67 29.38 -21.51
CA ASP B 69 -26.25 29.23 -21.79
C ASP B 69 -25.57 30.59 -22.00
N ILE B 70 -26.28 31.55 -22.59
CA ILE B 70 -25.72 32.88 -22.79
C ILE B 70 -25.54 33.60 -21.46
N VAL B 71 -26.55 33.54 -20.59
CA VAL B 71 -26.48 34.19 -19.29
C VAL B 71 -25.41 33.56 -18.41
N SER B 72 -25.36 32.23 -18.38
CA SER B 72 -24.32 31.54 -17.63
C SER B 72 -22.94 31.78 -18.20
N GLY B 73 -22.82 31.94 -19.51
CA GLY B 73 -21.52 32.18 -20.10
C GLY B 73 -20.97 33.56 -19.78
N ILE B 74 -21.83 34.57 -19.79
CA ILE B 74 -21.41 35.91 -19.38
C ILE B 74 -21.01 35.92 -17.91
N SER B 75 -21.84 35.30 -17.06
CA SER B 75 -21.60 35.29 -15.63
C SER B 75 -20.35 34.50 -15.25
N THR B 76 -19.98 33.49 -16.05
CA THR B 76 -18.73 32.80 -15.75
C THR B 76 -17.53 33.41 -16.47
N GLY B 77 -17.75 34.17 -17.54
CA GLY B 77 -16.63 34.80 -18.22
C GLY B 77 -16.05 35.95 -17.45
N ILE B 78 -16.90 36.71 -16.75
CA ILE B 78 -16.39 37.79 -15.90
C ILE B 78 -15.55 37.23 -14.76
N VAL B 79 -16.04 36.16 -14.13
CA VAL B 79 -15.31 35.48 -13.06
C VAL B 79 -14.02 34.87 -13.59
N ALA B 80 -14.05 34.37 -14.83
CA ALA B 80 -12.85 33.79 -15.43
C ALA B 80 -11.77 34.84 -15.69
N VAL B 81 -12.19 36.05 -16.10
CA VAL B 81 -11.24 37.14 -16.28
C VAL B 81 -10.58 37.51 -14.96
N LEU B 82 -11.39 37.72 -13.92
CA LEU B 82 -10.84 38.13 -12.62
C LEU B 82 -9.98 37.05 -11.99
N GLN B 83 -10.39 35.79 -12.14
CA GLN B 83 -9.62 34.69 -11.57
C GLN B 83 -8.34 34.45 -12.34
N GLY B 84 -8.33 34.68 -13.66
CA GLY B 84 -7.09 34.56 -14.41
C GLY B 84 -6.08 35.62 -14.01
N LEU B 85 -6.55 36.86 -13.85
CA LEU B 85 -5.65 37.93 -13.38
C LEU B 85 -5.15 37.65 -11.97
N ALA B 86 -5.98 37.09 -11.11
CA ALA B 86 -5.54 36.81 -9.75
C ALA B 86 -4.59 35.62 -9.67
N PHE B 87 -4.82 34.59 -10.47
CA PHE B 87 -3.98 33.41 -10.39
C PHE B 87 -2.69 33.56 -11.17
N ALA B 88 -2.58 34.57 -12.03
CA ALA B 88 -1.28 34.86 -12.63
C ALA B 88 -0.28 35.41 -11.63
N LEU B 89 -0.74 35.94 -10.49
CA LEU B 89 0.16 36.44 -9.47
C LEU B 89 0.78 35.32 -8.66
N LEU B 90 0.11 34.17 -8.54
CA LEU B 90 0.68 33.03 -7.82
C LEU B 90 1.77 32.34 -8.61
N VAL B 91 1.86 32.58 -9.92
CA VAL B 91 2.95 32.08 -10.72
C VAL B 91 4.08 33.11 -10.81
N ASP B 92 3.79 34.37 -10.48
CA ASP B 92 4.69 35.51 -10.60
C ASP B 92 5.16 35.67 -12.06
N ILE B 93 4.18 35.88 -12.93
CA ILE B 93 4.40 36.26 -14.31
C ILE B 93 3.56 37.52 -14.50
N PRO B 94 3.66 38.25 -15.61
CA PRO B 94 2.73 39.37 -15.82
C PRO B 94 1.30 38.88 -15.91
N PRO B 95 0.33 39.73 -15.53
CA PRO B 95 -1.04 39.24 -15.34
C PRO B 95 -1.77 38.87 -16.61
N VAL B 96 -1.37 39.39 -17.77
CA VAL B 96 -2.07 39.07 -19.01
C VAL B 96 -1.92 37.61 -19.40
N TYR B 97 -0.85 36.95 -18.94
CA TYR B 97 -0.68 35.52 -19.15
C TYR B 97 -1.64 34.69 -18.31
N GLY B 98 -2.35 35.31 -17.37
CA GLY B 98 -3.46 34.62 -16.75
C GLY B 98 -4.63 34.48 -17.69
N LEU B 99 -4.87 35.51 -18.52
CA LEU B 99 -6.02 35.51 -19.40
C LEU B 99 -5.89 34.46 -20.50
N TYR B 100 -4.66 34.24 -20.98
CA TYR B 100 -4.41 33.16 -21.93
C TYR B 100 -4.64 31.81 -21.30
N ALA B 101 -4.50 31.70 -19.97
CA ALA B 101 -4.79 30.45 -19.31
C ALA B 101 -6.28 30.20 -19.20
N SER B 102 -7.12 31.21 -19.40
CA SER B 102 -8.56 31.04 -19.28
C SER B 102 -9.25 31.11 -20.64
N PHE B 103 -8.49 31.02 -21.72
CA PHE B 103 -9.05 31.07 -23.07
C PHE B 103 -8.84 29.78 -23.85
N PHE B 104 -7.61 29.31 -23.97
CA PHE B 104 -7.31 28.19 -24.85
C PHE B 104 -7.80 26.83 -24.35
N PRO B 105 -7.66 26.44 -23.07
CA PRO B 105 -8.26 25.17 -22.66
C PRO B 105 -9.77 25.16 -22.70
N ALA B 106 -10.42 26.30 -22.48
CA ALA B 106 -11.86 26.38 -22.60
C ALA B 106 -12.34 26.26 -24.04
N ILE B 107 -11.48 26.56 -25.01
CA ILE B 107 -11.83 26.38 -26.40
C ILE B 107 -11.59 24.95 -26.84
N ILE B 108 -10.49 24.34 -26.38
CA ILE B 108 -10.20 22.95 -26.76
C ILE B 108 -11.19 21.99 -26.10
N TYR B 109 -11.59 22.27 -24.85
CA TYR B 109 -12.53 21.41 -24.15
C TYR B 109 -13.93 21.46 -24.74
N LEU B 110 -14.27 22.54 -25.46
CA LEU B 110 -15.56 22.59 -26.15
C LEU B 110 -15.65 21.51 -27.22
N PHE B 111 -14.55 21.22 -27.88
CA PHE B 111 -14.53 20.18 -28.91
C PHE B 111 -14.27 18.80 -28.35
N PHE B 112 -13.39 18.65 -27.36
CA PHE B 112 -12.95 17.33 -26.96
C PHE B 112 -13.46 16.87 -25.60
N GLY B 113 -14.25 17.68 -24.90
CA GLY B 113 -14.63 17.37 -23.53
C GLY B 113 -15.98 16.71 -23.40
N THR B 114 -16.12 15.89 -22.34
CA THR B 114 -17.34 15.14 -22.09
C THR B 114 -18.26 15.76 -21.06
N SER B 115 -17.75 16.59 -20.16
CA SER B 115 -18.62 17.21 -19.17
C SER B 115 -19.41 18.36 -19.80
N ARG B 116 -20.49 18.72 -19.15
CA ARG B 116 -21.34 19.79 -19.61
C ARG B 116 -21.40 20.98 -18.67
N HIS B 117 -20.81 20.90 -17.49
CA HIS B 117 -21.04 21.90 -16.46
C HIS B 117 -19.78 22.44 -15.81
N ILE B 118 -18.62 21.95 -16.15
CA ILE B 118 -17.40 22.48 -15.56
C ILE B 118 -16.90 23.63 -16.42
N SER B 119 -16.19 24.54 -15.77
CA SER B 119 -15.56 25.68 -16.44
C SER B 119 -14.05 25.47 -16.39
N VAL B 120 -13.41 25.46 -17.55
CA VAL B 120 -12.02 25.06 -17.67
C VAL B 120 -11.14 26.30 -17.61
N GLY B 121 -10.10 26.25 -16.78
CA GLY B 121 -9.20 27.37 -16.62
C GLY B 121 -8.22 27.15 -15.49
N PRO B 122 -7.65 28.23 -14.97
CA PRO B 122 -6.72 28.08 -13.85
C PRO B 122 -7.45 27.99 -12.52
N PHE B 123 -6.84 27.27 -11.58
CA PHE B 123 -7.32 27.19 -10.22
C PHE B 123 -6.11 27.21 -9.30
N PRO B 124 -6.24 27.76 -8.06
CA PRO B 124 -5.05 28.28 -7.37
C PRO B 124 -4.05 27.24 -6.90
N ILE B 125 -4.48 26.00 -6.66
CA ILE B 125 -3.53 24.95 -6.27
C ILE B 125 -2.60 24.63 -7.43
N LEU B 126 -3.15 24.51 -8.64
CA LEU B 126 -2.32 24.24 -9.80
C LEU B 126 -1.44 25.42 -10.16
N SER B 127 -1.91 26.64 -9.95
CA SER B 127 -1.08 27.80 -10.25
C SER B 127 0.06 27.93 -9.26
N MET B 128 -0.17 27.56 -7.99
CA MET B 128 0.94 27.51 -7.04
C MET B 128 1.93 26.41 -7.39
N MET B 129 1.45 25.27 -7.87
CA MET B 129 2.35 24.20 -8.27
C MET B 129 3.17 24.59 -9.48
N VAL B 130 2.56 25.29 -10.44
CA VAL B 130 3.29 25.76 -11.61
C VAL B 130 4.32 26.81 -11.21
N GLY B 131 3.97 27.68 -10.25
CA GLY B 131 4.93 28.67 -9.77
C GLY B 131 6.11 28.04 -9.04
N LEU B 132 5.86 27.00 -8.26
CA LEU B 132 6.95 26.29 -7.59
C LEU B 132 7.83 25.55 -8.58
N ALA B 133 7.23 24.96 -9.62
CA ALA B 133 8.02 24.30 -10.65
C ALA B 133 8.84 25.27 -11.47
N VAL B 134 8.33 26.48 -11.71
CA VAL B 134 9.11 27.50 -12.42
C VAL B 134 10.26 27.97 -11.55
N SER B 135 10.03 28.18 -10.26
CA SER B 135 11.09 28.58 -9.36
C SER B 135 12.15 27.50 -9.21
N GLY B 136 11.76 26.24 -9.31
CA GLY B 136 12.74 25.17 -9.30
C GLY B 136 13.46 24.99 -10.62
N ALA B 137 12.83 25.39 -11.73
CA ALA B 137 13.45 25.23 -13.04
C ALA B 137 14.41 26.36 -13.37
N VAL B 138 14.14 27.58 -12.90
CA VAL B 138 15.07 28.68 -13.13
C VAL B 138 16.22 28.69 -12.14
N SER B 139 16.15 27.87 -11.10
CA SER B 139 17.25 27.70 -10.17
C SER B 139 18.13 26.52 -10.54
N LYS B 140 17.89 25.89 -11.67
CA LYS B 140 18.69 24.76 -12.13
C LYS B 140 19.19 24.92 -13.55
N ALA B 141 18.89 26.04 -14.20
CA ALA B 141 19.35 26.24 -15.57
C ALA B 141 20.82 26.64 -15.59
N VAL B 142 21.52 26.20 -16.62
CA VAL B 142 22.93 26.52 -16.76
C VAL B 142 23.08 27.97 -17.20
N PRO B 143 24.07 28.70 -16.69
CA PRO B 143 24.27 30.07 -17.14
C PRO B 143 24.94 30.10 -18.51
N ASP B 144 24.63 31.14 -19.28
CA ASP B 144 25.22 31.31 -20.60
C ASP B 144 26.44 32.23 -20.53
N SER B 160 17.90 44.84 -14.24
CA SER B 160 16.97 44.57 -15.32
C SER B 160 15.96 43.49 -14.92
N LEU B 161 14.83 43.92 -14.36
CA LEU B 161 13.78 43.00 -13.95
C LEU B 161 12.70 42.81 -15.02
N LEU B 162 13.02 43.13 -16.27
CA LEU B 162 12.20 42.69 -17.39
C LEU B 162 12.66 41.35 -17.93
N ASP B 163 13.92 40.98 -17.70
CA ASP B 163 14.45 39.74 -18.24
C ASP B 163 14.36 38.58 -17.28
N ASP B 164 14.17 38.82 -15.98
CA ASP B 164 14.00 37.71 -15.06
C ASP B 164 12.58 37.15 -15.09
N GLU B 165 11.62 37.92 -15.59
CA GLU B 165 10.26 37.44 -15.78
C GLU B 165 10.04 36.91 -17.19
N ARG B 166 10.90 37.24 -18.14
CA ARG B 166 10.86 36.58 -19.44
C ARG B 166 11.33 35.14 -19.35
N VAL B 167 12.15 34.80 -18.35
CA VAL B 167 12.54 33.42 -18.14
C VAL B 167 11.41 32.65 -17.47
N ARG B 168 10.68 33.30 -16.57
CA ARG B 168 9.59 32.63 -15.85
C ARG B 168 8.42 32.31 -16.76
N VAL B 169 8.17 33.17 -17.76
CA VAL B 169 7.09 32.92 -18.71
C VAL B 169 7.41 31.71 -19.59
N ALA B 170 8.65 31.61 -20.07
CA ALA B 170 9.05 30.49 -20.89
C ALA B 170 9.11 29.20 -20.08
N ALA B 171 9.50 29.29 -18.82
CA ALA B 171 9.50 28.10 -17.97
C ALA B 171 8.09 27.63 -17.66
N ALA B 172 7.15 28.58 -17.47
CA ALA B 172 5.76 28.22 -17.24
C ALA B 172 5.15 27.56 -18.47
N ALA B 173 5.44 28.11 -19.65
CA ALA B 173 4.95 27.53 -20.89
C ALA B 173 5.49 26.12 -21.10
N SER B 174 6.77 25.90 -20.80
CA SER B 174 7.36 24.57 -20.98
C SER B 174 6.81 23.57 -19.98
N VAL B 175 6.59 24.00 -18.74
CA VAL B 175 6.05 23.12 -17.71
C VAL B 175 4.64 22.68 -18.06
N THR B 176 3.82 23.60 -18.60
CA THR B 176 2.47 23.19 -18.92
C THR B 176 2.38 22.40 -20.22
N VAL B 177 3.31 22.60 -21.17
CA VAL B 177 3.35 21.73 -22.33
C VAL B 177 3.72 20.31 -21.93
N LEU B 178 4.66 20.16 -20.99
CA LEU B 178 5.01 18.82 -20.53
C LEU B 178 3.88 18.18 -19.72
N SER B 179 3.15 18.98 -18.94
CA SER B 179 2.01 18.44 -18.20
C SER B 179 0.89 18.00 -19.12
N GLY B 180 0.63 18.77 -20.18
CA GLY B 180 -0.35 18.36 -21.16
C GLY B 180 0.06 17.12 -21.94
N ILE B 181 1.36 16.97 -22.21
CA ILE B 181 1.85 15.77 -22.88
C ILE B 181 1.66 14.55 -22.00
N ILE B 182 1.94 14.68 -20.69
CA ILE B 182 1.75 13.56 -19.77
C ILE B 182 0.26 13.20 -19.65
N GLN B 183 -0.61 14.21 -19.57
CA GLN B 183 -2.05 13.94 -19.48
C GLN B 183 -2.58 13.29 -20.75
N LEU B 184 -2.14 13.75 -21.92
CA LEU B 184 -2.58 13.17 -23.18
C LEU B 184 -2.08 11.74 -23.35
N ALA B 185 -0.84 11.48 -22.89
CA ALA B 185 -0.32 10.13 -22.97
C ALA B 185 -1.05 9.18 -22.04
N PHE B 186 -1.46 9.65 -20.86
CA PHE B 186 -2.23 8.79 -19.97
C PHE B 186 -3.66 8.62 -20.44
N GLY B 187 -4.20 9.59 -21.18
CA GLY B 187 -5.50 9.39 -21.77
C GLY B 187 -5.50 8.45 -22.95
N ILE B 188 -4.40 8.42 -23.70
CA ILE B 188 -4.29 7.49 -24.82
C ILE B 188 -4.14 6.05 -24.30
N LEU B 189 -3.35 5.86 -23.26
CA LEU B 189 -3.07 4.53 -22.71
C LEU B 189 -4.20 3.96 -21.87
N ARG B 190 -5.36 4.62 -21.82
CA ARG B 190 -6.60 4.12 -21.20
C ARG B 190 -6.43 3.84 -19.71
N ILE B 191 -5.61 4.61 -19.01
CA ILE B 191 -5.39 4.37 -17.58
C ILE B 191 -5.93 5.53 -16.77
N GLY B 192 -7.04 6.11 -17.21
CA GLY B 192 -7.73 7.14 -16.46
C GLY B 192 -8.52 6.69 -15.26
N PHE B 193 -8.29 5.48 -14.77
CA PHE B 193 -8.91 5.00 -13.55
C PHE B 193 -8.07 5.28 -12.31
N VAL B 194 -7.01 6.07 -12.44
CA VAL B 194 -6.09 6.26 -11.32
C VAL B 194 -6.65 7.13 -10.22
N VAL B 195 -7.77 7.83 -10.48
CA VAL B 195 -8.43 8.65 -9.47
C VAL B 195 -9.02 7.85 -8.32
N ILE B 196 -9.12 6.52 -8.46
CA ILE B 196 -9.54 5.70 -7.34
C ILE B 196 -8.44 5.50 -6.32
N TYR B 197 -7.21 5.89 -6.63
CA TYR B 197 -6.10 5.74 -5.70
C TYR B 197 -5.99 6.90 -4.74
N LEU B 198 -6.96 7.80 -4.72
CA LEU B 198 -7.01 8.92 -3.80
C LEU B 198 -8.30 8.83 -3.02
N SER B 199 -8.20 8.60 -1.71
CA SER B 199 -9.35 8.58 -0.84
C SER B 199 -9.90 9.99 -0.66
N GLU B 200 -11.12 10.08 -0.12
CA GLU B 200 -11.67 11.40 0.14
C GLU B 200 -11.02 12.07 1.33
N SER B 201 -10.46 11.28 2.27
CA SER B 201 -9.73 11.86 3.39
C SER B 201 -8.42 12.46 2.94
N LEU B 202 -7.74 11.80 1.99
CA LEU B 202 -6.51 12.34 1.42
C LEU B 202 -6.78 13.62 0.66
N ILE B 203 -7.87 13.67 -0.09
CA ILE B 203 -8.24 14.86 -0.85
C ILE B 203 -8.62 15.99 0.09
N SER B 204 -9.30 15.67 1.19
CA SER B 204 -9.70 16.68 2.16
C SER B 204 -8.50 17.29 2.87
N GLY B 205 -7.56 16.44 3.33
CA GLY B 205 -6.36 16.96 3.98
C GLY B 205 -5.46 17.73 3.03
N PHE B 206 -5.34 17.25 1.79
CA PHE B 206 -4.52 17.93 0.80
C PHE B 206 -5.11 19.29 0.42
N THR B 207 -6.42 19.38 0.26
CA THR B 207 -7.01 20.66 -0.12
C THR B 207 -7.02 21.64 1.04
N THR B 208 -7.10 21.15 2.28
CA THR B 208 -7.00 22.06 3.41
C THR B 208 -5.58 22.63 3.55
N ALA B 209 -4.57 21.78 3.41
CA ALA B 209 -3.20 22.28 3.45
C ALA B 209 -2.88 23.17 2.25
N ALA B 210 -3.47 22.89 1.10
CA ALA B 210 -3.27 23.75 -0.05
C ALA B 210 -3.97 25.09 0.13
N ALA B 211 -5.09 25.12 0.85
CA ALA B 211 -5.72 26.39 1.18
C ALA B 211 -4.86 27.21 2.13
N VAL B 212 -4.16 26.54 3.05
CA VAL B 212 -3.22 27.26 3.92
C VAL B 212 -2.04 27.80 3.10
N HIS B 213 -1.57 27.03 2.12
CA HIS B 213 -0.53 27.50 1.21
C HIS B 213 -0.97 28.72 0.41
N VAL B 214 -2.20 28.69 -0.11
CA VAL B 214 -2.74 29.81 -0.87
C VAL B 214 -2.90 31.04 0.01
N LEU B 215 -3.36 30.84 1.26
CA LEU B 215 -3.52 31.96 2.19
C LEU B 215 -2.19 32.60 2.55
N VAL B 216 -1.13 31.80 2.65
CA VAL B 216 0.18 32.36 2.95
C VAL B 216 0.74 33.08 1.73
N SER B 217 0.51 32.54 0.54
CA SER B 217 1.11 33.11 -0.67
C SER B 217 0.49 34.45 -1.08
N GLN B 218 -0.66 34.82 -0.54
CA GLN B 218 -1.28 36.09 -0.88
C GLN B 218 -0.94 37.21 0.11
N LEU B 219 0.02 36.98 1.00
CA LEU B 219 0.35 38.00 1.99
C LEU B 219 1.29 39.05 1.42
N LYS B 220 2.20 38.65 0.52
CA LYS B 220 3.14 39.57 -0.09
C LYS B 220 2.47 40.55 -1.05
N PHE B 221 1.23 40.30 -1.46
CA PHE B 221 0.51 41.25 -2.28
C PHE B 221 -0.39 42.16 -1.47
N ILE B 222 -0.88 41.69 -0.33
CA ILE B 222 -1.66 42.56 0.57
C ILE B 222 -0.74 43.55 1.26
N PHE B 223 0.36 43.07 1.82
CA PHE B 223 1.28 43.98 2.48
C PHE B 223 2.19 44.73 1.51
N GLN B 224 2.25 44.31 0.25
CA GLN B 224 3.19 44.79 -0.76
C GLN B 224 4.63 44.68 -0.27
N LEU B 225 5.10 43.45 -0.19
CA LEU B 225 6.48 43.16 0.15
C LEU B 225 7.15 42.45 -1.02
N THR B 226 8.47 42.33 -0.94
CA THR B 226 9.25 41.64 -1.95
C THR B 226 9.83 40.39 -1.31
N VAL B 227 9.31 39.23 -1.71
CA VAL B 227 9.67 37.95 -1.14
C VAL B 227 10.40 37.15 -2.21
N PRO B 228 11.56 36.57 -1.92
CA PRO B 228 12.24 35.74 -2.91
C PRO B 228 11.49 34.45 -3.17
N SER B 229 11.74 33.88 -4.34
CA SER B 229 11.01 32.69 -4.77
C SER B 229 11.66 31.47 -4.12
N HIS B 230 11.10 31.07 -2.98
CA HIS B 230 11.58 29.91 -2.27
C HIS B 230 11.11 28.63 -2.96
N THR B 231 11.60 27.49 -2.48
CA THR B 231 11.46 26.23 -3.21
C THR B 231 11.09 25.13 -2.21
N ASP B 232 11.25 23.89 -2.67
CA ASP B 232 10.59 22.64 -2.28
C ASP B 232 10.39 22.40 -0.77
N PRO B 233 11.47 22.24 0.08
CA PRO B 233 11.31 21.49 1.33
C PRO B 233 10.36 22.08 2.37
N VAL B 234 10.55 23.33 2.80
CA VAL B 234 9.57 24.03 3.62
C VAL B 234 9.33 25.40 2.99
N SER B 235 8.41 25.47 2.04
CA SER B 235 8.21 26.72 1.33
C SER B 235 7.36 27.70 2.12
N ILE B 236 6.43 27.18 2.92
CA ILE B 236 5.47 28.06 3.58
C ILE B 236 6.10 28.78 4.77
N PHE B 237 7.04 28.13 5.45
CA PHE B 237 7.68 28.76 6.59
C PHE B 237 8.76 29.76 6.17
N LYS B 238 9.44 29.49 5.06
CA LYS B 238 10.36 30.47 4.50
C LYS B 238 9.63 31.73 4.04
N VAL B 239 8.44 31.55 3.45
CA VAL B 239 7.67 32.70 3.00
C VAL B 239 7.10 33.46 4.19
N LEU B 240 6.70 32.74 5.25
CA LEU B 240 6.22 33.40 6.47
C LEU B 240 7.33 34.18 7.15
N TYR B 241 8.55 33.63 7.14
CA TYR B 241 9.68 34.34 7.72
C TYR B 241 10.05 35.57 6.90
N SER B 242 10.09 35.44 5.58
CA SER B 242 10.44 36.57 4.72
C SER B 242 9.36 37.64 4.70
N VAL B 243 8.11 37.29 5.01
CA VAL B 243 7.07 38.31 5.11
C VAL B 243 7.13 39.01 6.45
N PHE B 244 7.22 38.25 7.54
CA PHE B 244 7.10 38.88 8.85
C PHE B 244 8.41 39.47 9.37
N SER B 245 9.52 39.28 8.66
CA SER B 245 10.73 40.00 9.00
C SER B 245 10.77 41.39 8.38
N GLN B 246 9.97 41.64 7.34
CA GLN B 246 9.88 42.95 6.71
C GLN B 246 8.52 43.60 6.93
N ILE B 247 7.86 43.30 8.06
CA ILE B 247 6.50 43.78 8.29
C ILE B 247 6.45 45.27 8.57
N GLU B 248 7.59 45.90 8.86
CA GLU B 248 7.59 47.35 9.07
C GLU B 248 7.54 48.13 7.78
N LYS B 249 7.80 47.50 6.63
CA LYS B 249 7.70 48.17 5.33
C LYS B 249 6.34 47.98 4.69
N THR B 250 5.29 47.76 5.49
CA THR B 250 3.98 47.46 4.95
C THR B 250 3.32 48.72 4.41
N ASN B 251 2.94 48.67 3.14
CA ASN B 251 2.14 49.74 2.55
C ASN B 251 0.73 49.69 3.12
N ILE B 252 0.35 50.71 3.89
CA ILE B 252 -0.91 50.64 4.61
C ILE B 252 -2.12 50.87 3.72
N ALA B 253 -1.94 51.50 2.56
CA ALA B 253 -3.06 51.73 1.64
C ALA B 253 -3.53 50.42 1.03
N ASP B 254 -2.59 49.58 0.58
CA ASP B 254 -2.93 48.25 0.08
C ASP B 254 -3.55 47.39 1.17
N LEU B 255 -3.07 47.53 2.41
CA LEU B 255 -3.59 46.75 3.51
C LEU B 255 -5.03 47.12 3.83
N VAL B 256 -5.32 48.42 3.92
CA VAL B 256 -6.67 48.83 4.27
C VAL B 256 -7.62 48.58 3.10
N THR B 257 -7.14 48.65 1.86
CA THR B 257 -8.00 48.35 0.72
C THR B 257 -8.31 46.86 0.64
N ALA B 258 -7.32 46.02 0.89
CA ALA B 258 -7.54 44.58 0.90
C ALA B 258 -8.46 44.17 2.04
N LEU B 259 -8.33 44.82 3.20
CA LEU B 259 -9.21 44.49 4.32
C LEU B 259 -10.64 44.93 4.07
N ILE B 260 -10.83 46.10 3.44
CA ILE B 260 -12.19 46.56 3.15
C ILE B 260 -12.84 45.66 2.10
N VAL B 261 -12.10 45.32 1.04
CA VAL B 261 -12.63 44.47 -0.02
C VAL B 261 -12.91 43.06 0.51
N LEU B 262 -12.04 42.55 1.39
CA LEU B 262 -12.22 41.23 1.98
C LEU B 262 -13.43 41.18 2.91
N LEU B 263 -13.60 42.22 3.74
CA LEU B 263 -14.74 42.28 4.65
C LEU B 263 -16.05 42.36 3.88
N VAL B 264 -16.10 43.20 2.84
CA VAL B 264 -17.32 43.35 2.06
C VAL B 264 -17.64 42.08 1.30
N VAL B 265 -16.63 41.41 0.75
CA VAL B 265 -16.94 40.22 -0.06
C VAL B 265 -17.33 39.04 0.82
N SER B 266 -16.79 38.95 2.04
CA SER B 266 -17.22 37.86 2.91
C SER B 266 -18.62 38.11 3.46
N ILE B 267 -18.94 39.37 3.78
CA ILE B 267 -20.28 39.68 4.28
C ILE B 267 -21.32 39.43 3.20
N VAL B 268 -21.05 39.86 1.97
CA VAL B 268 -22.05 39.69 0.92
C VAL B 268 -22.11 38.24 0.46
N LYS B 269 -21.00 37.50 0.54
CA LYS B 269 -21.08 36.09 0.20
C LYS B 269 -21.78 35.27 1.27
N GLU B 270 -21.79 35.74 2.52
CA GLU B 270 -22.66 35.12 3.52
C GLU B 270 -24.13 35.45 3.25
N ILE B 271 -24.41 36.73 2.94
CA ILE B 271 -25.76 37.19 2.65
C ILE B 271 -26.33 36.49 1.41
N ASN B 272 -25.47 36.13 0.48
CA ASN B 272 -25.88 35.58 -0.81
C ASN B 272 -26.50 34.20 -0.64
N GLN B 273 -25.85 33.32 0.10
CA GLN B 273 -26.35 31.96 0.23
C GLN B 273 -27.21 31.78 1.48
N ARG B 274 -27.17 32.76 2.40
CA ARG B 274 -28.18 32.83 3.45
C ARG B 274 -29.58 33.04 2.88
N PHE B 275 -29.70 33.81 1.79
CA PHE B 275 -30.99 34.08 1.15
C PHE B 275 -30.89 33.69 -0.31
N LYS B 276 -31.19 32.43 -0.60
CA LYS B 276 -31.15 31.91 -1.97
C LYS B 276 -32.52 31.69 -2.59
N ASP B 277 -33.58 31.66 -1.77
CA ASP B 277 -34.93 31.48 -2.31
C ASP B 277 -35.46 32.77 -2.92
N LYS B 278 -35.06 33.91 -2.36
CA LYS B 278 -35.54 35.22 -2.77
C LYS B 278 -34.66 35.83 -3.87
N LEU B 279 -33.49 35.24 -4.11
CA LEU B 279 -32.46 35.90 -4.91
C LEU B 279 -32.12 35.05 -6.13
N PRO B 280 -32.66 35.39 -7.31
CA PRO B 280 -32.21 34.74 -8.54
C PRO B 280 -30.97 35.40 -9.11
N VAL B 281 -30.18 34.64 -9.87
CA VAL B 281 -28.90 34.94 -10.52
C VAL B 281 -28.04 35.76 -9.57
N PRO B 282 -27.33 35.09 -8.64
CA PRO B 282 -26.79 35.73 -7.42
C PRO B 282 -25.87 36.91 -7.64
N ILE B 283 -25.66 37.67 -6.57
CA ILE B 283 -25.01 38.99 -6.62
C ILE B 283 -23.55 38.86 -7.01
N PRO B 284 -23.13 39.46 -8.12
CA PRO B 284 -21.71 39.44 -8.48
C PRO B 284 -20.95 40.49 -7.70
N ILE B 285 -20.66 40.19 -6.43
CA ILE B 285 -20.03 41.17 -5.55
C ILE B 285 -18.56 41.36 -5.89
N GLU B 286 -17.91 40.35 -6.45
CA GLU B 286 -16.51 40.47 -6.82
C GLU B 286 -16.32 41.37 -8.04
N PHE B 287 -17.21 41.25 -9.02
CA PHE B 287 -17.20 42.16 -10.16
C PHE B 287 -17.51 43.59 -9.73
N ILE B 288 -18.46 43.75 -8.80
CA ILE B 288 -18.84 45.07 -8.32
C ILE B 288 -17.70 45.71 -7.53
N MET B 289 -17.05 44.93 -6.65
CA MET B 289 -15.94 45.47 -5.87
C MET B 289 -14.72 45.73 -6.74
N THR B 290 -14.52 44.94 -7.80
CA THR B 290 -13.42 45.21 -8.72
C THR B 290 -13.66 46.49 -9.51
N VAL B 291 -14.89 46.70 -9.97
CA VAL B 291 -15.24 47.93 -10.68
C VAL B 291 -15.11 49.14 -9.77
N ILE B 292 -15.56 49.03 -8.52
CA ILE B 292 -15.49 50.15 -7.58
C ILE B 292 -14.04 50.44 -7.19
N ALA B 293 -13.23 49.40 -6.97
CA ALA B 293 -11.84 49.61 -6.58
C ALA B 293 -11.01 50.17 -7.73
N ALA B 294 -11.24 49.70 -8.96
CA ALA B 294 -10.50 50.25 -10.08
C ALA B 294 -10.99 51.64 -10.45
N GLY B 295 -12.24 51.97 -10.15
CA GLY B 295 -12.72 53.30 -10.42
C GLY B 295 -12.35 54.31 -9.37
N VAL B 296 -12.08 53.87 -8.15
CA VAL B 296 -11.62 54.79 -7.12
C VAL B 296 -10.10 54.85 -7.08
N SER B 297 -9.41 53.84 -7.59
CA SER B 297 -7.96 53.93 -7.72
C SER B 297 -7.57 54.84 -8.87
N TYR B 298 -8.30 54.76 -9.98
CA TYR B 298 -8.25 55.82 -10.96
C TYR B 298 -8.99 57.04 -10.42
N GLY B 299 -8.67 58.20 -10.95
CA GLY B 299 -9.37 59.39 -10.49
C GLY B 299 -8.78 59.99 -9.24
N CYS B 300 -8.75 59.23 -8.15
CA CYS B 300 -8.03 59.65 -6.95
C CYS B 300 -6.53 59.41 -7.06
N ASP B 301 -6.08 58.72 -8.11
CA ASP B 301 -4.69 58.47 -8.46
C ASP B 301 -3.97 57.75 -7.31
N PHE B 302 -4.38 56.51 -7.06
CA PHE B 302 -3.73 55.69 -6.05
C PHE B 302 -2.46 55.04 -6.57
N LYS B 303 -1.58 55.80 -7.20
CA LYS B 303 -0.33 55.28 -7.70
C LYS B 303 0.81 56.27 -7.49
N ASN B 304 0.49 57.54 -7.24
CA ASN B 304 1.46 58.55 -6.90
C ASN B 304 1.16 59.24 -5.58
N ARG B 305 -0.08 59.25 -5.11
CA ARG B 305 -0.37 59.66 -3.75
C ARG B 305 0.24 58.67 -2.77
N PHE B 306 -0.15 57.41 -2.89
CA PHE B 306 0.50 56.31 -2.20
C PHE B 306 1.38 55.58 -3.20
N LYS B 307 1.95 54.46 -2.80
CA LYS B 307 2.84 53.74 -3.71
C LYS B 307 2.28 52.36 -4.00
N VAL B 308 0.98 52.32 -4.28
CA VAL B 308 0.28 51.07 -4.54
C VAL B 308 0.75 50.47 -5.85
N ALA B 309 1.16 49.21 -5.81
CA ALA B 309 1.48 48.47 -7.03
C ALA B 309 0.21 48.10 -7.75
N VAL B 310 0.14 48.37 -9.05
CA VAL B 310 -1.06 48.15 -9.83
C VAL B 310 -0.78 47.11 -10.90
N VAL B 311 -1.85 46.61 -11.50
CA VAL B 311 -1.75 45.79 -12.70
C VAL B 311 -1.27 46.68 -13.84
N GLY B 312 -0.20 46.27 -14.50
CA GLY B 312 0.45 47.16 -15.45
C GLY B 312 -0.33 47.32 -16.75
N ASP B 313 0.32 47.98 -17.70
CA ASP B 313 -0.25 48.10 -19.03
C ASP B 313 -0.10 46.75 -19.74
N MET B 314 -1.20 46.04 -19.88
CA MET B 314 -1.19 44.81 -20.64
C MET B 314 -1.25 45.13 -22.13
N ASN B 315 -0.46 44.42 -22.92
CA ASN B 315 -0.43 44.67 -24.35
C ASN B 315 -1.67 44.07 -25.01
N PRO B 316 -2.34 44.80 -25.87
CA PRO B 316 -3.57 44.27 -26.50
C PRO B 316 -3.25 43.28 -27.60
N GLY B 317 -3.54 42.01 -27.36
CA GLY B 317 -3.35 41.00 -28.38
C GLY B 317 -2.71 39.73 -27.85
N PHE B 318 -2.67 38.70 -28.69
CA PHE B 318 -2.04 37.45 -28.32
C PHE B 318 -0.56 37.51 -28.63
N GLN B 319 0.16 36.48 -28.24
CA GLN B 319 1.58 36.43 -28.49
C GLN B 319 1.89 35.26 -29.42
N PRO B 320 2.96 35.36 -30.22
CA PRO B 320 3.29 34.26 -31.14
C PRO B 320 3.74 33.03 -30.37
N PRO B 321 3.56 31.84 -30.93
CA PRO B 321 3.89 30.62 -30.19
C PRO B 321 5.39 30.42 -30.05
N ILE B 322 5.78 29.78 -28.96
CA ILE B 322 7.18 29.51 -28.69
C ILE B 322 7.40 28.00 -28.70
N THR B 323 8.63 27.63 -28.91
CA THR B 323 9.01 26.24 -28.81
C THR B 323 9.37 25.91 -27.36
N PRO B 324 8.88 24.81 -26.81
CA PRO B 324 9.24 24.48 -25.43
C PRO B 324 10.68 24.05 -25.29
N ASP B 325 11.34 24.56 -24.25
CA ASP B 325 12.73 24.23 -24.00
C ASP B 325 12.84 22.83 -23.42
N VAL B 326 13.74 22.03 -23.99
CA VAL B 326 13.91 20.67 -23.49
C VAL B 326 14.76 20.63 -22.22
N GLU B 327 15.46 21.71 -21.90
CA GLU B 327 16.15 21.79 -20.62
C GLU B 327 15.15 21.89 -19.47
N THR B 328 14.12 22.71 -19.65
CA THR B 328 13.05 22.81 -18.67
C THR B 328 12.26 21.50 -18.60
N PHE B 329 12.14 20.81 -19.73
CA PHE B 329 11.55 19.47 -19.74
C PHE B 329 12.37 18.51 -18.90
N GLN B 330 13.70 18.64 -18.97
CA GLN B 330 14.57 17.74 -18.23
C GLN B 330 14.56 18.04 -16.75
N ASN B 331 14.48 19.31 -16.37
CA ASN B 331 14.61 19.70 -14.97
C ASN B 331 13.33 19.50 -14.15
N THR B 332 12.18 19.33 -14.79
CA THR B 332 10.89 19.36 -14.10
C THR B 332 10.02 18.19 -14.50
N VAL B 333 10.54 16.97 -14.44
CA VAL B 333 9.73 15.82 -14.84
C VAL B 333 8.73 15.45 -13.74
N GLY B 334 9.21 15.32 -12.50
CA GLY B 334 8.33 14.94 -11.40
C GLY B 334 7.34 16.03 -11.03
N ASP B 335 7.74 17.29 -11.21
CA ASP B 335 6.82 18.41 -11.00
C ASP B 335 5.68 18.37 -11.99
N CYS B 336 5.96 18.07 -13.26
CA CYS B 336 4.91 17.99 -14.24
C CYS B 336 4.04 16.75 -14.06
N PHE B 337 4.62 15.66 -13.52
CA PHE B 337 3.79 14.51 -13.17
C PHE B 337 2.81 14.84 -12.05
N GLY B 338 3.27 15.56 -11.03
CA GLY B 338 2.37 15.97 -9.96
C GLY B 338 1.31 16.95 -10.42
N ILE B 339 1.68 17.87 -11.32
CA ILE B 339 0.73 18.83 -11.85
C ILE B 339 -0.35 18.14 -12.68
N ALA B 340 0.04 17.17 -13.51
CA ALA B 340 -0.92 16.44 -14.34
C ALA B 340 -1.86 15.60 -13.48
N MET B 341 -1.33 14.93 -12.46
CA MET B 341 -2.17 14.11 -11.60
C MET B 341 -3.15 14.94 -10.79
N VAL B 342 -2.71 16.09 -10.27
CA VAL B 342 -3.58 16.91 -9.45
C VAL B 342 -4.64 17.59 -10.32
N ALA B 343 -4.28 17.99 -11.55
CA ALA B 343 -5.24 18.59 -12.46
C ALA B 343 -6.33 17.60 -12.85
N PHE B 344 -5.95 16.37 -13.19
CA PHE B 344 -6.96 15.38 -13.56
C PHE B 344 -7.81 14.97 -12.38
N ALA B 345 -7.22 14.84 -11.18
CA ALA B 345 -8.00 14.45 -10.01
C ALA B 345 -9.01 15.51 -9.63
N VAL B 346 -8.62 16.79 -9.68
CA VAL B 346 -9.54 17.87 -9.36
C VAL B 346 -10.65 17.96 -10.41
N ALA B 347 -10.29 17.82 -11.68
CA ALA B 347 -11.30 17.94 -12.73
C ALA B 347 -12.30 16.79 -12.70
N PHE B 348 -11.83 15.57 -12.44
CA PHE B 348 -12.75 14.44 -12.37
C PHE B 348 -13.63 14.52 -11.13
N SER B 349 -13.07 14.97 -10.00
CA SER B 349 -13.86 15.11 -8.78
C SER B 349 -14.93 16.19 -8.92
N VAL B 350 -14.64 17.26 -9.65
CA VAL B 350 -15.65 18.30 -9.85
C VAL B 350 -16.69 17.86 -10.87
N ALA B 351 -16.27 17.20 -11.95
CA ALA B 351 -17.21 16.83 -13.00
C ALA B 351 -18.11 15.68 -12.59
N SER B 352 -17.67 14.83 -11.66
CA SER B 352 -18.49 13.72 -11.21
C SER B 352 -19.73 14.17 -10.45
N VAL B 353 -19.65 15.32 -9.78
CA VAL B 353 -20.78 15.84 -9.03
C VAL B 353 -21.92 16.21 -9.97
N TYR B 354 -21.60 16.91 -11.06
CA TYR B 354 -22.65 17.32 -11.97
C TYR B 354 -23.08 16.19 -12.89
N SER B 355 -22.22 15.21 -13.15
CA SER B 355 -22.68 14.05 -13.90
C SER B 355 -23.63 13.19 -13.09
N LEU B 356 -23.42 13.11 -11.78
CA LEU B 356 -24.38 12.42 -10.93
C LEU B 356 -25.65 13.24 -10.77
N LYS B 357 -25.54 14.57 -10.74
CA LYS B 357 -26.70 15.42 -10.53
C LYS B 357 -27.60 15.47 -11.76
N TYR B 358 -27.03 15.39 -12.97
CA TYR B 358 -27.84 15.53 -14.18
C TYR B 358 -27.90 14.27 -15.03
N ASP B 359 -27.28 13.17 -14.58
CA ASP B 359 -27.42 11.83 -15.15
C ASP B 359 -26.97 11.77 -16.62
N TYR B 360 -25.67 11.96 -16.81
CA TYR B 360 -25.04 11.71 -18.09
C TYR B 360 -23.67 11.09 -17.85
N PRO B 361 -23.21 10.22 -18.75
CA PRO B 361 -21.95 9.51 -18.50
C PRO B 361 -20.70 10.35 -18.70
N LEU B 362 -19.73 10.14 -17.80
CA LEU B 362 -18.40 10.74 -17.91
C LEU B 362 -17.39 9.70 -18.38
N ASP B 363 -16.58 10.08 -19.35
CA ASP B 363 -15.47 9.26 -19.83
C ASP B 363 -14.18 9.83 -19.26
N GLY B 364 -13.52 9.09 -18.39
CA GLY B 364 -12.33 9.61 -17.73
C GLY B 364 -11.14 9.73 -18.67
N ASN B 365 -10.99 8.78 -19.58
CA ASN B 365 -9.90 8.85 -20.54
C ASN B 365 -10.09 9.99 -21.53
N GLN B 366 -11.34 10.27 -21.90
CA GLN B 366 -11.59 11.42 -22.76
C GLN B 366 -11.40 12.72 -22.01
N GLU B 367 -11.65 12.73 -20.69
CA GLU B 367 -11.30 13.88 -19.87
C GLU B 367 -9.80 14.12 -19.88
N LEU B 368 -9.01 13.06 -19.76
CA LEU B 368 -7.56 13.20 -19.78
C LEU B 368 -7.06 13.69 -21.13
N ILE B 369 -7.65 13.18 -22.23
CA ILE B 369 -7.25 13.60 -23.57
C ILE B 369 -7.59 15.06 -23.81
N ALA B 370 -8.80 15.49 -23.40
CA ALA B 370 -9.22 16.87 -23.60
C ALA B 370 -8.41 17.84 -22.76
N LEU B 371 -8.13 17.49 -21.50
CA LEU B 371 -7.33 18.37 -20.66
C LEU B 371 -5.89 18.43 -21.12
N GLY B 372 -5.33 17.31 -21.60
CA GLY B 372 -3.98 17.33 -22.10
C GLY B 372 -3.83 18.14 -23.38
N LEU B 373 -4.80 18.03 -24.29
CA LEU B 373 -4.76 18.84 -25.51
C LEU B 373 -4.93 20.32 -25.19
N GLY B 374 -5.80 20.64 -24.24
CA GLY B 374 -5.98 22.03 -23.84
C GLY B 374 -4.74 22.61 -23.19
N ASN B 375 -4.05 21.82 -22.36
CA ASN B 375 -2.84 22.31 -21.73
C ASN B 375 -1.70 22.45 -22.72
N ILE B 376 -1.63 21.57 -23.73
CA ILE B 376 -0.60 21.70 -24.76
C ILE B 376 -0.82 22.96 -25.58
N VAL B 377 -2.05 23.20 -26.03
CA VAL B 377 -2.33 24.39 -26.83
C VAL B 377 -2.21 25.66 -25.99
N CYS B 378 -2.52 25.58 -24.69
CA CYS B 378 -2.37 26.75 -23.83
C CYS B 378 -0.91 27.06 -23.56
N GLY B 379 -0.08 26.03 -23.37
CA GLY B 379 1.33 26.28 -23.13
C GLY B 379 2.12 26.67 -24.34
N VAL B 380 1.66 26.28 -25.53
CA VAL B 380 2.34 26.70 -26.75
C VAL B 380 2.16 28.20 -26.97
N PHE B 381 0.96 28.72 -26.67
CA PHE B 381 0.68 30.14 -26.83
C PHE B 381 0.88 30.93 -25.54
N ARG B 382 1.78 30.46 -24.68
CA ARG B 382 2.25 31.15 -23.47
C ARG B 382 1.12 31.42 -22.46
N GLY B 383 0.52 30.32 -22.00
CA GLY B 383 -0.32 30.35 -20.82
C GLY B 383 0.21 29.37 -19.80
N PHE B 384 -0.52 29.26 -18.69
CA PHE B 384 -0.16 28.23 -17.73
C PHE B 384 -1.31 27.25 -17.56
N ALA B 385 -1.16 26.34 -16.61
CA ALA B 385 -1.87 25.06 -16.64
C ALA B 385 -3.33 25.22 -16.27
N GLY B 386 -4.16 24.38 -16.89
CA GLY B 386 -5.59 24.49 -16.75
C GLY B 386 -6.23 23.19 -16.34
N SER B 387 -7.33 23.33 -15.61
CA SER B 387 -8.23 22.28 -15.19
C SER B 387 -9.55 22.97 -14.89
N THR B 388 -10.39 22.39 -14.06
CA THR B 388 -11.51 23.17 -13.58
C THR B 388 -11.33 23.54 -12.12
N ALA B 389 -11.99 24.63 -11.74
CA ALA B 389 -12.13 25.05 -10.35
C ALA B 389 -13.54 24.73 -9.88
N LEU B 390 -13.68 24.39 -8.60
CA LEU B 390 -15.00 24.10 -8.07
C LEU B 390 -15.85 25.37 -7.97
N SER B 391 -15.21 26.50 -7.68
CA SER B 391 -15.94 27.74 -7.51
C SER B 391 -16.48 28.28 -8.83
N ARG B 392 -15.66 28.28 -9.87
CA ARG B 392 -16.10 28.78 -11.17
C ARG B 392 -17.11 27.84 -11.80
N SER B 393 -16.94 26.53 -11.60
CA SER B 393 -17.93 25.57 -12.09
C SER B 393 -19.25 25.72 -11.35
N ALA B 394 -19.20 26.04 -10.06
CA ALA B 394 -20.43 26.31 -9.31
C ALA B 394 -21.10 27.58 -9.78
N VAL B 395 -20.33 28.59 -10.18
CA VAL B 395 -20.91 29.80 -10.75
C VAL B 395 -21.58 29.52 -12.09
N GLN B 396 -20.94 28.69 -12.92
CA GLN B 396 -21.50 28.37 -14.22
C GLN B 396 -22.77 27.52 -14.09
N GLU B 397 -22.77 26.56 -13.17
CA GLU B 397 -23.93 25.70 -13.00
C GLU B 397 -25.07 26.39 -12.26
N SER B 398 -24.74 27.30 -11.34
CA SER B 398 -25.78 27.96 -10.55
C SER B 398 -26.57 28.96 -11.36
N THR B 399 -25.95 29.58 -12.36
CA THR B 399 -26.63 30.56 -13.19
C THR B 399 -27.38 29.94 -14.36
N GLY B 400 -27.31 28.61 -14.52
CA GLY B 400 -28.13 27.95 -15.52
C GLY B 400 -27.37 27.42 -16.71
N GLY B 401 -26.15 26.95 -16.50
CA GLY B 401 -25.39 26.38 -17.61
C GLY B 401 -25.92 25.02 -17.98
N LYS B 402 -26.16 24.80 -19.27
CA LYS B 402 -26.69 23.54 -19.77
C LYS B 402 -25.64 22.73 -20.51
N THR B 403 -24.97 23.32 -21.48
CA THR B 403 -23.94 22.66 -22.27
C THR B 403 -22.63 23.41 -22.09
N GLN B 404 -21.64 23.03 -22.89
CA GLN B 404 -20.35 23.72 -22.92
C GLN B 404 -20.34 24.91 -23.86
N ILE B 405 -21.50 25.37 -24.32
CA ILE B 405 -21.58 26.61 -25.06
C ILE B 405 -21.43 27.80 -24.10
N ALA B 406 -21.78 27.60 -22.83
CA ALA B 406 -21.48 28.58 -21.80
C ALA B 406 -19.98 28.79 -21.63
N GLY B 407 -19.19 27.72 -21.79
CA GLY B 407 -17.75 27.87 -21.82
C GLY B 407 -17.26 28.66 -23.01
N LEU B 408 -17.93 28.53 -24.15
CA LEU B 408 -17.59 29.30 -25.34
C LEU B 408 -17.90 30.78 -25.13
N ILE B 409 -19.02 31.09 -24.48
CA ILE B 409 -19.35 32.49 -24.22
C ILE B 409 -18.40 33.09 -23.20
N GLY B 410 -17.97 32.28 -22.22
CA GLY B 410 -16.96 32.75 -21.28
C GLY B 410 -15.61 33.02 -21.94
N ALA B 411 -15.21 32.14 -22.86
CA ALA B 411 -13.98 32.38 -23.60
C ALA B 411 -14.10 33.59 -24.54
N ILE B 412 -15.30 33.86 -25.05
CA ILE B 412 -15.49 35.06 -25.86
C ILE B 412 -15.39 36.32 -25.01
N ILE B 413 -15.87 36.27 -23.76
CA ILE B 413 -15.70 37.40 -22.84
C ILE B 413 -14.22 37.63 -22.52
N VAL B 414 -13.47 36.55 -22.30
CA VAL B 414 -12.02 36.66 -22.07
C VAL B 414 -11.31 37.22 -23.31
N LEU B 415 -11.78 36.82 -24.50
CA LEU B 415 -11.22 37.33 -25.76
C LEU B 415 -11.49 38.82 -25.93
N ILE B 416 -12.67 39.28 -25.54
CA ILE B 416 -13.00 40.69 -25.64
C ILE B 416 -12.13 41.50 -24.67
N VAL B 417 -11.86 40.94 -23.49
CA VAL B 417 -10.99 41.61 -22.52
C VAL B 417 -9.55 41.68 -23.02
N VAL B 418 -9.08 40.61 -23.68
CA VAL B 418 -7.71 40.58 -24.18
C VAL B 418 -7.53 41.54 -25.34
N LEU B 419 -8.43 41.48 -26.33
CA LEU B 419 -8.22 42.23 -27.55
C LEU B 419 -8.58 43.71 -27.41
N ALA B 420 -9.68 44.03 -26.72
CA ALA B 420 -10.23 45.38 -26.78
C ALA B 420 -10.11 46.14 -25.46
N ILE B 421 -10.71 45.65 -24.39
CA ILE B 421 -10.73 46.40 -23.13
C ILE B 421 -9.61 45.84 -22.26
N GLY B 422 -8.41 46.36 -22.47
CA GLY B 422 -7.26 46.02 -21.67
C GLY B 422 -6.65 47.28 -21.13
N PHE B 423 -7.12 48.42 -21.64
CA PHE B 423 -6.78 49.69 -21.04
C PHE B 423 -7.51 49.89 -19.72
N LEU B 424 -8.69 49.30 -19.59
CA LEU B 424 -9.28 49.08 -18.28
C LEU B 424 -8.50 47.98 -17.56
N LEU B 425 -8.78 47.83 -16.25
CA LEU B 425 -8.08 46.95 -15.32
C LEU B 425 -6.61 47.31 -15.13
N ALA B 426 -6.17 48.44 -15.66
CA ALA B 426 -4.86 49.02 -15.43
C ALA B 426 -4.76 49.78 -14.10
N PRO B 427 -5.76 50.50 -13.61
CA PRO B 427 -5.68 50.98 -12.23
C PRO B 427 -6.08 49.96 -11.17
N LEU B 428 -6.22 48.68 -11.50
CA LEU B 428 -6.56 47.69 -10.48
C LEU B 428 -5.37 47.45 -9.56
N GLN B 429 -5.65 47.35 -8.27
CA GLN B 429 -4.68 47.64 -7.22
C GLN B 429 -3.79 46.47 -6.84
N LYS B 430 -3.95 45.30 -7.46
CA LYS B 430 -3.10 44.11 -7.29
C LYS B 430 -3.14 43.47 -5.89
N SER B 431 -3.80 44.12 -4.94
CA SER B 431 -4.14 43.56 -3.66
C SER B 431 -5.64 43.40 -3.50
N VAL B 432 -6.42 44.06 -4.34
CA VAL B 432 -7.82 43.73 -4.49
C VAL B 432 -7.97 42.32 -5.02
N LEU B 433 -7.08 41.92 -5.93
CA LEU B 433 -7.11 40.55 -6.46
C LEU B 433 -6.74 39.53 -5.39
N ALA B 434 -5.76 39.87 -4.55
CA ALA B 434 -5.40 38.99 -3.44
C ALA B 434 -6.52 38.91 -2.41
N ALA B 435 -7.23 40.00 -2.19
CA ALA B 435 -8.37 39.98 -1.28
C ALA B 435 -9.52 39.15 -1.85
N LEU B 436 -9.72 39.21 -3.16
CA LEU B 436 -10.76 38.40 -3.78
C LEU B 436 -10.40 36.92 -3.73
N ALA B 437 -9.11 36.60 -3.83
CA ALA B 437 -8.71 35.21 -3.71
C ALA B 437 -8.78 34.72 -2.26
N LEU B 438 -8.55 35.61 -1.30
CA LEU B 438 -8.67 35.20 0.09
C LEU B 438 -10.11 35.11 0.55
N GLY B 439 -11.02 35.83 -0.09
CA GLY B 439 -12.42 35.78 0.31
C GLY B 439 -13.13 34.51 -0.07
N ASN B 440 -12.50 33.62 -0.82
CA ASN B 440 -13.15 32.41 -1.30
C ASN B 440 -12.35 31.17 -0.91
N LEU B 441 -11.57 31.27 0.16
CA LEU B 441 -10.93 30.12 0.78
C LEU B 441 -11.77 29.51 1.88
N LYS B 442 -13.01 29.99 2.04
CA LYS B 442 -13.84 29.57 3.18
C LYS B 442 -14.26 28.12 3.05
N GLY B 443 -14.59 27.68 1.84
CA GLY B 443 -15.05 26.31 1.65
C GLY B 443 -13.96 25.28 1.88
N MET B 444 -12.71 25.62 1.56
CA MET B 444 -11.62 24.70 1.80
C MET B 444 -11.10 24.79 3.23
N LEU B 445 -11.24 25.94 3.87
CA LEU B 445 -10.79 26.08 5.24
C LEU B 445 -11.82 25.57 6.24
N MET B 446 -13.08 25.42 5.84
CA MET B 446 -14.07 24.83 6.74
C MET B 446 -13.94 23.33 6.85
N GLN B 447 -13.05 22.70 6.09
CA GLN B 447 -12.76 21.28 6.20
C GLN B 447 -11.88 20.95 7.39
N PHE B 448 -11.49 21.94 8.19
CA PHE B 448 -10.78 21.66 9.43
C PHE B 448 -11.68 21.01 10.46
N ALA B 449 -12.99 21.14 10.33
CA ALA B 449 -13.95 20.43 11.17
C ALA B 449 -14.26 19.05 10.63
N GLU B 450 -13.20 18.31 10.31
CA GLU B 450 -13.30 16.92 9.88
C GLU B 450 -12.35 16.03 10.64
N ILE B 451 -11.49 16.58 11.49
CA ILE B 451 -10.67 15.74 12.34
C ILE B 451 -11.50 15.15 13.46
N GLY B 452 -12.50 15.88 13.93
CA GLY B 452 -13.36 15.35 14.98
C GLY B 452 -14.30 14.28 14.48
N ARG B 453 -14.89 14.49 13.30
CA ARG B 453 -15.80 13.50 12.71
C ARG B 453 -15.06 12.22 12.36
N LEU B 454 -13.95 12.34 11.64
CA LEU B 454 -13.15 11.17 11.31
C LEU B 454 -12.49 10.56 12.53
N TRP B 455 -12.28 11.34 13.59
CA TRP B 455 -11.74 10.77 14.82
C TRP B 455 -12.77 9.87 15.48
N ARG B 456 -14.00 10.34 15.63
CA ARG B 456 -14.99 9.50 16.28
C ARG B 456 -15.60 8.46 15.34
N LYS B 457 -15.30 8.51 14.04
CA LYS B 457 -15.81 7.51 13.12
C LYS B 457 -14.84 6.35 12.91
N ASP B 458 -13.64 6.64 12.40
CA ASP B 458 -12.80 5.57 11.88
C ASP B 458 -11.44 5.44 12.58
N LYS B 459 -10.71 6.54 12.76
CA LYS B 459 -9.36 6.66 13.32
C LYS B 459 -8.27 6.09 12.41
N TYR B 460 -8.64 5.51 11.27
CA TYR B 460 -7.68 5.19 10.22
C TYR B 460 -7.71 6.20 9.10
N ASP B 461 -8.86 6.84 8.88
CA ASP B 461 -8.97 7.92 7.93
C ASP B 461 -8.68 9.28 8.55
N CYS B 462 -8.85 9.40 9.86
CA CYS B 462 -8.35 10.57 10.58
C CYS B 462 -6.82 10.63 10.51
N LEU B 463 -6.18 9.47 10.57
CA LEU B 463 -4.73 9.40 10.43
C LEU B 463 -4.29 9.78 9.03
N ILE B 464 -5.05 9.37 8.01
CA ILE B 464 -4.76 9.74 6.64
C ILE B 464 -4.92 11.23 6.44
N TRP B 465 -5.96 11.82 7.03
CA TRP B 465 -6.17 13.27 6.97
C TRP B 465 -5.03 14.03 7.61
N ILE B 466 -4.65 13.64 8.82
CA ILE B 466 -3.62 14.37 9.57
C ILE B 466 -2.26 14.22 8.90
N MET B 467 -1.92 13.02 8.43
CA MET B 467 -0.63 12.83 7.79
C MET B 467 -0.58 13.48 6.41
N THR B 468 -1.71 13.57 5.71
CA THR B 468 -1.74 14.29 4.44
C THR B 468 -1.55 15.78 4.66
N PHE B 469 -2.19 16.33 5.68
CA PHE B 469 -2.03 17.74 6.02
C PHE B 469 -0.58 18.05 6.41
N ILE B 470 0.00 17.21 7.26
CA ILE B 470 1.36 17.47 7.75
C ILE B 470 2.37 17.29 6.63
N PHE B 471 2.23 16.23 5.82
CA PHE B 471 3.14 16.01 4.70
C PHE B 471 3.06 17.12 3.67
N THR B 472 1.86 17.61 3.38
CA THR B 472 1.71 18.68 2.41
C THR B 472 2.30 19.99 2.94
N ILE B 473 2.08 20.29 4.22
CA ILE B 473 2.59 21.54 4.80
C ILE B 473 4.12 21.52 4.87
N VAL B 474 4.72 20.45 5.37
CA VAL B 474 6.17 20.44 5.56
C VAL B 474 6.91 19.80 4.39
N LEU B 475 6.24 19.53 3.28
CA LEU B 475 6.96 19.02 2.12
C LEU B 475 6.54 19.63 0.79
N GLY B 476 5.59 20.56 0.76
CA GLY B 476 5.22 21.14 -0.50
C GLY B 476 4.17 20.33 -1.22
N LEU B 477 3.47 21.01 -2.13
CA LEU B 477 2.29 20.45 -2.77
C LEU B 477 2.59 19.30 -3.71
N GLY B 478 3.80 19.21 -4.23
CA GLY B 478 4.11 18.13 -5.14
C GLY B 478 4.57 16.87 -4.46
N LEU B 479 5.38 17.02 -3.41
CA LEU B 479 5.98 15.88 -2.74
C LEU B 479 5.13 15.34 -1.59
N GLY B 480 4.35 16.21 -0.93
CA GLY B 480 3.45 15.75 0.10
C GLY B 480 2.34 14.89 -0.44
N LEU B 481 1.97 15.08 -1.71
CA LEU B 481 0.95 14.23 -2.31
C LEU B 481 1.47 12.81 -2.52
N ALA B 482 2.72 12.66 -2.96
CA ALA B 482 3.28 11.33 -3.15
C ALA B 482 3.49 10.63 -1.81
N ALA B 483 3.96 11.36 -0.79
CA ALA B 483 4.10 10.78 0.53
C ALA B 483 2.74 10.42 1.13
N SER B 484 1.70 11.20 0.81
CA SER B 484 0.38 10.92 1.32
C SER B 484 -0.22 9.68 0.67
N VAL B 485 0.03 9.50 -0.62
CA VAL B 485 -0.45 8.30 -1.32
C VAL B 485 0.23 7.07 -0.77
N ALA B 486 1.54 7.16 -0.50
CA ALA B 486 2.26 6.03 0.08
C ALA B 486 1.75 5.71 1.49
N PHE B 487 1.41 6.73 2.28
CA PHE B 487 0.91 6.45 3.63
C PHE B 487 -0.50 5.89 3.60
N GLN B 488 -1.34 6.33 2.66
CA GLN B 488 -2.67 5.75 2.58
C GLN B 488 -2.64 4.34 2.01
N LEU B 489 -1.57 3.98 1.30
CA LEU B 489 -1.38 2.57 0.99
C LEU B 489 -0.90 1.79 2.21
N LEU B 490 -0.13 2.42 3.09
CA LEU B 490 0.27 1.76 4.33
C LEU B 490 -0.91 1.48 5.25
N THR B 491 -1.92 2.33 5.26
CA THR B 491 -3.03 2.13 6.20
C THR B 491 -3.87 0.90 5.88
N ILE B 492 -3.88 0.43 4.63
CA ILE B 492 -4.58 -0.80 4.29
C ILE B 492 -3.87 -1.99 4.91
N VAL B 493 -2.53 -1.94 4.96
CA VAL B 493 -1.78 -2.97 5.68
C VAL B 493 -1.97 -2.83 7.18
N PHE B 494 -2.12 -1.60 7.67
CA PHE B 494 -2.37 -1.39 9.09
C PHE B 494 -3.72 -1.95 9.52
N ARG B 495 -4.70 -1.95 8.62
CA ARG B 495 -6.02 -2.47 8.98
C ARG B 495 -6.01 -4.00 9.11
N THR B 496 -5.21 -4.69 8.31
CA THR B 496 -5.24 -6.14 8.25
C THR B 496 -4.00 -6.76 8.88
N GLN B 497 -3.30 -6.02 9.73
CA GLN B 497 -2.03 -6.47 10.28
C GLN B 497 -2.21 -7.43 11.44
N PHE B 498 -3.05 -7.06 12.40
CA PHE B 498 -3.34 -7.89 13.57
C PHE B 498 -4.85 -8.13 13.62
N PRO B 499 -5.36 -9.09 12.85
CA PRO B 499 -6.80 -9.33 12.84
C PRO B 499 -7.27 -9.99 14.12
N LYS B 500 -8.48 -9.67 14.51
CA LYS B 500 -9.07 -10.20 15.74
C LYS B 500 -9.51 -11.63 15.48
N CYS B 501 -8.59 -12.56 15.70
CA CYS B 501 -8.86 -13.96 15.44
C CYS B 501 -9.68 -14.57 16.58
N SER B 502 -10.59 -15.47 16.23
CA SER B 502 -11.58 -15.94 17.17
C SER B 502 -11.61 -17.46 17.23
N THR B 503 -12.14 -17.96 18.33
CA THR B 503 -12.51 -19.37 18.47
C THR B 503 -14.02 -19.43 18.58
N LEU B 504 -14.65 -20.27 17.77
CA LEU B 504 -16.10 -20.30 17.68
C LEU B 504 -16.66 -21.49 18.44
N ALA B 505 -17.96 -21.40 18.70
CA ALA B 505 -18.69 -22.46 19.38
C ALA B 505 -20.16 -22.36 19.02
N ASN B 506 -20.89 -23.41 19.35
CA ASN B 506 -22.27 -23.61 18.92
C ASN B 506 -23.24 -23.00 19.91
N ILE B 507 -24.28 -22.36 19.40
CA ILE B 507 -25.35 -21.79 20.23
C ILE B 507 -26.66 -22.45 19.85
N GLY B 508 -27.33 -23.03 20.84
CA GLY B 508 -28.68 -23.49 20.64
C GLY B 508 -28.83 -24.83 19.98
N ARG B 509 -27.74 -25.59 19.82
CA ARG B 509 -27.72 -26.94 19.24
C ARG B 509 -28.28 -26.95 17.82
N THR B 510 -27.83 -25.98 17.02
CA THR B 510 -28.26 -25.81 15.64
C THR B 510 -27.01 -25.48 14.83
N ASN B 511 -27.18 -24.93 13.63
CA ASN B 511 -26.05 -24.67 12.75
C ASN B 511 -25.55 -23.23 12.85
N ILE B 512 -25.59 -22.64 14.04
CA ILE B 512 -25.09 -21.29 14.26
C ILE B 512 -23.86 -21.37 15.14
N TYR B 513 -22.74 -20.82 14.65
CA TYR B 513 -21.47 -20.85 15.38
C TYR B 513 -20.95 -19.43 15.50
N LYS B 514 -20.76 -18.98 16.73
CA LYS B 514 -20.26 -17.62 16.94
C LYS B 514 -19.12 -17.60 17.94
N ASN B 515 -18.70 -16.41 18.36
CA ASN B 515 -17.53 -16.26 19.20
C ASN B 515 -17.74 -16.87 20.58
N LYS B 516 -16.72 -17.56 21.08
CA LYS B 516 -16.84 -18.32 22.31
C LYS B 516 -16.94 -17.44 23.54
N LYS B 517 -16.45 -16.21 23.48
CA LYS B 517 -16.45 -15.30 24.61
C LYS B 517 -17.66 -14.38 24.63
N ASP B 518 -18.63 -14.58 23.74
CA ASP B 518 -19.66 -13.58 23.53
C ASP B 518 -21.02 -13.94 24.09
N TYR B 519 -21.36 -15.21 24.21
CA TYR B 519 -22.65 -15.63 24.72
C TYR B 519 -22.42 -16.63 25.84
N TYR B 520 -23.49 -17.07 26.49
CA TYR B 520 -23.35 -17.75 27.77
C TYR B 520 -23.29 -19.26 27.67
N ASP B 521 -24.25 -19.89 27.01
CA ASP B 521 -24.39 -21.34 27.07
C ASP B 521 -23.89 -22.02 25.80
N MET B 522 -22.72 -21.59 25.32
CA MET B 522 -22.08 -22.20 24.17
C MET B 522 -21.74 -23.66 24.43
N TYR B 523 -21.52 -24.38 23.34
CA TYR B 523 -21.14 -25.79 23.42
C TYR B 523 -20.09 -26.07 22.37
N GLU B 524 -19.00 -26.68 22.78
CA GLU B 524 -18.00 -27.18 21.85
C GLU B 524 -18.02 -28.69 21.85
N PRO B 525 -17.99 -29.33 20.69
CA PRO B 525 -17.80 -30.79 20.68
C PRO B 525 -16.42 -31.14 21.19
N GLU B 526 -16.34 -32.28 21.87
CA GLU B 526 -15.11 -32.64 22.56
C GLU B 526 -14.04 -33.06 21.56
N GLY B 527 -12.90 -32.37 21.59
CA GLY B 527 -11.83 -32.65 20.68
C GLY B 527 -11.83 -31.84 19.40
N VAL B 528 -12.74 -30.87 19.27
CA VAL B 528 -12.87 -30.07 18.07
C VAL B 528 -12.56 -28.62 18.42
N LYS B 529 -11.77 -27.97 17.59
CA LYS B 529 -11.51 -26.53 17.71
C LYS B 529 -11.89 -25.85 16.40
N ILE B 530 -12.66 -24.78 16.50
CA ILE B 530 -13.10 -24.02 15.34
C ILE B 530 -12.44 -22.66 15.43
N PHE B 531 -11.54 -22.37 14.50
CA PHE B 531 -10.75 -21.15 14.50
C PHE B 531 -11.16 -20.28 13.32
N ARG B 532 -11.20 -18.97 13.53
CA ARG B 532 -11.65 -18.05 12.50
C ARG B 532 -10.71 -16.86 12.41
N CYS B 533 -10.23 -16.57 11.20
CA CYS B 533 -9.47 -15.37 10.91
C CYS B 533 -10.29 -14.48 10.00
N PRO B 534 -10.71 -13.30 10.45
CA PRO B 534 -11.63 -12.47 9.68
C PRO B 534 -10.94 -11.47 8.75
N SER B 535 -10.02 -11.96 7.94
CA SER B 535 -9.16 -11.07 7.17
C SER B 535 -8.50 -11.88 6.06
N PRO B 536 -8.16 -11.25 4.94
CA PRO B 536 -7.27 -11.91 3.98
C PRO B 536 -5.90 -12.13 4.58
N ILE B 537 -5.30 -13.26 4.25
CA ILE B 537 -4.01 -13.65 4.80
C ILE B 537 -2.96 -13.45 3.72
N TYR B 538 -1.99 -12.60 3.99
CA TYR B 538 -0.95 -12.26 3.03
C TYR B 538 0.36 -12.18 3.80
N PHE B 539 1.38 -11.55 3.20
CA PHE B 539 2.74 -11.61 3.73
C PHE B 539 2.88 -10.91 5.08
N ALA B 540 2.08 -9.88 5.33
CA ALA B 540 2.15 -9.14 6.58
C ALA B 540 1.25 -9.73 7.65
N ASN B 541 0.77 -10.94 7.44
CA ASN B 541 -0.34 -11.47 8.21
C ASN B 541 -0.15 -12.91 8.66
N ILE B 542 0.78 -13.66 8.08
CA ILE B 542 0.77 -15.11 8.23
C ILE B 542 1.45 -15.54 9.52
N GLY B 543 2.47 -14.81 9.99
CA GLY B 543 3.09 -15.14 11.26
C GLY B 543 2.17 -14.86 12.44
N PHE B 544 1.40 -13.78 12.35
CA PHE B 544 0.39 -13.48 13.37
C PHE B 544 -0.70 -14.54 13.39
N PHE B 545 -1.11 -15.00 12.20
CA PHE B 545 -2.11 -16.05 12.09
C PHE B 545 -1.61 -17.35 12.71
N ARG B 546 -0.34 -17.68 12.48
CA ARG B 546 0.22 -18.91 13.05
C ARG B 546 0.34 -18.82 14.56
N ARG B 547 0.74 -17.66 15.08
CA ARG B 547 0.83 -17.47 16.53
C ARG B 547 -0.54 -17.56 17.19
N LYS B 548 -1.56 -16.97 16.57
CA LYS B 548 -2.90 -17.01 17.13
C LYS B 548 -3.51 -18.41 17.04
N LEU B 549 -3.22 -19.15 15.98
CA LEU B 549 -3.72 -20.52 15.89
C LEU B 549 -3.04 -21.42 16.92
N ILE B 550 -1.75 -21.19 17.17
CA ILE B 550 -1.02 -22.01 18.12
C ILE B 550 -1.48 -21.72 19.55
N ASP B 551 -1.70 -20.46 19.89
CA ASP B 551 -2.19 -20.25 21.25
C ASP B 551 -3.70 -20.43 21.37
N ALA B 552 -4.41 -20.64 20.26
CA ALA B 552 -5.82 -21.03 20.36
C ALA B 552 -5.98 -22.52 20.56
N VAL B 553 -5.17 -23.34 19.89
CA VAL B 553 -5.30 -24.78 20.10
C VAL B 553 -4.65 -25.24 21.39
N GLY B 554 -3.75 -24.45 21.97
CA GLY B 554 -3.16 -24.75 23.24
C GLY B 554 -1.79 -25.39 23.21
N PHE B 555 -1.25 -25.68 22.02
CA PHE B 555 0.06 -26.31 21.91
C PHE B 555 0.65 -25.95 20.55
N SER B 556 1.88 -26.37 20.33
CA SER B 556 2.53 -26.24 19.04
C SER B 556 2.72 -27.63 18.46
N PRO B 557 2.22 -27.91 17.26
CA PRO B 557 2.32 -29.28 16.72
C PRO B 557 3.73 -29.72 16.39
N LEU B 558 4.66 -28.80 16.15
CA LEU B 558 6.05 -29.17 15.92
C LEU B 558 6.70 -29.76 17.17
N ARG B 559 6.35 -29.22 18.35
CA ARG B 559 6.92 -29.74 19.59
C ARG B 559 6.42 -31.13 19.90
N ILE B 560 5.12 -31.37 19.67
CA ILE B 560 4.55 -32.69 19.88
C ILE B 560 5.12 -33.69 18.88
N LEU B 561 5.32 -33.26 17.63
CA LEU B 561 5.92 -34.14 16.63
C LEU B 561 7.35 -34.50 16.97
N ARG B 562 8.12 -33.52 17.45
CA ARG B 562 9.52 -33.77 17.77
C ARG B 562 9.66 -34.64 19.01
N LYS B 563 8.81 -34.43 20.02
CA LYS B 563 8.89 -35.26 21.22
C LYS B 563 8.38 -36.68 20.95
N ARG B 564 7.41 -36.83 20.06
CA ARG B 564 6.99 -38.15 19.65
C ARG B 564 8.08 -38.88 18.88
N ASN B 565 8.83 -38.14 18.04
CA ASN B 565 9.92 -38.76 17.30
C ASN B 565 11.07 -39.15 18.22
N LYS B 566 11.34 -38.33 19.25
CA LYS B 566 12.35 -38.68 20.24
C LYS B 566 11.96 -39.91 21.04
N ALA B 567 10.68 -40.00 21.43
CA ALA B 567 10.20 -41.17 22.14
C ALA B 567 10.26 -42.42 21.27
N LEU B 568 9.97 -42.27 19.97
CA LEU B 568 10.03 -43.41 19.07
C LEU B 568 11.47 -43.86 18.85
N ARG B 569 12.42 -42.91 18.81
CA ARG B 569 13.81 -43.29 18.66
C ARG B 569 14.34 -43.99 19.91
N LYS B 570 13.91 -43.55 21.10
CA LYS B 570 14.29 -44.26 22.32
C LYS B 570 13.66 -45.64 22.40
N ILE B 571 12.42 -45.78 21.93
CA ILE B 571 11.76 -47.08 21.93
C ILE B 571 12.43 -48.03 20.96
N ARG B 572 12.83 -47.54 19.78
CA ARG B 572 13.53 -48.37 18.82
C ARG B 572 14.94 -48.71 19.30
N LYS B 573 15.56 -47.83 20.09
CA LYS B 573 16.86 -48.15 20.66
C LYS B 573 16.74 -49.21 21.74
N LEU B 574 15.68 -49.16 22.54
CA LEU B 574 15.47 -50.19 23.56
C LEU B 574 15.03 -51.51 22.95
N GLN B 575 14.53 -51.52 21.72
CA GLN B 575 14.12 -52.77 21.09
C GLN B 575 15.33 -53.53 20.56
N LYS B 576 16.40 -52.82 20.19
CA LYS B 576 17.60 -53.50 19.73
C LYS B 576 18.33 -54.20 20.86
N GLN B 577 18.21 -53.68 22.08
CA GLN B 577 18.81 -54.29 23.25
C GLN B 577 17.96 -55.39 23.85
N GLY B 578 16.81 -55.71 23.23
CA GLY B 578 15.95 -56.75 23.75
C GLY B 578 15.18 -56.39 25.00
N LEU B 579 15.14 -55.10 25.34
CA LEU B 579 14.45 -54.65 26.55
C LEU B 579 12.96 -54.46 26.35
N LEU B 580 12.49 -54.41 25.10
CA LEU B 580 11.06 -54.25 24.80
C LEU B 580 10.72 -55.31 23.76
N GLN B 581 10.27 -56.47 24.23
CA GLN B 581 9.80 -57.51 23.32
C GLN B 581 8.37 -57.17 22.92
N VAL B 582 8.17 -56.88 21.64
CA VAL B 582 6.88 -56.41 21.17
C VAL B 582 5.94 -57.58 20.97
N THR B 583 4.73 -57.47 21.52
CA THR B 583 3.66 -58.44 21.34
C THR B 583 2.69 -57.89 20.29
N PRO B 584 1.64 -58.65 19.92
CA PRO B 584 0.48 -58.01 19.26
C PRO B 584 -0.13 -56.84 20.02
N LYS B 585 -0.04 -56.82 21.34
CA LYS B 585 -0.52 -55.67 22.12
C LYS B 585 0.41 -55.47 23.31
N GLY B 586 0.83 -54.24 23.54
CA GLY B 586 1.56 -53.90 24.75
C GLY B 586 3.04 -54.23 24.73
N PHE B 587 3.84 -53.35 25.33
CA PHE B 587 5.27 -53.63 25.52
C PHE B 587 5.47 -54.39 26.84
N ILE B 588 6.36 -55.39 26.80
CA ILE B 588 6.55 -56.33 27.91
C ILE B 588 7.43 -55.77 29.02
N CYS B 589 8.44 -54.95 28.68
CA CYS B 589 9.24 -54.14 29.61
C CYS B 589 10.00 -55.00 30.63
N THR B 590 10.98 -55.75 30.14
CA THR B 590 11.67 -56.72 31.00
C THR B 590 12.85 -56.06 31.75
N VAL B 591 12.58 -54.86 32.28
CA VAL B 591 13.39 -54.05 33.17
C VAL B 591 12.38 -53.24 33.96
N ASP B 592 12.56 -53.14 35.28
CA ASP B 592 11.69 -52.25 36.04
C ASP B 592 11.99 -50.78 35.75
N THR B 593 13.26 -50.38 35.76
CA THR B 593 13.60 -48.96 35.61
C THR B 593 15.03 -48.83 35.11
N ILE B 594 15.21 -48.11 34.00
CA ILE B 594 16.53 -47.72 33.52
C ILE B 594 16.83 -46.32 34.02
N LYS B 595 18.10 -45.93 33.95
CA LYS B 595 18.60 -44.80 34.73
C LYS B 595 18.59 -43.46 33.98
N ASP B 596 17.62 -43.25 33.09
CA ASP B 596 17.34 -41.96 32.43
C ASP B 596 18.55 -41.48 31.62
N SER B 597 18.83 -42.24 30.56
CA SER B 597 19.86 -41.88 29.59
C SER B 597 19.19 -41.20 28.41
N ASP B 598 19.23 -39.87 28.37
CA ASP B 598 18.74 -39.13 27.23
C ASP B 598 19.90 -38.89 26.27
N GLU B 599 19.60 -38.93 24.97
CA GLU B 599 20.60 -38.79 23.94
C GLU B 599 20.32 -37.53 23.12
N GLU B 600 21.37 -36.75 22.87
CA GLU B 600 21.28 -35.50 22.15
C GLU B 600 21.81 -35.67 20.74
N LEU B 601 21.00 -35.27 19.76
CA LEU B 601 21.44 -35.41 18.38
C LEU B 601 22.38 -34.28 18.00
N ASP B 602 23.17 -34.53 16.97
CA ASP B 602 24.05 -33.50 16.45
C ASP B 602 23.27 -32.60 15.51
N ASN B 603 23.91 -31.50 15.11
CA ASN B 603 23.46 -30.82 13.91
C ASN B 603 23.84 -31.68 12.71
N ASN B 604 23.21 -31.36 11.57
CA ASN B 604 23.09 -32.16 10.33
C ASN B 604 22.27 -33.42 10.53
N GLN B 605 21.67 -33.60 11.70
CA GLN B 605 20.90 -34.79 12.04
C GLN B 605 19.64 -34.48 12.83
N ILE B 606 19.38 -33.22 13.15
CA ILE B 606 18.25 -32.92 14.03
C ILE B 606 16.94 -32.89 13.26
N GLU B 607 16.99 -32.68 11.94
CA GLU B 607 15.75 -32.49 11.19
C GLU B 607 15.00 -33.78 10.97
N VAL B 608 15.61 -34.93 11.28
CA VAL B 608 14.88 -36.19 11.27
C VAL B 608 13.89 -36.29 12.42
N LEU B 609 13.92 -35.37 13.37
CA LEU B 609 12.83 -35.26 14.32
C LEU B 609 11.57 -34.65 13.71
N ASP B 610 11.66 -34.04 12.54
CA ASP B 610 10.51 -33.43 11.89
C ASP B 610 9.87 -34.31 10.85
N GLN B 611 10.28 -35.51 10.75
CA GLN B 611 9.75 -36.41 9.74
C GLN B 611 8.47 -37.07 10.24
N PRO B 612 7.56 -37.44 9.33
CA PRO B 612 6.32 -38.10 9.76
C PRO B 612 6.58 -39.50 10.31
N ILE B 613 5.80 -39.88 11.31
CA ILE B 613 5.99 -41.13 12.01
C ILE B 613 5.37 -42.26 11.22
N ASN B 614 6.15 -43.30 10.93
CA ASN B 614 5.65 -44.49 10.26
C ASN B 614 6.07 -45.70 11.09
N THR B 615 5.25 -46.05 12.06
CA THR B 615 5.53 -47.19 12.95
C THR B 615 4.92 -48.48 12.42
N THR B 616 5.24 -48.81 11.18
CA THR B 616 4.76 -50.06 10.59
C THR B 616 5.59 -51.26 11.01
N ASP B 617 6.78 -51.07 11.56
CA ASP B 617 7.59 -52.20 12.01
C ASP B 617 7.06 -52.83 13.30
N LEU B 618 6.23 -52.11 14.04
CA LEU B 618 5.63 -52.71 15.23
C LEU B 618 4.19 -53.13 14.94
N PRO B 619 3.78 -54.34 15.34
CA PRO B 619 2.37 -54.72 15.19
C PRO B 619 1.46 -54.00 16.17
N PHE B 620 2.00 -53.54 17.30
CA PHE B 620 1.20 -52.84 18.29
C PHE B 620 1.01 -51.39 17.87
N HIS B 621 -0.24 -50.93 17.94
CA HIS B 621 -0.57 -49.55 17.57
C HIS B 621 -0.20 -48.63 18.72
N ILE B 622 0.77 -47.75 18.50
CA ILE B 622 1.19 -46.83 19.55
C ILE B 622 0.16 -45.73 19.71
N ASP B 623 -0.27 -45.49 20.94
CA ASP B 623 -1.40 -44.64 21.23
C ASP B 623 -1.06 -43.16 21.28
N TRP B 624 0.10 -42.80 21.83
CA TRP B 624 0.60 -41.45 22.07
C TRP B 624 -0.25 -40.64 23.04
N ASN B 625 -1.22 -41.25 23.71
CA ASN B 625 -2.06 -40.49 24.62
C ASN B 625 -2.33 -41.16 25.96
N ASP B 626 -2.04 -42.44 26.13
CA ASP B 626 -2.39 -43.07 27.40
C ASP B 626 -1.23 -43.04 28.39
N ASP B 627 -0.14 -43.73 28.06
CA ASP B 627 1.03 -43.90 28.92
C ASP B 627 2.14 -44.56 28.11
N LEU B 628 3.35 -44.03 28.18
CA LEU B 628 4.41 -44.77 27.49
C LEU B 628 5.36 -45.38 28.51
N PRO B 629 5.86 -46.59 28.25
CA PRO B 629 6.61 -47.30 29.28
C PRO B 629 7.99 -46.72 29.54
N LEU B 630 8.54 -47.11 30.71
CA LEU B 630 9.88 -46.73 31.16
C LEU B 630 10.02 -45.22 31.28
N ASN B 631 8.94 -44.56 31.72
CA ASN B 631 8.91 -43.14 32.10
C ASN B 631 9.28 -42.22 30.94
N ILE B 632 8.55 -42.35 29.84
CA ILE B 632 8.69 -41.45 28.71
C ILE B 632 7.45 -40.58 28.64
N GLU B 633 7.63 -39.26 28.80
CA GLU B 633 6.51 -38.40 29.15
C GLU B 633 5.60 -38.12 27.94
N VAL B 634 6.17 -37.60 26.84
CA VAL B 634 5.55 -37.30 25.54
C VAL B 634 4.17 -36.64 25.66
N PRO B 635 4.13 -35.32 25.85
CA PRO B 635 2.91 -34.61 26.31
C PRO B 635 1.67 -34.81 25.45
N LYS B 636 0.55 -35.02 26.12
CA LYS B 636 -0.67 -35.48 25.48
C LYS B 636 -1.53 -34.31 25.04
N ILE B 637 -2.29 -34.53 23.98
CA ILE B 637 -3.23 -33.54 23.46
C ILE B 637 -4.61 -34.18 23.46
N SER B 638 -5.63 -33.33 23.60
CA SER B 638 -7.01 -33.77 23.52
C SER B 638 -7.64 -33.44 22.18
N LEU B 639 -6.98 -32.63 21.37
CA LEU B 639 -7.49 -32.26 20.06
C LEU B 639 -7.39 -33.42 19.10
N HIS B 640 -8.42 -33.63 18.29
CA HIS B 640 -8.34 -34.54 17.17
C HIS B 640 -8.89 -33.97 15.87
N SER B 641 -9.49 -32.79 15.89
CA SER B 641 -10.04 -32.20 14.68
C SER B 641 -9.98 -30.69 14.79
N LEU B 642 -9.54 -30.04 13.72
CA LEU B 642 -9.41 -28.59 13.69
C LEU B 642 -10.14 -28.05 12.47
N ILE B 643 -11.01 -27.07 12.67
CA ILE B 643 -11.80 -26.48 11.61
C ILE B 643 -11.37 -25.03 11.44
N LEU B 644 -10.98 -24.67 10.23
CA LEU B 644 -10.61 -23.30 9.90
C LEU B 644 -11.73 -22.64 9.13
N ASP B 645 -12.28 -21.56 9.67
CA ASP B 645 -13.38 -20.84 9.04
C ASP B 645 -12.79 -19.79 8.11
N PHE B 646 -12.58 -20.17 6.86
CA PHE B 646 -11.98 -19.27 5.87
C PHE B 646 -13.04 -18.54 5.06
N SER B 647 -14.05 -17.99 5.72
CA SER B 647 -15.13 -17.36 4.97
C SER B 647 -14.86 -15.90 4.68
N ALA B 648 -14.10 -15.23 5.53
CA ALA B 648 -13.71 -13.84 5.30
C ALA B 648 -12.31 -13.72 4.72
N VAL B 649 -11.65 -14.83 4.46
CA VAL B 649 -10.33 -14.80 3.84
C VAL B 649 -10.53 -14.60 2.34
N SER B 650 -10.21 -13.40 1.86
CA SER B 650 -10.48 -13.06 0.48
C SER B 650 -9.42 -13.60 -0.47
N PHE B 651 -8.15 -13.56 -0.06
CA PHE B 651 -7.08 -14.05 -0.92
C PHE B 651 -5.93 -14.54 -0.05
N LEU B 652 -5.06 -15.33 -0.68
CA LEU B 652 -3.74 -15.68 -0.18
C LEU B 652 -2.73 -15.27 -1.25
N ASP B 653 -1.45 -15.13 -0.89
CA ASP B 653 -0.56 -14.80 -1.99
C ASP B 653 0.51 -15.83 -2.34
N VAL B 654 1.60 -15.92 -1.59
CA VAL B 654 2.58 -16.98 -1.76
C VAL B 654 3.00 -17.40 -0.37
N SER B 655 3.36 -16.39 0.44
CA SER B 655 3.80 -16.60 1.81
C SER B 655 2.70 -17.24 2.64
N SER B 656 1.44 -16.89 2.36
CA SER B 656 0.32 -17.51 3.04
C SER B 656 0.17 -18.95 2.67
N VAL B 657 0.37 -19.29 1.39
CA VAL B 657 0.20 -20.67 0.97
C VAL B 657 1.31 -21.54 1.52
N ARG B 658 2.53 -21.00 1.60
CA ARG B 658 3.65 -21.73 2.21
C ARG B 658 3.43 -21.92 3.70
N GLY B 659 3.05 -20.86 4.41
CA GLY B 659 2.83 -20.96 5.84
C GLY B 659 1.65 -21.82 6.20
N LEU B 660 0.59 -21.76 5.40
CA LEU B 660 -0.59 -22.58 5.63
C LEU B 660 -0.32 -24.03 5.32
N LYS B 661 0.47 -24.30 4.28
CA LYS B 661 0.87 -25.67 3.97
C LYS B 661 1.74 -26.24 5.08
N SER B 662 2.61 -25.42 5.66
CA SER B 662 3.42 -25.86 6.80
C SER B 662 2.56 -26.16 8.01
N ILE B 663 1.59 -25.29 8.31
CA ILE B 663 0.71 -25.48 9.46
C ILE B 663 -0.11 -26.75 9.32
N LEU B 664 -0.71 -26.94 8.14
CA LEU B 664 -1.54 -28.12 7.93
C LEU B 664 -0.73 -29.40 7.88
N GLN B 665 0.51 -29.35 7.39
CA GLN B 665 1.35 -30.54 7.40
C GLN B 665 1.79 -30.90 8.81
N GLU B 666 2.07 -29.90 9.64
CA GLU B 666 2.41 -30.18 11.03
C GLU B 666 1.21 -30.71 11.81
N PHE B 667 0.00 -30.25 11.48
CA PHE B 667 -1.17 -30.75 12.18
C PHE B 667 -1.56 -32.15 11.72
N ILE B 668 -1.36 -32.48 10.45
CA ILE B 668 -1.74 -33.80 9.94
C ILE B 668 -0.82 -34.87 10.50
N ARG B 669 0.45 -34.55 10.67
CA ARG B 669 1.45 -35.54 11.09
C ARG B 669 1.31 -35.94 12.55
N ILE B 670 0.58 -35.21 13.37
CA ILE B 670 0.29 -35.63 14.73
C ILE B 670 -1.13 -36.19 14.83
N LYS B 671 -1.70 -36.64 13.71
CA LYS B 671 -3.00 -37.32 13.63
C LYS B 671 -4.15 -36.41 14.07
N VAL B 672 -4.13 -35.18 13.59
CA VAL B 672 -5.20 -34.22 13.81
C VAL B 672 -5.75 -33.85 12.45
N ASP B 673 -7.03 -34.14 12.22
CA ASP B 673 -7.65 -33.83 10.95
C ASP B 673 -7.96 -32.36 10.83
N VAL B 674 -7.65 -31.76 9.69
CA VAL B 674 -7.90 -30.36 9.46
C VAL B 674 -9.01 -30.22 8.43
N TYR B 675 -9.81 -29.17 8.59
CA TYR B 675 -10.91 -28.89 7.68
C TYR B 675 -10.94 -27.40 7.40
N ILE B 676 -10.85 -27.02 6.14
CA ILE B 676 -11.03 -25.64 5.74
C ILE B 676 -12.45 -25.48 5.24
N VAL B 677 -13.12 -24.42 5.66
CA VAL B 677 -14.57 -24.31 5.63
C VAL B 677 -14.96 -22.89 5.26
N GLY B 678 -15.88 -22.75 4.32
CA GLY B 678 -16.52 -21.47 4.07
C GLY B 678 -16.07 -20.76 2.81
N THR B 679 -15.28 -21.40 1.98
CA THR B 679 -14.73 -20.76 0.79
C THR B 679 -15.65 -20.98 -0.41
N ASP B 680 -15.44 -20.19 -1.45
CA ASP B 680 -16.12 -20.38 -2.71
C ASP B 680 -15.22 -21.17 -3.66
N ASP B 681 -15.74 -21.46 -4.86
CA ASP B 681 -15.02 -22.30 -5.80
C ASP B 681 -13.82 -21.61 -6.41
N ASP B 682 -13.84 -20.29 -6.50
CA ASP B 682 -12.70 -19.54 -7.00
C ASP B 682 -11.49 -19.66 -6.09
N PHE B 683 -11.72 -19.78 -4.78
CA PHE B 683 -10.64 -19.94 -3.80
C PHE B 683 -9.90 -21.26 -4.01
N ILE B 684 -10.65 -22.34 -4.18
CA ILE B 684 -10.02 -23.65 -4.39
C ILE B 684 -9.40 -23.72 -5.78
N GLU B 685 -10.00 -23.03 -6.76
CA GLU B 685 -9.46 -23.00 -8.10
C GLU B 685 -8.13 -22.25 -8.14
N LYS B 686 -7.98 -21.23 -7.29
CA LYS B 686 -6.68 -20.56 -7.18
C LYS B 686 -5.69 -21.39 -6.37
N LEU B 687 -6.15 -22.12 -5.36
CA LEU B 687 -5.25 -22.99 -4.61
C LEU B 687 -4.75 -24.18 -5.43
N ASN B 688 -5.46 -24.55 -6.49
CA ASN B 688 -4.95 -25.61 -7.35
C ASN B 688 -3.71 -25.19 -8.13
N ARG B 689 -3.52 -23.89 -8.37
CA ARG B 689 -2.33 -23.41 -9.05
C ARG B 689 -1.10 -23.33 -8.16
N TYR B 690 -1.26 -23.38 -6.85
CA TYR B 690 -0.21 -23.05 -5.92
C TYR B 690 0.64 -24.23 -5.52
N GLU B 691 0.47 -25.38 -6.19
CA GLU B 691 1.12 -26.66 -5.83
C GLU B 691 0.81 -27.02 -4.38
N PHE B 692 -0.44 -26.81 -3.98
CA PHE B 692 -0.85 -26.92 -2.59
C PHE B 692 -1.22 -28.34 -2.21
N PHE B 693 -1.96 -29.04 -3.06
CA PHE B 693 -2.44 -30.36 -2.74
C PHE B 693 -1.43 -31.41 -3.17
N ASP B 694 -1.26 -32.43 -2.32
CA ASP B 694 -0.32 -33.50 -2.57
C ASP B 694 -0.88 -34.76 -1.93
N GLY B 695 -0.02 -35.75 -1.68
CA GLY B 695 -0.47 -36.98 -1.05
C GLY B 695 -0.81 -36.84 0.41
N GLU B 696 -0.39 -35.77 1.07
CA GLU B 696 -0.67 -35.54 2.47
C GLU B 696 -1.83 -34.57 2.68
N VAL B 697 -1.75 -33.38 2.10
CA VAL B 697 -2.83 -32.41 2.15
C VAL B 697 -3.71 -32.65 0.93
N LYS B 698 -4.85 -33.30 1.13
CA LYS B 698 -5.72 -33.60 0.01
C LYS B 698 -6.78 -32.53 -0.14
N SER B 699 -7.53 -32.60 -1.23
CA SER B 699 -8.61 -31.66 -1.49
C SER B 699 -9.90 -32.06 -0.77
N SER B 700 -9.91 -33.19 -0.08
CA SER B 700 -11.06 -33.64 0.67
C SER B 700 -11.17 -32.99 2.03
N ILE B 701 -10.30 -32.03 2.35
CA ILE B 701 -10.42 -31.29 3.60
C ILE B 701 -11.33 -30.08 3.49
N PHE B 702 -11.82 -29.76 2.31
CA PHE B 702 -12.68 -28.60 2.13
C PHE B 702 -14.13 -29.00 2.32
N PHE B 703 -14.86 -28.25 3.12
CA PHE B 703 -16.27 -28.51 3.36
C PHE B 703 -17.07 -27.24 3.09
N LEU B 704 -18.39 -27.39 3.07
CA LEU B 704 -19.25 -26.26 2.71
C LEU B 704 -19.42 -25.29 3.86
N THR B 705 -19.95 -25.77 4.98
CA THR B 705 -20.21 -24.95 6.15
C THR B 705 -19.57 -25.58 7.37
N ILE B 706 -19.60 -24.86 8.48
CA ILE B 706 -19.02 -25.36 9.73
C ILE B 706 -19.80 -26.56 10.23
N HIS B 707 -21.13 -26.51 10.09
CA HIS B 707 -21.96 -27.61 10.57
C HIS B 707 -21.77 -28.87 9.74
N ASP B 708 -21.41 -28.71 8.46
CA ASP B 708 -21.04 -29.85 7.62
C ASP B 708 -19.84 -30.58 8.18
N ALA B 709 -18.79 -29.84 8.51
CA ALA B 709 -17.57 -30.43 9.04
C ALA B 709 -17.81 -31.04 10.41
N VAL B 710 -18.62 -30.37 11.25
CA VAL B 710 -18.88 -30.88 12.59
C VAL B 710 -19.69 -32.17 12.53
N LEU B 711 -20.68 -32.24 11.64
CA LEU B 711 -21.45 -33.47 11.49
C LEU B 711 -20.61 -34.58 10.87
N HIS B 712 -19.68 -34.24 9.98
CA HIS B 712 -18.78 -35.25 9.43
C HIS B 712 -17.84 -35.80 10.49
N ILE B 713 -17.36 -34.94 11.39
CA ILE B 713 -16.50 -35.38 12.49
C ILE B 713 -17.27 -36.31 13.42
N LEU B 714 -18.48 -35.92 13.80
CA LEU B 714 -19.27 -36.72 14.72
C LEU B 714 -19.73 -38.03 14.10
N MET B 715 -19.89 -38.07 12.78
CA MET B 715 -20.21 -39.33 12.13
C MET B 715 -19.00 -40.22 12.02
N LYS B 716 -17.82 -39.65 11.75
CA LYS B 716 -16.64 -40.49 11.54
C LYS B 716 -16.03 -40.97 12.84
N LYS B 717 -16.32 -40.31 13.97
CA LYS B 717 -15.84 -40.84 15.25
C LYS B 717 -16.62 -42.10 15.64
N ASP B 718 -17.92 -41.97 15.83
CA ASP B 718 -18.77 -43.13 16.05
C ASP B 718 -20.20 -42.84 15.58
#